data_6C7G
#
_entry.id   6C7G
#
_cell.length_a   56.141
_cell.length_b   73.992
_cell.length_c   91.743
_cell.angle_alpha   109.480
_cell.angle_beta   91.490
_cell.angle_gamma   91.040
#
_symmetry.space_group_name_H-M   'P 1'
#
loop_
_entity.id
_entity.type
_entity.pdbx_description
1 polymer "cGMP-dependent 3',5'-cyclic phosphodiesterase"
2 non-polymer 1-[2-chloro-5-(2-methylpropoxy)phenyl]-4-methyl-N-[(3s,5s,7s)-tricyclo[3.3.1.1~3,7~]decan-1-yl][1,2,4]triazolo[4,3-a]quinoxaline-8-carboxamide
3 non-polymer 'ZINC ION'
4 non-polymer 'MAGNESIUM ION'
5 water water
#
_entity_poly.entity_id   1
_entity_poly.type   'polypeptide(L)'
_entity_poly.pdbx_seq_one_letter_code
;SAMDDEYTKLLHDGIQPVAAIDSNFASFTYTPRSLPEDDTSMAILSMLQDMNFINNYKIDCPTLARFCLMVKKGYRDPPY
HNWMHAFSVSHFCYLLYKNLELTNYLEDIEIFALFISCMCHDLDHRGTNNSFQVASKSVLAALYSSEGSVMERHHFAQAI
AILNTHGCNIFDHFSRKDYQRMLDLMRDIILATDLAHHLRIFKDLQKMAEVGYDRNNKQHHRLLLCLLMTSCDLSDQTKG
WKTTRKIAELIYKEFFSQGDLEKAMGNRPMEMMDREKAYIPELQISFMEHIAMPIYKLLQDLFPKAAELYERVASNREHW
TKVSHKFTIRGLPSNNSLDFLD
;
_entity_poly.pdbx_strand_id   A,B,C,D
#
# COMPACT_ATOMS: atom_id res chain seq x y z
N SER A 1 -17.89 9.91 -10.67
CA SER A 1 -18.63 10.47 -11.79
C SER A 1 -19.13 11.87 -11.49
N ALA A 2 -18.96 12.30 -10.26
CA ALA A 2 -19.39 13.65 -9.85
C ALA A 2 -18.54 14.70 -10.55
N MET A 3 -17.22 14.53 -10.48
CA MET A 3 -16.31 15.44 -11.18
C MET A 3 -16.57 15.39 -12.68
N ASP A 4 -16.88 14.19 -13.18
CA ASP A 4 -17.23 13.96 -14.58
C ASP A 4 -18.38 14.86 -15.01
N ASP A 5 -19.46 14.83 -14.26
CA ASP A 5 -20.64 15.58 -14.65
C ASP A 5 -20.38 17.07 -14.46
N GLU A 6 -19.64 17.40 -13.40
CA GLU A 6 -19.28 18.79 -13.17
C GLU A 6 -18.48 19.34 -14.36
N TYR A 7 -17.52 18.53 -14.83
CA TYR A 7 -16.68 18.90 -15.97
C TYR A 7 -17.52 19.07 -17.24
N THR A 8 -18.43 18.13 -17.46
CA THR A 8 -19.30 18.16 -18.65
C THR A 8 -20.08 19.48 -18.73
N LYS A 9 -20.59 19.94 -17.60
CA LYS A 9 -21.37 21.17 -17.58
C LYS A 9 -20.48 22.40 -17.76
N LEU A 10 -19.33 22.40 -17.10
CA LEU A 10 -18.37 23.48 -17.20
C LEU A 10 -17.95 23.69 -18.64
N LEU A 11 -17.72 22.59 -19.35
CA LEU A 11 -17.26 22.66 -20.73
C LEU A 11 -18.36 23.00 -21.74
N HIS A 12 -19.51 22.33 -21.65
CA HIS A 12 -20.50 22.42 -22.72
C HIS A 12 -21.58 23.49 -22.47
N ASP A 13 -21.73 23.95 -21.24
CA ASP A 13 -22.76 24.97 -20.95
C ASP A 13 -22.29 26.38 -21.29
N GLY A 14 -20.97 26.58 -21.40
CA GLY A 14 -20.43 27.89 -21.71
C GLY A 14 -20.08 28.71 -20.47
N ILE A 15 -19.21 29.70 -20.67
CA ILE A 15 -18.71 30.51 -19.56
C ILE A 15 -19.66 31.68 -19.28
N GLN A 16 -20.22 31.71 -18.07
CA GLN A 16 -21.17 32.76 -17.68
C GLN A 16 -20.48 34.13 -17.63
N PRO A 17 -21.18 35.19 -18.10
CA PRO A 17 -20.63 36.55 -17.97
C PRO A 17 -20.32 36.90 -16.53
N VAL A 18 -19.20 37.58 -16.31
CA VAL A 18 -18.80 37.95 -14.95
C VAL A 18 -19.85 38.83 -14.25
N ALA A 19 -20.56 39.66 -15.01
CA ALA A 19 -21.61 40.52 -14.44
C ALA A 19 -22.78 39.71 -13.88
N ALA A 20 -23.00 38.51 -14.41
CA ALA A 20 -24.14 37.70 -13.99
C ALA A 20 -23.90 37.03 -12.65
N ILE A 21 -22.65 37.06 -12.20
CA ILE A 21 -22.32 36.44 -10.91
C ILE A 21 -22.90 37.30 -9.81
N ASP A 22 -22.59 38.59 -9.90
CA ASP A 22 -23.05 39.58 -8.94
C ASP A 22 -22.75 40.96 -9.55
N SER A 23 -23.62 41.94 -9.32
CA SER A 23 -23.49 43.23 -9.98
C SER A 23 -22.28 44.02 -9.47
N ASN A 24 -21.80 43.72 -8.26
CA ASN A 24 -20.63 44.40 -7.72
C ASN A 24 -19.41 43.47 -7.67
N PHE A 25 -19.39 42.47 -8.56
CA PHE A 25 -18.35 41.44 -8.54
C PHE A 25 -16.93 41.98 -8.72
N ALA A 26 -16.78 43.06 -9.47
CA ALA A 26 -15.46 43.65 -9.71
C ALA A 26 -15.16 44.83 -8.78
N SER A 27 -15.94 44.97 -7.72
CA SER A 27 -15.71 46.03 -6.73
C SER A 27 -14.95 45.52 -5.50
N PHE A 28 -14.12 46.39 -4.92
CA PHE A 28 -13.41 46.06 -3.69
C PHE A 28 -14.37 45.82 -2.53
N THR A 29 -15.63 46.23 -2.67
CA THR A 29 -16.59 46.00 -1.59
C THR A 29 -17.20 44.59 -1.67
N TYR A 30 -16.98 43.88 -2.76
CA TYR A 30 -17.58 42.55 -2.92
C TYR A 30 -16.87 41.52 -2.05
N THR A 31 -17.66 40.70 -1.35
CA THR A 31 -17.13 39.57 -0.57
C THR A 31 -17.28 38.24 -1.29
N PRO A 32 -16.19 37.74 -1.90
CA PRO A 32 -16.32 36.51 -2.70
C PRO A 32 -16.72 35.29 -1.88
N ARG A 33 -16.53 35.33 -0.57
CA ARG A 33 -16.93 34.19 0.25
C ARG A 33 -18.45 34.05 0.27
N SER A 34 -19.17 35.06 -0.23
CA SER A 34 -20.63 35.01 -0.32
C SER A 34 -21.12 34.15 -1.48
N LEU A 35 -20.21 33.82 -2.39
CA LEU A 35 -20.56 33.00 -3.54
C LEU A 35 -20.65 31.55 -3.15
N PRO A 36 -21.75 30.87 -3.51
CA PRO A 36 -21.83 29.45 -3.16
C PRO A 36 -20.65 28.66 -3.73
N GLU A 37 -20.10 27.73 -2.97
CA GLU A 37 -18.93 27.00 -3.41
C GLU A 37 -19.18 26.24 -4.71
N ASP A 38 -20.42 25.78 -4.89
CA ASP A 38 -20.77 25.12 -6.15
C ASP A 38 -20.69 26.01 -7.37
N ASP A 39 -20.67 27.33 -7.18
CA ASP A 39 -20.56 28.28 -8.30
C ASP A 39 -19.11 28.78 -8.55
N THR A 40 -18.16 28.34 -7.73
CA THR A 40 -16.81 28.95 -7.79
C THR A 40 -15.96 28.56 -9.01
N SER A 41 -16.03 27.31 -9.45
CA SER A 41 -15.24 26.92 -10.63
C SER A 41 -15.72 27.68 -11.85
N MET A 42 -17.03 27.86 -12.00
CA MET A 42 -17.51 28.65 -13.13
C MET A 42 -17.04 30.11 -13.00
N ALA A 43 -17.01 30.64 -11.78
CA ALA A 43 -16.56 32.01 -11.57
C ALA A 43 -15.07 32.19 -11.88
N ILE A 44 -14.24 31.18 -11.58
CA ILE A 44 -12.85 31.20 -12.01
C ILE A 44 -12.77 31.36 -13.54
N LEU A 45 -13.50 30.52 -14.27
CA LEU A 45 -13.53 30.62 -15.73
C LEU A 45 -14.00 32.00 -16.20
N SER A 46 -15.02 32.53 -15.54
CA SER A 46 -15.56 33.84 -15.89
C SER A 46 -14.49 34.92 -15.75
N MET A 47 -13.69 34.83 -14.70
CA MET A 47 -12.68 35.84 -14.42
C MET A 47 -11.56 35.74 -15.46
N LEU A 48 -11.16 34.51 -15.75
CA LEU A 48 -10.12 34.23 -16.75
C LEU A 48 -10.53 34.77 -18.11
N GLN A 49 -11.80 34.53 -18.47
CA GLN A 49 -12.34 35.10 -19.70
C GLN A 49 -12.32 36.62 -19.69
N ASP A 50 -12.73 37.22 -18.59
CA ASP A 50 -12.87 38.68 -18.53
C ASP A 50 -11.51 39.37 -18.57
N MET A 51 -10.48 38.69 -18.08
CA MET A 51 -9.12 39.21 -18.12
C MET A 51 -8.45 38.90 -19.47
N ASN A 52 -9.22 38.23 -20.34
CA ASN A 52 -8.83 37.86 -21.70
C ASN A 52 -7.65 36.86 -21.80
N PHE A 53 -7.40 36.12 -20.73
CA PHE A 53 -6.31 35.13 -20.71
C PHE A 53 -6.60 33.94 -21.59
N ILE A 54 -7.87 33.54 -21.65
CA ILE A 54 -8.27 32.39 -22.43
C ILE A 54 -8.03 32.65 -23.91
N ASN A 55 -8.46 33.82 -24.37
CA ASN A 55 -8.18 34.21 -25.74
C ASN A 55 -6.70 34.52 -26.00
N ASN A 56 -6.08 35.31 -25.13
CA ASN A 56 -4.70 35.74 -25.41
C ASN A 56 -3.73 34.56 -25.48
N TYR A 57 -3.91 33.57 -24.62
CA TYR A 57 -2.98 32.44 -24.58
C TYR A 57 -3.56 31.21 -25.25
N LYS A 58 -4.69 31.40 -25.91
CA LYS A 58 -5.37 30.32 -26.64
C LYS A 58 -5.46 29.06 -25.82
N ILE A 59 -5.91 29.21 -24.57
CA ILE A 59 -6.05 28.09 -23.68
C ILE A 59 -7.17 27.18 -24.20
N ASP A 60 -6.85 25.90 -24.31
CA ASP A 60 -7.82 24.87 -24.62
C ASP A 60 -8.92 24.78 -23.57
N CYS A 61 -10.19 24.92 -23.98
CA CYS A 61 -11.27 24.91 -22.98
C CYS A 61 -11.43 23.58 -22.20
N PRO A 62 -11.39 22.42 -22.89
CA PRO A 62 -11.43 21.18 -22.10
C PRO A 62 -10.32 21.08 -21.06
N THR A 63 -9.12 21.47 -21.45
CA THR A 63 -7.95 21.39 -20.56
C THR A 63 -8.14 22.33 -19.37
N LEU A 64 -8.63 23.54 -19.66
CA LEU A 64 -8.84 24.54 -18.60
C LEU A 64 -9.93 24.09 -17.63
N ALA A 65 -11.02 23.54 -18.16
CA ALA A 65 -12.08 23.01 -17.31
C ALA A 65 -11.53 21.92 -16.39
N ARG A 66 -10.74 21.00 -16.95
CA ARG A 66 -10.14 19.94 -16.14
C ARG A 66 -9.17 20.51 -15.10
N PHE A 67 -8.33 21.44 -15.54
CA PHE A 67 -7.38 22.10 -14.63
C PHE A 67 -8.07 22.77 -13.44
N CYS A 68 -9.10 23.57 -13.73
CA CYS A 68 -9.78 24.27 -12.63
C CYS A 68 -10.40 23.27 -11.64
N LEU A 69 -10.96 22.18 -12.15
CA LEU A 69 -11.58 21.23 -11.25
C LEU A 69 -10.54 20.48 -10.42
N MET A 70 -9.39 20.19 -11.04
CA MET A 70 -8.33 19.45 -10.35
C MET A 70 -7.73 20.31 -9.24
N VAL A 71 -7.61 21.61 -9.50
CA VAL A 71 -7.08 22.52 -8.49
C VAL A 71 -8.04 22.60 -7.30
N LYS A 72 -9.32 22.75 -7.57
CA LYS A 72 -10.33 22.76 -6.51
C LYS A 72 -10.28 21.47 -5.70
N LYS A 73 -10.12 20.34 -6.40
CA LYS A 73 -10.03 19.02 -5.78
C LYS A 73 -8.75 18.81 -4.98
N GLY A 74 -7.77 19.69 -5.21
CA GLY A 74 -6.46 19.53 -4.60
C GLY A 74 -6.39 20.26 -3.27
N TYR A 75 -7.51 20.84 -2.86
CA TYR A 75 -7.62 21.44 -1.52
C TYR A 75 -8.38 20.52 -0.54
N ARG A 76 -7.83 20.40 0.66
CA ARG A 76 -8.53 19.68 1.74
C ARG A 76 -9.49 20.62 2.45
N ASP A 77 -10.05 20.19 3.58
CA ASP A 77 -11.07 21.02 4.23
C ASP A 77 -10.71 21.46 5.65
N PRO A 78 -9.50 22.04 5.85
CA PRO A 78 -9.32 22.58 7.20
C PRO A 78 -10.20 23.83 7.35
N PRO A 79 -10.31 24.38 8.56
CA PRO A 79 -11.20 25.52 8.77
C PRO A 79 -10.85 26.70 7.85
N TYR A 80 -9.58 27.01 7.66
CA TYR A 80 -9.24 28.18 6.87
C TYR A 80 -8.59 27.87 5.53
N HIS A 81 -7.56 27.02 5.54
CA HIS A 81 -6.81 26.74 4.30
C HIS A 81 -7.50 25.71 3.37
N ASN A 82 -8.64 26.11 2.85
CA ASN A 82 -9.44 25.28 1.96
C ASN A 82 -9.62 25.98 0.61
N TRP A 83 -10.41 25.37 -0.26
CA TRP A 83 -10.65 25.97 -1.59
C TRP A 83 -11.27 27.36 -1.52
N MET A 84 -12.18 27.61 -0.55
CA MET A 84 -12.86 28.90 -0.52
C MET A 84 -11.83 30.01 -0.24
N HIS A 85 -10.74 29.66 0.45
CA HIS A 85 -9.62 30.59 0.67
C HIS A 85 -8.95 30.83 -0.66
N ALA A 86 -8.60 29.75 -1.36
CA ALA A 86 -7.92 29.93 -2.65
C ALA A 86 -8.80 30.68 -3.62
N PHE A 87 -10.10 30.40 -3.63
CA PHE A 87 -11.00 31.15 -4.50
C PHE A 87 -11.03 32.65 -4.18
N SER A 88 -11.13 33.01 -2.90
CA SER A 88 -11.21 34.43 -2.53
C SER A 88 -9.89 35.16 -2.81
N VAL A 89 -8.77 34.48 -2.68
CA VAL A 89 -7.48 35.06 -2.98
C VAL A 89 -7.42 35.34 -4.47
N SER A 90 -7.92 34.39 -5.23
CA SER A 90 -7.88 34.52 -6.68
C SER A 90 -8.80 35.66 -7.11
N HIS A 91 -9.93 35.77 -6.44
CA HIS A 91 -10.85 36.85 -6.73
C HIS A 91 -10.21 38.22 -6.46
N PHE A 92 -9.46 38.35 -5.38
CA PHE A 92 -8.81 39.61 -5.10
C PHE A 92 -7.79 39.94 -6.19
N CYS A 93 -7.11 38.92 -6.71
CA CYS A 93 -6.20 39.09 -7.84
C CYS A 93 -6.93 39.73 -9.02
N TYR A 94 -8.11 39.18 -9.31
CA TYR A 94 -8.99 39.73 -10.34
C TYR A 94 -9.38 41.19 -10.03
N LEU A 95 -9.71 41.48 -8.78
CA LEU A 95 -10.00 42.86 -8.37
C LEU A 95 -8.82 43.82 -8.61
N LEU A 96 -7.60 43.37 -8.33
CA LEU A 96 -6.43 44.23 -8.57
C LEU A 96 -6.29 44.54 -10.05
N TYR A 97 -6.46 43.50 -10.86
CA TYR A 97 -6.45 43.68 -12.30
C TYR A 97 -7.51 44.68 -12.74
N LYS A 98 -8.73 44.54 -12.23
CA LYS A 98 -9.83 45.38 -12.68
C LYS A 98 -9.78 46.82 -12.17
N ASN A 99 -9.13 47.03 -11.02
CA ASN A 99 -9.18 48.33 -10.36
C ASN A 99 -7.87 49.13 -10.38
N LEU A 100 -6.73 48.45 -10.50
CA LEU A 100 -5.45 49.12 -10.33
C LEU A 100 -4.61 49.24 -11.61
N GLU A 101 -5.15 48.78 -12.74
CA GLU A 101 -4.44 48.90 -14.03
C GLU A 101 -3.08 48.20 -14.00
N LEU A 102 -3.07 46.90 -13.74
CA LEU A 102 -1.81 46.16 -13.58
C LEU A 102 -0.99 46.16 -14.85
N THR A 103 -1.66 46.35 -15.99
CA THR A 103 -1.00 46.30 -17.28
C THR A 103 -0.06 47.49 -17.48
N ASN A 104 -0.14 48.48 -16.60
CA ASN A 104 0.80 49.59 -16.62
C ASN A 104 2.08 49.24 -15.84
N TYR A 105 2.09 48.11 -15.15
CA TYR A 105 3.21 47.77 -14.28
C TYR A 105 3.87 46.46 -14.66
N LEU A 106 3.04 45.49 -15.04
CA LEU A 106 3.46 44.12 -15.19
C LEU A 106 3.24 43.63 -16.62
N GLU A 107 4.05 42.66 -17.02
CA GLU A 107 3.84 41.97 -18.29
C GLU A 107 2.55 41.14 -18.22
N ASP A 108 1.94 40.90 -19.37
CA ASP A 108 0.74 40.09 -19.45
C ASP A 108 0.95 38.72 -18.81
N ILE A 109 2.10 38.11 -19.08
CA ILE A 109 2.34 36.75 -18.59
C ILE A 109 2.54 36.72 -17.08
N GLU A 110 3.04 37.83 -16.54
CA GLU A 110 3.24 37.96 -15.10
C GLU A 110 1.90 38.04 -14.37
N ILE A 111 0.94 38.76 -14.95
CA ILE A 111 -0.43 38.86 -14.38
C ILE A 111 -1.13 37.51 -14.42
N PHE A 112 -0.97 36.81 -15.55
CA PHE A 112 -1.52 35.48 -15.74
C PHE A 112 -0.94 34.53 -14.68
N ALA A 113 0.37 34.56 -14.50
CA ALA A 113 1.02 33.71 -13.50
C ALA A 113 0.55 34.05 -12.08
N LEU A 114 0.36 35.34 -11.79
CA LEU A 114 -0.12 35.75 -10.50
C LEU A 114 -1.49 35.15 -10.23
N PHE A 115 -2.36 35.17 -11.22
CA PHE A 115 -3.71 34.64 -10.97
C PHE A 115 -3.69 33.12 -10.80
N ILE A 116 -2.97 32.41 -11.66
CA ILE A 116 -2.88 30.96 -11.57
C ILE A 116 -2.24 30.58 -10.24
N SER A 117 -1.21 31.31 -9.86
CA SER A 117 -0.56 31.07 -8.55
C SER A 117 -1.51 31.28 -7.39
N CYS A 118 -2.34 32.33 -7.45
CA CYS A 118 -3.38 32.53 -6.42
C CYS A 118 -4.27 31.28 -6.26
N MET A 119 -4.70 30.70 -7.36
CA MET A 119 -5.50 29.46 -7.35
C MET A 119 -4.79 28.31 -6.64
N CYS A 120 -3.49 28.19 -6.89
CA CYS A 120 -2.73 27.02 -6.42
C CYS A 120 -1.92 27.21 -5.16
N HIS A 121 -1.93 28.41 -4.57
CA HIS A 121 -0.85 28.80 -3.66
C HIS A 121 -0.86 28.08 -2.31
N ASP A 122 -1.98 27.45 -1.93
CA ASP A 122 -2.05 26.66 -0.68
C ASP A 122 -2.48 25.21 -0.93
N LEU A 123 -2.21 24.68 -2.13
CA LEU A 123 -2.67 23.32 -2.49
C LEU A 123 -2.25 22.25 -1.47
N ASP A 124 -3.24 21.47 -1.05
CA ASP A 124 -3.03 20.30 -0.18
C ASP A 124 -2.62 20.70 1.22
N HIS A 125 -2.95 21.93 1.62
CA HIS A 125 -2.67 22.38 3.00
C HIS A 125 -3.34 21.43 3.97
N ARG A 126 -2.62 21.10 5.02
CA ARG A 126 -3.12 20.13 5.99
C ARG A 126 -3.52 20.80 7.29
N GLY A 127 -3.57 22.12 7.30
CA GLY A 127 -4.02 22.85 8.48
C GLY A 127 -2.93 23.10 9.51
N THR A 128 -1.68 22.85 9.13
CA THR A 128 -0.56 23.13 10.03
C THR A 128 0.54 23.92 9.32
N ASN A 129 1.37 24.60 10.10
CA ASN A 129 2.40 25.46 9.54
C ASN A 129 3.73 24.76 9.27
N ASN A 130 4.72 25.54 8.85
CA ASN A 130 6.03 25.01 8.51
C ASN A 130 6.72 24.41 9.73
N SER A 131 6.65 25.10 10.86
CA SER A 131 7.26 24.62 12.10
C SER A 131 6.73 23.24 12.49
N PHE A 132 5.43 23.01 12.34
CA PHE A 132 4.86 21.71 12.65
C PHE A 132 5.37 20.57 11.76
N GLN A 133 5.61 20.84 10.47
CA GLN A 133 6.16 19.81 9.60
C GLN A 133 7.50 19.31 10.11
N VAL A 134 8.35 20.23 10.52
CA VAL A 134 9.66 19.86 11.00
C VAL A 134 9.57 19.16 12.37
N ALA A 135 8.79 19.72 13.28
CA ALA A 135 8.67 19.15 14.63
C ALA A 135 8.09 17.74 14.61
N SER A 136 7.15 17.49 13.70
CA SER A 136 6.50 16.19 13.60
C SER A 136 7.22 15.24 12.65
N LYS A 137 8.34 15.69 12.10
CA LYS A 137 9.11 14.92 11.12
C LYS A 137 8.22 14.38 9.99
N SER A 138 7.45 15.27 9.36
CA SER A 138 6.53 14.89 8.31
C SER A 138 7.29 14.56 7.03
N VAL A 139 6.60 13.91 6.10
CA VAL A 139 7.18 13.60 4.80
C VAL A 139 7.55 14.88 4.06
N LEU A 140 6.73 15.92 4.19
CA LEU A 140 7.04 17.20 3.58
C LEU A 140 8.35 17.82 4.10
N ALA A 141 8.59 17.74 5.40
CA ALA A 141 9.86 18.20 5.96
C ALA A 141 11.05 17.38 5.47
N ALA A 142 10.84 16.08 5.30
CA ALA A 142 11.92 15.19 4.84
C ALA A 142 12.34 15.62 3.44
N LEU A 143 11.35 16.01 2.65
CA LEU A 143 11.61 16.49 1.30
C LEU A 143 12.26 17.86 1.27
N TYR A 144 11.76 18.79 2.08
CA TYR A 144 12.04 20.21 1.86
C TYR A 144 12.63 21.01 3.03
N SER A 145 12.69 20.45 4.23
CA SER A 145 13.12 21.23 5.39
C SER A 145 14.49 21.87 5.17
N SER A 146 15.37 21.19 4.45
CA SER A 146 16.72 21.73 4.24
C SER A 146 16.68 23.01 3.40
N GLU A 147 15.63 23.19 2.62
CA GLU A 147 15.49 24.39 1.78
C GLU A 147 14.66 25.49 2.44
N GLY A 148 13.83 25.12 3.42
CA GLY A 148 12.91 26.07 3.99
C GLY A 148 11.62 26.23 3.18
N SER A 149 10.69 27.03 3.70
CA SER A 149 9.35 27.18 3.13
C SER A 149 8.74 25.84 2.77
N VAL A 150 8.65 24.93 3.75
CA VAL A 150 8.26 23.56 3.47
C VAL A 150 6.89 23.46 2.83
N MET A 151 5.88 24.08 3.41
CA MET A 151 4.54 23.95 2.85
C MET A 151 4.46 24.63 1.46
N GLU A 152 5.12 25.76 1.31
CA GLU A 152 5.03 26.51 0.05
C GLU A 152 5.74 25.75 -1.10
N ARG A 153 6.84 25.08 -0.78
CA ARG A 153 7.46 24.18 -1.76
C ARG A 153 6.51 23.06 -2.13
N HIS A 154 5.75 22.58 -1.17
CA HIS A 154 4.77 21.51 -1.44
C HIS A 154 3.63 22.04 -2.31
N HIS A 155 3.17 23.26 -2.04
CA HIS A 155 2.06 23.80 -2.79
C HIS A 155 2.45 23.92 -4.25
N PHE A 156 3.67 24.40 -4.47
CA PHE A 156 4.18 24.58 -5.83
C PHE A 156 4.33 23.21 -6.52
N ALA A 157 4.90 22.22 -5.83
CA ALA A 157 5.01 20.88 -6.39
C ALA A 157 3.65 20.28 -6.72
N GLN A 158 2.63 20.55 -5.90
CA GLN A 158 1.29 20.07 -6.17
C GLN A 158 0.73 20.69 -7.46
N ALA A 159 1.08 21.95 -7.68
CA ALA A 159 0.58 22.69 -8.85
C ALA A 159 1.18 22.07 -10.09
N ILE A 160 2.47 21.75 -9.99
CA ILE A 160 3.18 21.13 -11.11
C ILE A 160 2.64 19.72 -11.37
N ALA A 161 2.35 18.97 -10.31
CA ALA A 161 1.80 17.62 -10.48
C ALA A 161 0.44 17.68 -11.19
N ILE A 162 -0.32 18.73 -10.96
CA ILE A 162 -1.60 18.89 -11.65
C ILE A 162 -1.35 19.16 -13.13
N LEU A 163 -0.47 20.11 -13.43
CA LEU A 163 -0.08 20.36 -14.83
C LEU A 163 0.41 19.09 -15.53
N ASN A 164 1.13 18.24 -14.79
CA ASN A 164 1.70 17.03 -15.37
C ASN A 164 0.70 15.87 -15.45
N THR A 165 -0.53 16.11 -15.02
CA THR A 165 -1.58 15.13 -15.19
C THR A 165 -2.18 15.26 -16.58
N HIS A 166 -2.29 14.14 -17.28
CA HIS A 166 -2.78 14.12 -18.65
C HIS A 166 -4.11 14.86 -18.75
N GLY A 167 -4.17 15.77 -19.72
CA GLY A 167 -5.39 16.50 -19.99
C GLY A 167 -5.51 17.79 -19.20
N CYS A 168 -4.50 18.11 -18.40
CA CYS A 168 -4.58 19.24 -17.48
C CYS A 168 -3.54 20.34 -17.69
N ASN A 169 -2.66 20.18 -18.67
CA ASN A 169 -1.59 21.15 -18.80
C ASN A 169 -2.05 22.31 -19.67
N ILE A 170 -2.52 23.35 -19.01
CA ILE A 170 -3.07 24.50 -19.70
C ILE A 170 -2.00 25.31 -20.43
N PHE A 171 -0.73 25.00 -20.18
CA PHE A 171 0.37 25.71 -20.83
C PHE A 171 1.11 24.87 -21.89
N ASP A 172 0.61 23.69 -22.24
CA ASP A 172 1.51 22.76 -22.94
C ASP A 172 1.70 23.09 -24.42
N HIS A 173 0.99 24.10 -24.90
CA HIS A 173 1.20 24.58 -26.27
C HIS A 173 2.16 25.78 -26.27
N PHE A 174 2.53 26.25 -25.07
CA PHE A 174 3.45 27.38 -24.94
C PHE A 174 4.78 27.05 -25.58
N SER A 175 5.51 28.08 -25.99
CA SER A 175 6.91 27.93 -26.38
C SER A 175 7.72 27.41 -25.20
N ARG A 176 8.88 26.84 -25.49
CA ARG A 176 9.79 26.36 -24.44
C ARG A 176 10.13 27.48 -23.46
N LYS A 177 10.50 28.63 -24.01
CA LYS A 177 10.82 29.81 -23.19
C LYS A 177 9.65 30.31 -22.35
N ASP A 178 8.46 30.40 -22.95
CA ASP A 178 7.31 30.89 -22.20
C ASP A 178 6.87 29.89 -21.12
N TYR A 179 7.01 28.61 -21.43
CA TYR A 179 6.63 27.56 -20.49
C TYR A 179 7.55 27.64 -19.29
N GLN A 180 8.84 27.78 -19.57
CA GLN A 180 9.84 27.85 -18.51
C GLN A 180 9.61 29.09 -17.67
N ARG A 181 9.35 30.21 -18.33
CA ARG A 181 9.01 31.47 -17.66
C ARG A 181 7.78 31.36 -16.74
N MET A 182 6.71 30.70 -17.22
CA MET A 182 5.49 30.58 -16.44
C MET A 182 5.72 29.75 -15.17
N LEU A 183 6.45 28.65 -15.31
CA LEU A 183 6.71 27.81 -14.14
C LEU A 183 7.66 28.49 -13.17
N ASP A 184 8.61 29.28 -13.69
CA ASP A 184 9.51 30.04 -12.82
C ASP A 184 8.76 31.09 -12.01
N LEU A 185 7.83 31.79 -12.69
CA LEU A 185 6.99 32.78 -12.03
C LEU A 185 6.14 32.15 -10.95
N MET A 186 5.52 31.02 -11.28
CA MET A 186 4.71 30.33 -10.29
C MET A 186 5.54 29.94 -9.07
N ARG A 187 6.78 29.48 -9.29
CA ARG A 187 7.67 29.16 -8.18
C ARG A 187 7.88 30.37 -7.28
N ASP A 188 8.29 31.47 -7.89
CA ASP A 188 8.63 32.68 -7.14
C ASP A 188 7.43 33.23 -6.39
N ILE A 189 6.29 33.28 -7.08
CA ILE A 189 5.07 33.87 -6.51
C ILE A 189 4.55 33.01 -5.35
N ILE A 190 4.43 31.71 -5.58
CA ILE A 190 3.98 30.81 -4.49
C ILE A 190 4.96 30.83 -3.30
N LEU A 191 6.26 30.85 -3.56
CA LEU A 191 7.22 30.88 -2.43
C LEU A 191 7.17 32.23 -1.69
N ALA A 192 6.66 33.25 -2.35
CA ALA A 192 6.55 34.56 -1.72
C ALA A 192 5.47 34.56 -0.62
N THR A 193 4.63 33.53 -0.59
CA THR A 193 3.54 33.46 0.40
C THR A 193 4.02 32.94 1.78
N ASP A 194 5.28 32.52 1.88
CA ASP A 194 5.82 32.21 3.20
C ASP A 194 6.07 33.52 3.94
N LEU A 195 5.54 33.67 5.15
CA LEU A 195 5.81 34.90 5.92
C LEU A 195 7.30 35.20 6.06
N ALA A 196 8.13 34.17 6.19
CA ALA A 196 9.58 34.37 6.33
C ALA A 196 10.17 35.10 5.11
N HIS A 197 9.68 34.75 3.94
CA HIS A 197 10.10 35.42 2.71
C HIS A 197 9.69 36.91 2.72
N HIS A 198 8.42 37.18 3.03
CA HIS A 198 7.96 38.55 3.11
C HIS A 198 8.82 39.39 4.06
N LEU A 199 9.08 38.85 5.25
CA LEU A 199 9.92 39.53 6.24
C LEU A 199 11.30 39.84 5.68
N ARG A 200 11.83 38.91 4.87
CA ARG A 200 13.17 39.08 4.29
C ARG A 200 13.22 40.20 3.26
N ILE A 201 12.17 40.33 2.44
CA ILE A 201 12.22 41.32 1.37
C ILE A 201 11.56 42.65 1.70
N PHE A 202 11.05 42.79 2.93
CA PHE A 202 10.27 43.97 3.31
C PHE A 202 11.02 45.29 3.11
N LYS A 203 12.28 45.34 3.54
CA LYS A 203 13.07 46.55 3.35
C LYS A 203 13.24 46.88 1.87
N ASP A 204 13.37 45.84 1.04
CA ASP A 204 13.48 46.06 -0.41
C ASP A 204 12.17 46.60 -0.97
N LEU A 205 11.04 46.10 -0.45
CA LEU A 205 9.75 46.61 -0.85
C LEU A 205 9.60 48.09 -0.49
N GLN A 206 10.00 48.44 0.72
CA GLN A 206 10.00 49.84 1.13
C GLN A 206 10.83 50.73 0.21
N LYS A 207 12.00 50.24 -0.16
CA LYS A 207 12.93 51.04 -0.96
C LYS A 207 12.37 51.21 -2.37
N MET A 208 11.68 50.20 -2.86
CA MET A 208 11.02 50.33 -4.16
C MET A 208 9.94 51.40 -4.12
N ALA A 209 9.11 51.37 -3.08
CA ALA A 209 8.01 52.32 -2.98
C ALA A 209 8.52 53.76 -2.87
N GLU A 210 9.63 53.96 -2.18
CA GLU A 210 10.07 55.33 -1.93
C GLU A 210 10.84 55.91 -3.11
N VAL A 211 11.58 55.08 -3.85
CA VAL A 211 12.29 55.57 -5.03
C VAL A 211 11.35 55.60 -6.24
N GLY A 212 10.28 54.81 -6.18
CA GLY A 212 9.28 54.79 -7.22
C GLY A 212 9.39 53.58 -8.13
N TYR A 213 8.24 52.99 -8.48
CA TYR A 213 8.23 51.83 -9.37
C TYR A 213 8.81 52.12 -10.75
N ASP A 214 9.77 51.30 -11.17
CA ASP A 214 10.38 51.45 -12.48
C ASP A 214 10.05 50.21 -13.32
N ARG A 215 9.12 50.37 -14.27
CA ARG A 215 8.67 49.25 -15.09
C ARG A 215 9.79 48.61 -15.89
N ASN A 216 10.90 49.32 -16.08
CA ASN A 216 12.04 48.79 -16.81
C ASN A 216 13.01 48.02 -15.91
N ASN A 217 12.73 48.01 -14.61
CA ASN A 217 13.58 47.36 -13.63
C ASN A 217 13.05 45.95 -13.35
N LYS A 218 13.81 44.93 -13.76
CA LYS A 218 13.35 43.55 -13.61
C LYS A 218 13.15 43.17 -12.14
N GLN A 219 14.00 43.68 -11.26
CA GLN A 219 13.87 43.42 -9.83
C GLN A 219 12.56 44.03 -9.29
N HIS A 220 12.16 45.17 -9.83
CA HIS A 220 10.93 45.79 -9.37
C HIS A 220 9.74 44.93 -9.74
N HIS A 221 9.78 44.31 -10.92
CA HIS A 221 8.70 43.41 -11.32
C HIS A 221 8.57 42.26 -10.34
N ARG A 222 9.70 41.67 -9.98
CA ARG A 222 9.70 40.56 -9.04
C ARG A 222 9.15 40.97 -7.68
N LEU A 223 9.63 42.10 -7.15
CA LEU A 223 9.19 42.58 -5.83
C LEU A 223 7.70 42.89 -5.85
N LEU A 224 7.23 43.53 -6.92
CA LEU A 224 5.81 43.88 -6.99
C LEU A 224 4.93 42.65 -7.02
N LEU A 225 5.35 41.64 -7.79
CA LEU A 225 4.65 40.37 -7.80
C LEU A 225 4.55 39.77 -6.39
N CYS A 226 5.63 39.79 -5.61
CA CYS A 226 5.58 39.29 -4.23
C CYS A 226 4.59 40.08 -3.38
N LEU A 227 4.64 41.40 -3.48
CA LEU A 227 3.73 42.25 -2.74
C LEU A 227 2.28 42.01 -3.13
N LEU A 228 1.99 41.96 -4.43
CA LEU A 228 0.63 41.72 -4.87
C LEU A 228 0.13 40.34 -4.35
N MET A 229 0.98 39.33 -4.43
CA MET A 229 0.58 38.00 -3.96
C MET A 229 0.22 38.03 -2.48
N THR A 230 1.05 38.70 -1.69
CA THR A 230 0.79 38.73 -0.26
C THR A 230 -0.48 39.58 0.01
N SER A 231 -0.74 40.60 -0.82
CA SER A 231 -1.97 41.41 -0.70
C SER A 231 -3.20 40.55 -0.96
N CYS A 232 -3.10 39.64 -1.93
CA CYS A 232 -4.19 38.73 -2.24
C CYS A 232 -4.43 37.73 -1.09
N ASP A 233 -3.33 37.20 -0.56
CA ASP A 233 -3.39 36.19 0.52
C ASP A 233 -4.09 36.75 1.75
N LEU A 234 -3.96 38.05 1.98
CA LEU A 234 -4.49 38.65 3.20
C LEU A 234 -5.76 39.45 2.94
N SER A 235 -6.34 39.27 1.77
CA SER A 235 -7.38 40.20 1.34
C SER A 235 -8.70 40.09 2.10
N ASP A 236 -8.87 39.04 2.90
CA ASP A 236 -10.03 38.97 3.80
C ASP A 236 -10.08 40.15 4.77
N GLN A 237 -8.93 40.73 5.09
CA GLN A 237 -8.88 41.88 6.00
C GLN A 237 -9.36 43.20 5.39
N THR A 238 -9.58 43.20 4.08
CA THR A 238 -9.93 44.42 3.36
C THR A 238 -11.42 44.54 3.16
N LYS A 239 -12.18 43.68 3.83
CA LYS A 239 -13.63 43.67 3.70
C LYS A 239 -14.21 44.25 4.98
N GLY A 240 -15.50 44.03 5.22
CA GLY A 240 -16.13 44.54 6.43
C GLY A 240 -15.69 43.82 7.70
N TRP A 241 -16.18 44.31 8.83
CA TRP A 241 -15.91 43.70 10.14
C TRP A 241 -16.41 42.25 10.21
N LYS A 242 -17.55 41.96 9.59
CA LYS A 242 -18.10 40.62 9.65
C LYS A 242 -17.16 39.58 9.01
N THR A 243 -16.56 39.95 7.88
CA THR A 243 -15.57 39.07 7.27
C THR A 243 -14.34 38.87 8.16
N THR A 244 -13.81 39.96 8.68
CA THR A 244 -12.65 39.88 9.57
C THR A 244 -12.93 38.99 10.79
N ARG A 245 -14.12 39.10 11.35
CA ARG A 245 -14.45 38.36 12.56
C ARG A 245 -14.61 36.89 12.23
N LYS A 246 -15.29 36.59 11.12
CA LYS A 246 -15.44 35.20 10.71
C LYS A 246 -14.09 34.54 10.37
N ILE A 247 -13.21 35.27 9.67
CA ILE A 247 -11.92 34.71 9.30
C ILE A 247 -11.05 34.46 10.56
N ALA A 248 -11.16 35.32 11.56
CA ALA A 248 -10.42 35.09 12.81
C ALA A 248 -10.86 33.78 13.43
N GLU A 249 -12.15 33.52 13.38
CA GLU A 249 -12.70 32.31 13.93
C GLU A 249 -12.21 31.05 13.21
N LEU A 250 -12.10 31.11 11.89
CA LEU A 250 -11.59 29.98 11.13
C LEU A 250 -10.11 29.79 11.39
N ILE A 251 -9.36 30.89 11.42
CA ILE A 251 -7.92 30.85 11.59
C ILE A 251 -7.58 30.26 12.96
N TYR A 252 -8.26 30.71 14.01
CA TYR A 252 -7.90 30.22 15.33
C TYR A 252 -8.41 28.79 15.57
N LYS A 253 -9.53 28.39 14.99
CA LYS A 253 -9.89 26.97 15.05
C LYS A 253 -8.79 26.11 14.43
N GLU A 254 -8.32 26.50 13.25
CA GLU A 254 -7.25 25.77 12.61
C GLU A 254 -5.99 25.76 13.47
N PHE A 255 -5.59 26.94 13.96
CA PHE A 255 -4.43 27.06 14.84
C PHE A 255 -4.57 26.20 16.11
N PHE A 256 -5.70 26.28 16.80
CA PHE A 256 -5.82 25.58 18.08
C PHE A 256 -5.83 24.06 17.92
N SER A 257 -6.31 23.60 16.76
CA SER A 257 -6.22 22.19 16.44
C SER A 257 -4.75 21.77 16.33
N GLN A 258 -3.93 22.60 15.67
CA GLN A 258 -2.51 22.30 15.61
C GLN A 258 -1.93 22.29 17.01
N GLY A 259 -2.28 23.30 17.79
CA GLY A 259 -1.80 23.40 19.16
C GLY A 259 -2.16 22.20 20.00
N ASP A 260 -3.35 21.66 19.81
CA ASP A 260 -3.77 20.48 20.56
C ASP A 260 -2.91 19.28 20.19
N LEU A 261 -2.54 19.21 18.92
CA LEU A 261 -1.69 18.12 18.40
C LEU A 261 -0.26 18.23 18.95
N GLU A 262 0.19 19.46 19.12
CA GLU A 262 1.52 19.71 19.65
C GLU A 262 1.58 19.35 21.13
N LYS A 263 0.51 19.67 21.85
CA LYS A 263 0.41 19.28 23.26
C LYS A 263 0.41 17.76 23.45
N ALA A 264 -0.22 17.04 22.52
CA ALA A 264 -0.27 15.58 22.63
C ALA A 264 1.10 14.97 22.35
N MET A 265 1.88 15.66 21.52
CA MET A 265 3.23 15.21 21.17
C MET A 265 4.27 15.63 22.21
N GLY A 266 3.82 16.37 23.23
CA GLY A 266 4.68 16.76 24.33
C GLY A 266 5.39 18.08 24.12
N ASN A 267 4.99 18.80 23.08
CA ASN A 267 5.64 20.08 22.75
C ASN A 267 4.81 21.26 23.20
N ARG A 268 5.50 22.36 23.54
CA ARG A 268 4.82 23.58 23.93
C ARG A 268 4.46 24.37 22.68
N PRO A 269 3.16 24.42 22.35
CA PRO A 269 2.77 25.12 21.12
C PRO A 269 3.04 26.61 21.24
N MET A 270 3.13 27.28 20.10
CA MET A 270 3.12 28.74 20.07
C MET A 270 1.93 29.21 20.87
N GLU A 271 2.08 30.34 21.55
CA GLU A 271 1.01 30.91 22.33
C GLU A 271 -0.24 31.17 21.47
N MET A 272 -0.06 31.68 20.26
CA MET A 272 -1.22 31.97 19.40
C MET A 272 -1.94 30.69 18.96
N MET A 273 -1.30 29.54 19.20
CA MET A 273 -1.87 28.24 18.84
C MET A 273 -2.37 27.47 20.06
N ASP A 274 -2.25 28.07 21.22
CA ASP A 274 -2.64 27.43 22.47
C ASP A 274 -3.95 28.01 22.95
N ARG A 275 -5.02 27.22 22.89
CA ARG A 275 -6.36 27.73 23.21
C ARG A 275 -6.47 28.11 24.68
N GLU A 276 -5.49 27.69 25.48
CA GLU A 276 -5.50 28.02 26.92
C GLU A 276 -4.83 29.37 27.23
N LYS A 277 -4.12 29.91 26.25
CA LYS A 277 -3.29 31.11 26.45
C LYS A 277 -3.65 32.23 25.47
N ALA A 278 -4.09 31.83 24.29
CA ALA A 278 -4.32 32.77 23.20
C ALA A 278 -5.38 33.81 23.53
N TYR A 279 -5.02 35.09 23.45
CA TYR A 279 -6.00 36.16 23.62
C TYR A 279 -6.25 36.81 22.27
N ILE A 280 -7.33 36.39 21.62
CA ILE A 280 -7.57 36.68 20.21
C ILE A 280 -7.55 38.15 19.79
N PRO A 281 -8.13 39.08 20.57
CA PRO A 281 -8.10 40.47 20.09
C PRO A 281 -6.67 41.05 19.99
N GLU A 282 -5.86 40.71 20.97
CA GLU A 282 -4.49 41.19 21.03
C GLU A 282 -3.66 40.52 19.93
N LEU A 283 -3.91 39.24 19.70
CA LEU A 283 -3.23 38.52 18.63
C LEU A 283 -3.57 39.12 17.25
N GLN A 284 -4.84 39.43 17.04
CA GLN A 284 -5.24 39.97 15.76
C GLN A 284 -4.74 41.40 15.58
N ILE A 285 -4.73 42.17 16.65
CA ILE A 285 -4.20 43.53 16.56
C ILE A 285 -2.72 43.46 16.17
N SER A 286 -1.99 42.53 16.77
CA SER A 286 -0.57 42.35 16.44
C SER A 286 -0.36 41.90 14.99
N PHE A 287 -1.19 40.98 14.51
CA PHE A 287 -1.12 40.57 13.10
C PHE A 287 -1.42 41.72 12.15
N MET A 288 -2.43 42.50 12.48
CA MET A 288 -2.82 43.61 11.62
C MET A 288 -1.74 44.69 11.62
N GLU A 289 -1.21 45.04 12.78
CA GLU A 289 -0.25 46.13 12.88
C GLU A 289 1.13 45.78 12.32
N HIS A 290 1.56 44.53 12.49
CA HIS A 290 2.91 44.13 12.09
C HIS A 290 2.95 43.51 10.70
N ILE A 291 1.86 42.86 10.30
CA ILE A 291 1.88 42.19 9.01
C ILE A 291 0.95 42.81 7.97
N ALA A 292 -0.36 42.82 8.24
CA ALA A 292 -1.36 43.21 7.24
C ALA A 292 -1.29 44.68 6.88
N MET A 293 -1.27 45.56 7.88
CA MET A 293 -1.31 46.99 7.60
C MET A 293 -0.08 47.48 6.82
N PRO A 294 1.14 47.02 7.18
CA PRO A 294 2.28 47.49 6.40
C PRO A 294 2.21 47.06 4.93
N ILE A 295 1.62 45.89 4.67
CA ILE A 295 1.49 45.44 3.28
C ILE A 295 0.53 46.35 2.49
N TYR A 296 -0.62 46.68 3.07
CA TYR A 296 -1.56 47.52 2.32
C TYR A 296 -1.11 48.97 2.30
N LYS A 297 -0.25 49.37 3.23
CA LYS A 297 0.39 50.69 3.14
C LYS A 297 1.35 50.74 1.96
N LEU A 298 2.18 49.71 1.77
CA LEU A 298 3.04 49.63 0.59
C LEU A 298 2.23 49.65 -0.71
N LEU A 299 1.14 48.89 -0.73
CA LEU A 299 0.23 48.89 -1.87
C LEU A 299 -0.29 50.30 -2.19
N GLN A 300 -0.73 51.01 -1.15
CA GLN A 300 -1.19 52.40 -1.32
C GLN A 300 -0.08 53.32 -1.83
N ASP A 301 1.14 53.15 -1.31
CA ASP A 301 2.27 53.96 -1.76
C ASP A 301 2.55 53.78 -3.25
N LEU A 302 2.29 52.58 -3.75
CA LEU A 302 2.56 52.24 -5.14
C LEU A 302 1.34 52.47 -6.04
N PHE A 303 0.15 52.29 -5.47
CA PHE A 303 -1.11 52.46 -6.20
C PHE A 303 -2.05 53.32 -5.38
N PRO A 304 -2.14 54.62 -5.71
CA PRO A 304 -3.02 55.54 -4.97
C PRO A 304 -4.47 55.05 -4.87
N LYS A 305 -4.95 54.34 -5.89
CA LYS A 305 -6.31 53.81 -5.87
C LYS A 305 -6.48 52.65 -4.89
N ALA A 306 -5.37 52.22 -4.27
CA ALA A 306 -5.43 51.15 -3.27
C ALA A 306 -5.62 51.73 -1.87
N ALA A 307 -5.79 53.04 -1.79
CA ALA A 307 -5.93 53.74 -0.51
C ALA A 307 -7.09 53.19 0.31
N GLU A 308 -8.24 52.97 -0.34
CA GLU A 308 -9.40 52.47 0.38
C GLU A 308 -9.16 51.09 1.00
N LEU A 309 -8.26 50.32 0.42
CA LEU A 309 -7.87 49.03 0.97
C LEU A 309 -7.14 49.19 2.31
N TYR A 310 -6.15 50.06 2.35
CA TYR A 310 -5.42 50.31 3.60
C TYR A 310 -6.34 50.86 4.67
N GLU A 311 -7.24 51.77 4.28
CA GLU A 311 -8.12 52.41 5.25
C GLU A 311 -9.08 51.40 5.88
N ARG A 312 -9.48 50.42 5.08
CA ARG A 312 -10.39 49.39 5.58
C ARG A 312 -9.68 48.46 6.55
N VAL A 313 -8.45 48.08 6.21
CA VAL A 313 -7.67 47.23 7.11
C VAL A 313 -7.40 47.95 8.43
N ALA A 314 -7.06 49.24 8.38
CA ALA A 314 -6.84 50.01 9.60
C ALA A 314 -8.13 50.11 10.40
N SER A 315 -9.26 50.21 9.69
CA SER A 315 -10.55 50.31 10.34
C SER A 315 -10.88 49.02 11.08
N ASN A 316 -10.69 47.89 10.40
CA ASN A 316 -10.89 46.59 11.03
C ASN A 316 -9.94 46.38 12.21
N ARG A 317 -8.73 46.92 12.13
CA ARG A 317 -7.82 46.85 13.26
C ARG A 317 -8.37 47.60 14.46
N GLU A 318 -8.95 48.77 14.20
CA GLU A 318 -9.51 49.57 15.29
C GLU A 318 -10.70 48.85 15.92
N HIS A 319 -11.43 48.09 15.12
CA HIS A 319 -12.62 47.40 15.62
C HIS A 319 -12.25 46.35 16.67
N TRP A 320 -11.11 45.70 16.49
CA TRP A 320 -10.65 44.73 17.48
C TRP A 320 -10.43 45.41 18.82
N THR A 321 -9.91 46.64 18.79
CA THR A 321 -9.72 47.41 20.00
C THR A 321 -11.08 47.69 20.66
N LYS A 322 -12.05 48.08 19.83
CA LYS A 322 -13.37 48.48 20.33
C LYS A 322 -14.13 47.32 20.99
N VAL A 323 -13.92 46.09 20.51
CA VAL A 323 -14.70 44.95 21.00
C VAL A 323 -13.94 44.11 22.01
N SER A 324 -12.70 44.50 22.30
CA SER A 324 -11.83 43.71 23.17
C SER A 324 -12.40 43.56 24.58
N HIS A 325 -13.09 44.60 25.05
CA HIS A 325 -13.61 44.60 26.41
C HIS A 325 -14.65 43.49 26.57
N LYS A 326 -15.29 43.11 25.47
CA LYS A 326 -16.31 42.06 25.50
C LYS A 326 -15.74 40.67 25.75
N PHE A 327 -14.41 40.55 25.78
CA PHE A 327 -13.78 39.27 26.06
C PHE A 327 -13.58 39.12 27.57
N THR A 328 -13.96 40.16 28.31
CA THR A 328 -13.95 40.08 29.76
C THR A 328 -15.36 39.75 30.22
N ILE A 329 -15.51 38.70 31.01
CA ILE A 329 -16.82 38.30 31.50
C ILE A 329 -17.25 39.21 32.66
N ARG A 330 -18.27 40.04 32.40
CA ARG A 330 -18.80 40.92 33.43
C ARG A 330 -20.16 40.41 33.89
N GLY A 331 -20.46 40.62 35.15
CA GLY A 331 -21.64 40.00 35.73
C GLY A 331 -21.47 38.49 35.74
N LEU A 332 -22.58 37.78 35.58
CA LEU A 332 -22.53 36.32 35.50
C LEU A 332 -22.60 35.93 34.03
N PRO A 333 -22.11 34.71 33.71
CA PRO A 333 -22.42 34.12 32.41
C PRO A 333 -23.93 34.01 32.22
N SER A 334 -24.39 33.81 30.99
CA SER A 334 -25.83 33.88 30.71
C SER A 334 -26.62 32.81 31.46
N ASN A 335 -25.95 31.73 31.86
CA ASN A 335 -26.61 30.64 32.56
C ASN A 335 -26.66 30.84 34.08
N ASN A 336 -26.29 32.04 34.53
CA ASN A 336 -26.27 32.38 35.97
C ASN A 336 -25.46 31.43 36.84
N SER A 337 -24.43 30.84 36.27
CA SER A 337 -23.65 29.85 37.01
C SER A 337 -22.17 30.15 36.97
N LEU A 338 -21.49 29.91 38.09
CA LEU A 338 -20.06 30.08 38.18
C LEU A 338 -19.35 28.74 38.09
N ASP A 339 -20.08 27.73 37.59
CA ASP A 339 -19.53 26.37 37.44
C ASP A 339 -18.23 26.33 36.65
N PHE A 340 -18.10 27.21 35.67
CA PHE A 340 -16.94 27.21 34.77
C PHE A 340 -15.63 27.48 35.49
N LEU A 341 -15.71 27.87 36.76
CA LEU A 341 -14.52 28.08 37.57
C LEU A 341 -13.91 26.74 37.98
N ASP B 4 -0.65 -6.60 -13.71
CA ASP B 4 -0.58 -7.22 -12.40
C ASP B 4 -0.44 -8.74 -12.50
N ASP B 5 -0.49 -9.25 -13.73
CA ASP B 5 -0.14 -10.63 -13.98
C ASP B 5 1.30 -10.90 -13.54
N GLU B 6 2.17 -9.92 -13.78
CA GLU B 6 3.51 -9.97 -13.23
C GLU B 6 3.48 -9.99 -11.71
N TYR B 7 2.65 -9.13 -11.13
CA TYR B 7 2.49 -9.05 -9.68
C TYR B 7 2.02 -10.37 -9.09
N THR B 8 1.04 -11.00 -9.76
CA THR B 8 0.47 -12.25 -9.27
C THR B 8 1.54 -13.33 -9.12
N LYS B 9 2.38 -13.51 -10.12
CA LYS B 9 3.42 -14.54 -10.04
C LYS B 9 4.52 -14.14 -9.05
N LEU B 10 4.81 -12.85 -8.99
CA LEU B 10 5.87 -12.36 -8.13
C LEU B 10 5.49 -12.63 -6.68
N LEU B 11 4.21 -12.47 -6.38
CA LEU B 11 3.70 -12.70 -5.03
C LEU B 11 3.46 -14.18 -4.68
N HIS B 12 2.83 -14.94 -5.56
CA HIS B 12 2.35 -16.27 -5.16
C HIS B 12 3.26 -17.45 -5.53
N ASP B 13 4.19 -17.25 -6.45
CA ASP B 13 5.22 -18.25 -6.72
C ASP B 13 6.30 -18.12 -5.65
N GLY B 14 7.00 -19.22 -5.38
CA GLY B 14 8.11 -19.13 -4.43
C GLY B 14 9.16 -18.13 -4.87
N ILE B 15 9.99 -17.68 -3.93
CA ILE B 15 11.15 -16.88 -4.27
C ILE B 15 12.28 -17.82 -4.67
N GLN B 16 12.75 -17.71 -5.89
CA GLN B 16 13.70 -18.66 -6.43
C GLN B 16 15.02 -18.56 -5.65
N PRO B 17 15.69 -19.71 -5.39
CA PRO B 17 17.02 -19.66 -4.78
C PRO B 17 17.99 -18.97 -5.71
N VAL B 18 18.88 -18.12 -5.17
CA VAL B 18 19.77 -17.32 -6.03
C VAL B 18 20.62 -18.17 -6.96
N ALA B 19 21.11 -19.31 -6.47
CA ALA B 19 21.96 -20.16 -7.29
C ALA B 19 21.18 -20.77 -8.45
N ALA B 20 19.86 -20.78 -8.35
CA ALA B 20 19.05 -21.31 -9.44
C ALA B 20 18.87 -20.29 -10.57
N ILE B 21 19.08 -19.01 -10.28
CA ILE B 21 19.04 -17.99 -11.32
C ILE B 21 20.22 -18.22 -12.27
N ASP B 22 21.40 -18.40 -11.69
CA ASP B 22 22.61 -18.69 -12.44
C ASP B 22 23.65 -19.26 -11.47
N SER B 23 24.38 -20.28 -11.90
CA SER B 23 25.35 -20.93 -11.01
C SER B 23 26.42 -19.94 -10.57
N ASN B 24 26.60 -18.87 -11.33
CA ASN B 24 27.63 -17.88 -11.04
C ASN B 24 27.07 -16.56 -10.49
N PHE B 25 25.80 -16.57 -10.08
CA PHE B 25 25.07 -15.34 -9.76
C PHE B 25 25.73 -14.52 -8.66
N ALA B 26 26.44 -15.19 -7.75
CA ALA B 26 27.04 -14.52 -6.60
C ALA B 26 28.51 -14.19 -6.82
N SER B 27 29.00 -14.33 -8.04
CA SER B 27 30.40 -14.03 -8.36
C SER B 27 30.62 -12.66 -8.99
N PHE B 28 31.77 -12.06 -8.70
CA PHE B 28 32.14 -10.78 -9.29
C PHE B 28 32.27 -10.87 -10.82
N THR B 29 32.30 -12.08 -11.35
CA THR B 29 32.45 -12.27 -12.79
C THR B 29 31.09 -12.28 -13.47
N TYR B 30 30.02 -12.31 -12.68
CA TYR B 30 28.68 -12.36 -13.23
C TYR B 30 28.28 -11.00 -13.81
N THR B 31 27.65 -11.02 -14.98
CA THR B 31 27.12 -9.79 -15.56
C THR B 31 25.59 -9.74 -15.43
N PRO B 32 25.08 -8.99 -14.44
CA PRO B 32 23.64 -8.92 -14.17
C PRO B 32 22.82 -8.36 -15.36
N ARG B 33 23.43 -7.61 -16.24
CA ARG B 33 22.70 -7.13 -17.41
C ARG B 33 22.43 -8.28 -18.41
N SER B 34 23.00 -9.46 -18.18
CA SER B 34 22.68 -10.63 -18.98
C SER B 34 21.30 -11.20 -18.65
N LEU B 35 20.78 -10.86 -17.47
CA LEU B 35 19.50 -11.39 -17.05
C LEU B 35 18.39 -10.68 -17.80
N PRO B 36 17.44 -11.42 -18.38
CA PRO B 36 16.28 -10.79 -19.04
C PRO B 36 15.57 -9.82 -18.12
N GLU B 37 15.08 -8.70 -18.63
CA GLU B 37 14.48 -7.69 -17.76
C GLU B 37 13.24 -8.22 -17.05
N ASP B 38 12.56 -9.18 -17.68
CA ASP B 38 11.36 -9.78 -17.09
C ASP B 38 11.67 -10.64 -15.86
N ASP B 39 12.94 -10.92 -15.63
CA ASP B 39 13.34 -11.75 -14.52
C ASP B 39 13.93 -10.94 -13.38
N THR B 40 14.12 -9.63 -13.60
CA THR B 40 14.86 -8.83 -12.63
C THR B 40 14.15 -8.61 -11.29
N SER B 41 12.83 -8.43 -11.29
CA SER B 41 12.13 -8.25 -10.00
C SER B 41 12.21 -9.51 -9.14
N MET B 42 12.10 -10.67 -9.76
CA MET B 42 12.30 -11.94 -9.06
C MET B 42 13.70 -12.01 -8.47
N ALA B 43 14.69 -11.55 -9.23
CA ALA B 43 16.07 -11.59 -8.81
C ALA B 43 16.28 -10.74 -7.56
N ILE B 44 15.64 -9.58 -7.54
CA ILE B 44 15.67 -8.69 -6.38
C ILE B 44 15.17 -9.44 -5.14
N LEU B 45 14.01 -10.09 -5.25
CA LEU B 45 13.45 -10.83 -4.14
C LEU B 45 14.37 -11.97 -3.72
N SER B 46 14.99 -12.61 -4.71
CA SER B 46 15.94 -13.69 -4.44
C SER B 46 17.13 -13.20 -3.61
N MET B 47 17.63 -12.02 -3.96
CA MET B 47 18.79 -11.44 -3.28
C MET B 47 18.42 -11.03 -1.85
N LEU B 48 17.27 -10.37 -1.69
CA LEU B 48 16.81 -9.99 -0.36
C LEU B 48 16.58 -11.21 0.55
N GLN B 49 16.00 -12.28 0.00
CA GLN B 49 15.85 -13.53 0.74
C GLN B 49 17.21 -14.08 1.14
N ASP B 50 18.18 -13.98 0.25
CA ASP B 50 19.48 -14.59 0.50
C ASP B 50 20.25 -13.83 1.58
N MET B 51 20.00 -12.53 1.67
CA MET B 51 20.64 -11.67 2.68
C MET B 51 19.83 -11.65 3.97
N ASN B 52 18.78 -12.47 4.00
CA ASN B 52 17.92 -12.67 5.16
C ASN B 52 17.19 -11.42 5.62
N PHE B 53 17.08 -10.43 4.75
CA PHE B 53 16.44 -9.18 5.11
C PHE B 53 14.92 -9.33 5.23
N ILE B 54 14.36 -10.27 4.47
CA ILE B 54 12.90 -10.46 4.47
C ILE B 54 12.45 -10.93 5.84
N ASN B 55 13.23 -11.82 6.45
CA ASN B 55 12.91 -12.33 7.77
C ASN B 55 13.40 -11.42 8.90
N ASN B 56 14.63 -10.94 8.77
CA ASN B 56 15.19 -9.99 9.75
C ASN B 56 14.29 -8.79 10.02
N TYR B 57 13.65 -8.29 8.96
CA TYR B 57 12.82 -7.09 9.08
C TYR B 57 11.34 -7.37 8.88
N LYS B 58 10.98 -8.66 8.93
CA LYS B 58 9.59 -9.08 8.92
C LYS B 58 8.80 -8.46 7.77
N ILE B 59 9.38 -8.48 6.58
CA ILE B 59 8.79 -7.81 5.43
C ILE B 59 7.58 -8.56 4.91
N ASP B 60 6.41 -7.93 5.04
CA ASP B 60 5.18 -8.41 4.43
C ASP B 60 5.42 -8.63 2.93
N CYS B 61 5.13 -9.84 2.45
CA CYS B 61 5.48 -10.20 1.07
C CYS B 61 4.69 -9.45 -0.01
N PRO B 62 3.35 -9.28 0.17
CA PRO B 62 2.66 -8.46 -0.84
C PRO B 62 3.28 -7.07 -0.96
N THR B 63 3.58 -6.48 0.20
CA THR B 63 4.20 -5.17 0.26
C THR B 63 5.54 -5.14 -0.48
N LEU B 64 6.37 -6.16 -0.23
CA LEU B 64 7.67 -6.23 -0.85
C LEU B 64 7.55 -6.37 -2.38
N ALA B 65 6.63 -7.23 -2.81
CA ALA B 65 6.45 -7.40 -4.25
C ALA B 65 5.96 -6.09 -4.89
N ARG B 66 4.98 -5.46 -4.26
CA ARG B 66 4.49 -4.17 -4.75
C ARG B 66 5.59 -3.12 -4.77
N PHE B 67 6.39 -3.05 -3.70
CA PHE B 67 7.49 -2.09 -3.63
C PHE B 67 8.44 -2.31 -4.80
N CYS B 68 8.86 -3.55 -5.02
CA CYS B 68 9.79 -3.83 -6.12
C CYS B 68 9.23 -3.41 -7.48
N LEU B 69 7.96 -3.69 -7.73
CA LEU B 69 7.36 -3.32 -9.02
C LEU B 69 7.19 -1.81 -9.16
N MET B 70 6.90 -1.14 -8.06
CA MET B 70 6.75 0.31 -8.07
C MET B 70 8.08 1.01 -8.31
N VAL B 71 9.14 0.47 -7.72
CA VAL B 71 10.48 1.01 -8.00
C VAL B 71 10.82 0.86 -9.48
N LYS B 72 10.63 -0.33 -10.03
CA LYS B 72 10.93 -0.54 -11.45
C LYS B 72 10.13 0.40 -12.33
N LYS B 73 8.83 0.56 -12.04
CA LYS B 73 7.95 1.42 -12.82
C LYS B 73 8.37 2.89 -12.69
N GLY B 74 9.10 3.20 -11.63
CA GLY B 74 9.57 4.54 -11.36
C GLY B 74 10.79 4.98 -12.18
N TYR B 75 11.39 4.07 -12.94
CA TYR B 75 12.44 4.42 -13.89
C TYR B 75 11.86 4.72 -15.27
N ARG B 76 12.34 5.79 -15.90
CA ARG B 76 12.00 6.11 -17.29
C ARG B 76 12.95 5.29 -18.16
N ASP B 77 13.00 5.57 -19.46
CA ASP B 77 13.89 4.79 -20.28
C ASP B 77 14.85 5.58 -21.16
N PRO B 78 15.67 6.46 -20.55
CA PRO B 78 16.80 6.99 -21.31
C PRO B 78 17.79 5.86 -21.59
N PRO B 79 18.80 6.08 -22.46
CA PRO B 79 19.69 4.97 -22.81
C PRO B 79 20.41 4.30 -21.62
N TYR B 80 20.87 5.08 -20.65
CA TYR B 80 21.66 4.51 -19.57
C TYR B 80 20.92 4.51 -18.24
N HIS B 81 20.38 5.65 -17.83
CA HIS B 81 19.76 5.73 -16.50
C HIS B 81 18.33 5.16 -16.43
N ASN B 82 18.23 3.85 -16.59
CA ASN B 82 16.94 3.15 -16.62
C ASN B 82 16.97 2.07 -15.53
N TRP B 83 15.95 1.21 -15.48
CA TRP B 83 15.85 0.17 -14.43
C TRP B 83 16.96 -0.88 -14.51
N MET B 84 17.40 -1.24 -15.71
CA MET B 84 18.47 -2.22 -15.81
C MET B 84 19.75 -1.67 -15.17
N HIS B 85 19.93 -0.35 -15.15
CA HIS B 85 21.03 0.27 -14.42
C HIS B 85 20.85 0.06 -12.92
N ALA B 86 19.70 0.46 -12.40
CA ALA B 86 19.44 0.31 -10.97
C ALA B 86 19.55 -1.18 -10.56
N PHE B 87 19.09 -2.08 -11.43
CA PHE B 87 19.15 -3.49 -11.10
C PHE B 87 20.61 -3.96 -11.03
N SER B 88 21.42 -3.58 -12.00
CA SER B 88 22.80 -4.01 -11.98
C SER B 88 23.55 -3.39 -10.79
N VAL B 89 23.14 -2.19 -10.35
CA VAL B 89 23.77 -1.55 -9.22
C VAL B 89 23.41 -2.28 -7.94
N SER B 90 22.15 -2.70 -7.86
CA SER B 90 21.65 -3.45 -6.70
C SER B 90 22.30 -4.82 -6.64
N HIS B 91 22.48 -5.44 -7.80
CA HIS B 91 23.15 -6.72 -7.84
C HIS B 91 24.59 -6.62 -7.31
N PHE B 92 25.29 -5.54 -7.66
CA PHE B 92 26.66 -5.37 -7.18
C PHE B 92 26.70 -5.21 -5.65
N CYS B 93 25.74 -4.48 -5.11
CA CYS B 93 25.65 -4.39 -3.65
C CYS B 93 25.51 -5.78 -3.03
N TYR B 94 24.70 -6.62 -3.65
CA TYR B 94 24.56 -8.00 -3.21
C TYR B 94 25.90 -8.72 -3.30
N LEU B 95 26.62 -8.51 -4.40
CA LEU B 95 27.94 -9.13 -4.52
C LEU B 95 28.91 -8.69 -3.41
N LEU B 96 28.87 -7.41 -3.07
CA LEU B 96 29.68 -6.88 -1.96
C LEU B 96 29.28 -7.55 -0.66
N TYR B 97 27.98 -7.70 -0.45
CA TYR B 97 27.50 -8.38 0.76
C TYR B 97 28.05 -9.80 0.81
N LYS B 98 27.98 -10.49 -0.32
CA LYS B 98 28.36 -11.91 -0.36
C LYS B 98 29.86 -12.17 -0.33
N ASN B 99 30.64 -11.31 -0.98
CA ASN B 99 32.07 -11.57 -1.14
C ASN B 99 32.97 -10.82 -0.17
N LEU B 100 32.49 -9.69 0.35
CA LEU B 100 33.29 -8.91 1.30
C LEU B 100 32.86 -9.13 2.75
N GLU B 101 31.83 -9.95 2.97
CA GLU B 101 31.33 -10.22 4.32
C GLU B 101 30.97 -8.92 5.06
N LEU B 102 30.06 -8.15 4.49
CA LEU B 102 29.74 -6.82 5.03
C LEU B 102 29.14 -6.85 6.44
N THR B 103 28.58 -7.98 6.86
CA THR B 103 28.04 -8.07 8.22
C THR B 103 29.12 -7.98 9.28
N ASN B 104 30.38 -8.05 8.88
CA ASN B 104 31.47 -7.88 9.83
C ASN B 104 31.96 -6.43 9.91
N TYR B 105 31.38 -5.55 9.10
CA TYR B 105 31.79 -4.15 9.05
C TYR B 105 30.64 -3.18 9.34
N LEU B 106 29.45 -3.57 8.92
CA LEU B 106 28.29 -2.70 8.97
C LEU B 106 27.13 -3.34 9.73
N GLU B 107 26.31 -2.53 10.39
CA GLU B 107 25.07 -3.02 10.95
C GLU B 107 24.15 -3.54 9.86
N ASP B 108 23.29 -4.49 10.22
CA ASP B 108 22.32 -5.04 9.29
C ASP B 108 21.43 -3.94 8.69
N ILE B 109 21.02 -3.00 9.54
CA ILE B 109 20.15 -1.92 9.07
C ILE B 109 20.86 -1.02 8.04
N GLU B 110 22.17 -0.86 8.19
CA GLU B 110 22.93 -0.06 7.22
C GLU B 110 23.04 -0.78 5.89
N ILE B 111 23.21 -2.10 5.95
CA ILE B 111 23.32 -2.90 4.72
C ILE B 111 21.97 -2.91 4.00
N PHE B 112 20.89 -3.05 4.77
CA PHE B 112 19.54 -2.95 4.22
C PHE B 112 19.33 -1.60 3.51
N ALA B 113 19.67 -0.50 4.19
CA ALA B 113 19.53 0.83 3.61
C ALA B 113 20.38 0.96 2.36
N LEU B 114 21.58 0.38 2.37
CA LEU B 114 22.42 0.45 1.17
C LEU B 114 21.76 -0.23 -0.04
N PHE B 115 21.21 -1.42 0.18
CA PHE B 115 20.64 -2.21 -0.90
C PHE B 115 19.40 -1.53 -1.45
N ILE B 116 18.52 -1.11 -0.55
CA ILE B 116 17.32 -0.39 -0.99
C ILE B 116 17.71 0.95 -1.66
N SER B 117 18.74 1.63 -1.16
CA SER B 117 19.17 2.86 -1.80
C SER B 117 19.63 2.57 -3.21
N CYS B 118 20.30 1.44 -3.42
CA CYS B 118 20.77 1.07 -4.77
C CYS B 118 19.59 0.95 -5.74
N MET B 119 18.53 0.30 -5.28
CA MET B 119 17.34 0.11 -6.10
C MET B 119 16.79 1.46 -6.53
N CYS B 120 16.85 2.43 -5.62
CA CYS B 120 16.12 3.67 -5.76
C CYS B 120 16.96 4.84 -6.24
N HIS B 121 18.28 4.64 -6.36
CA HIS B 121 19.17 5.81 -6.32
C HIS B 121 19.09 6.73 -7.56
N ASP B 122 18.47 6.27 -8.65
CA ASP B 122 18.33 7.09 -9.87
C ASP B 122 16.86 7.20 -10.32
N LEU B 123 15.93 7.05 -9.38
CA LEU B 123 14.49 7.03 -9.71
C LEU B 123 14.05 8.28 -10.47
N ASP B 124 13.30 8.07 -11.54
CA ASP B 124 12.74 9.14 -12.38
C ASP B 124 13.82 9.98 -13.10
N HIS B 125 15.01 9.41 -13.28
CA HIS B 125 16.04 10.08 -14.07
C HIS B 125 15.55 10.38 -15.49
N ARG B 126 15.83 11.58 -16.00
CA ARG B 126 15.31 11.96 -17.32
C ARG B 126 16.40 11.93 -18.38
N GLY B 127 17.59 11.46 -18.01
CA GLY B 127 18.70 11.44 -18.95
C GLY B 127 19.42 12.77 -19.07
N THR B 128 19.19 13.66 -18.10
CA THR B 128 19.96 14.90 -18.03
C THR B 128 20.62 15.04 -16.67
N ASN B 129 21.68 15.83 -16.60
CA ASN B 129 22.48 15.92 -15.37
C ASN B 129 22.02 17.09 -14.50
N ASN B 130 22.72 17.33 -13.40
CA ASN B 130 22.36 18.44 -12.52
C ASN B 130 22.54 19.84 -13.14
N SER B 131 23.62 20.08 -13.87
CA SER B 131 23.81 21.39 -14.46
C SER B 131 22.66 21.70 -15.45
N PHE B 132 22.15 20.68 -16.13
CA PHE B 132 21.02 20.93 -17.03
C PHE B 132 19.80 21.42 -16.26
N GLN B 133 19.53 20.80 -15.11
CA GLN B 133 18.40 21.23 -14.27
C GLN B 133 18.53 22.69 -13.88
N VAL B 134 19.72 23.09 -13.48
CA VAL B 134 19.95 24.45 -13.01
C VAL B 134 19.83 25.47 -14.15
N ALA B 135 20.45 25.14 -15.28
CA ALA B 135 20.53 26.08 -16.41
C ALA B 135 19.21 26.23 -17.15
N SER B 136 18.43 25.15 -17.20
CA SER B 136 17.13 25.18 -17.83
C SER B 136 16.04 25.61 -16.85
N LYS B 137 16.44 25.97 -15.63
CA LYS B 137 15.52 26.38 -14.57
C LYS B 137 14.36 25.41 -14.40
N SER B 138 14.67 24.12 -14.28
CA SER B 138 13.64 23.10 -14.18
C SER B 138 12.91 23.17 -12.84
N VAL B 139 11.81 22.43 -12.75
CA VAL B 139 11.03 22.37 -11.50
C VAL B 139 11.85 21.73 -10.38
N LEU B 140 12.71 20.78 -10.75
CA LEU B 140 13.55 20.13 -9.75
C LEU B 140 14.54 21.13 -9.21
N ALA B 141 15.12 21.94 -10.09
CA ALA B 141 16.02 23.01 -9.67
C ALA B 141 15.29 24.08 -8.86
N ALA B 142 13.98 24.22 -9.10
CA ALA B 142 13.19 25.25 -8.44
C ALA B 142 12.99 24.87 -6.99
N LEU B 143 12.80 23.58 -6.77
CA LEU B 143 12.57 23.07 -5.42
C LEU B 143 13.88 22.97 -4.65
N TYR B 144 14.86 22.33 -5.26
CA TYR B 144 16.14 22.10 -4.63
C TYR B 144 17.12 23.16 -5.13
N SER B 145 16.99 24.39 -4.61
CA SER B 145 17.60 25.54 -5.25
C SER B 145 18.88 26.11 -4.62
N SER B 146 19.14 25.84 -3.35
CA SER B 146 20.40 26.27 -2.75
C SER B 146 21.28 25.04 -2.76
N GLU B 147 20.58 23.93 -2.90
CA GLU B 147 21.01 22.74 -3.63
C GLU B 147 22.44 22.26 -3.49
N GLY B 148 23.00 21.98 -4.65
CA GLY B 148 23.88 20.86 -4.80
C GLY B 148 22.91 19.71 -4.97
N SER B 149 23.26 18.79 -5.85
CA SER B 149 22.65 17.49 -5.94
C SER B 149 21.16 17.54 -6.21
N VAL B 150 20.77 18.32 -7.22
CA VAL B 150 19.37 18.45 -7.55
C VAL B 150 18.72 17.11 -7.89
N MET B 151 19.34 16.36 -8.80
CA MET B 151 18.74 15.10 -9.22
C MET B 151 18.71 14.12 -8.05
N GLU B 152 19.77 14.07 -7.25
CA GLU B 152 19.81 13.07 -6.17
C GLU B 152 18.77 13.39 -5.08
N ARG B 153 18.55 14.67 -4.82
CA ARG B 153 17.47 15.07 -3.93
C ARG B 153 16.15 14.56 -4.48
N HIS B 154 15.97 14.65 -5.81
CA HIS B 154 14.74 14.15 -6.39
C HIS B 154 14.62 12.62 -6.32
N HIS B 155 15.70 11.89 -6.56
CA HIS B 155 15.66 10.45 -6.48
C HIS B 155 15.19 9.98 -5.11
N PHE B 156 15.71 10.62 -4.08
CA PHE B 156 15.33 10.32 -2.69
C PHE B 156 13.85 10.63 -2.49
N ALA B 157 13.39 11.77 -3.02
CA ALA B 157 11.99 12.16 -2.90
C ALA B 157 11.09 11.12 -3.53
N GLN B 158 11.52 10.56 -4.65
CA GLN B 158 10.72 9.57 -5.34
C GLN B 158 10.66 8.28 -4.52
N ALA B 159 11.77 7.96 -3.86
CA ALA B 159 11.83 6.78 -3.01
C ALA B 159 10.84 6.97 -1.85
N ILE B 160 10.85 8.17 -1.25
CA ILE B 160 9.98 8.47 -0.11
C ILE B 160 8.50 8.36 -0.51
N ALA B 161 8.19 8.84 -1.70
CA ALA B 161 6.84 8.84 -2.23
C ALA B 161 6.34 7.40 -2.40
N ILE B 162 7.24 6.52 -2.81
CA ILE B 162 6.93 5.12 -2.97
C ILE B 162 6.67 4.45 -1.63
N LEU B 163 7.59 4.66 -0.69
CA LEU B 163 7.44 4.11 0.65
C LEU B 163 6.16 4.60 1.33
N ASN B 164 5.79 5.84 1.06
CA ASN B 164 4.58 6.42 1.66
C ASN B 164 3.31 6.13 0.88
N THR B 165 3.42 5.34 -0.18
CA THR B 165 2.24 4.92 -0.93
C THR B 165 1.67 3.69 -0.27
N HIS B 166 0.36 3.70 0.00
CA HIS B 166 -0.25 2.57 0.68
C HIS B 166 0.01 1.28 -0.07
N GLY B 167 0.40 0.25 0.67
CA GLY B 167 0.73 -1.04 0.09
C GLY B 167 2.20 -1.25 -0.21
N CYS B 168 3.00 -0.19 -0.08
CA CYS B 168 4.42 -0.28 -0.45
C CYS B 168 5.42 0.02 0.66
N ASN B 169 4.96 0.20 1.89
CA ASN B 169 5.92 0.55 2.94
C ASN B 169 6.63 -0.66 3.53
N ILE B 170 7.76 -1.01 2.95
CA ILE B 170 8.53 -2.16 3.40
C ILE B 170 9.29 -1.86 4.70
N PHE B 171 9.21 -0.61 5.16
CA PHE B 171 9.83 -0.23 6.44
C PHE B 171 8.81 -0.21 7.57
N ASP B 172 7.63 -0.78 7.35
CA ASP B 172 6.55 -0.64 8.31
C ASP B 172 6.85 -1.36 9.63
N HIS B 173 7.71 -2.38 9.56
CA HIS B 173 8.13 -3.15 10.73
C HIS B 173 8.94 -2.33 11.74
N PHE B 174 9.62 -1.30 11.25
CA PHE B 174 10.49 -0.47 12.09
C PHE B 174 9.75 0.40 13.09
N SER B 175 10.31 0.49 14.30
CA SER B 175 9.91 1.52 15.26
C SER B 175 10.03 2.90 14.63
N ARG B 176 9.38 3.92 15.21
CA ARG B 176 9.48 5.26 14.65
C ARG B 176 10.93 5.75 14.69
N LYS B 177 11.70 5.37 15.71
CA LYS B 177 13.12 5.74 15.75
C LYS B 177 13.92 5.14 14.59
N ASP B 178 13.80 3.83 14.38
CA ASP B 178 14.51 3.17 13.28
C ASP B 178 14.02 3.58 11.90
N TYR B 179 12.73 3.86 11.79
CA TYR B 179 12.19 4.37 10.52
C TYR B 179 12.86 5.68 10.15
N GLN B 180 12.99 6.59 11.11
CA GLN B 180 13.70 7.84 10.82
C GLN B 180 15.16 7.58 10.48
N ARG B 181 15.77 6.61 11.16
CA ARG B 181 17.16 6.28 10.88
C ARG B 181 17.29 5.78 9.45
N MET B 182 16.32 4.98 9.02
CA MET B 182 16.33 4.43 7.68
C MET B 182 16.19 5.52 6.63
N LEU B 183 15.24 6.44 6.85
CA LEU B 183 15.05 7.54 5.90
C LEU B 183 16.32 8.40 5.79
N ASP B 184 16.94 8.66 6.93
CA ASP B 184 18.14 9.50 6.95
C ASP B 184 19.33 8.80 6.32
N LEU B 185 19.46 7.49 6.55
CA LEU B 185 20.47 6.69 5.86
C LEU B 185 20.27 6.71 4.35
N MET B 186 19.04 6.50 3.92
CA MET B 186 18.76 6.49 2.47
C MET B 186 19.08 7.85 1.86
N ARG B 187 18.78 8.95 2.54
CA ARG B 187 19.12 10.26 1.98
C ARG B 187 20.62 10.42 1.82
N ASP B 188 21.36 10.05 2.86
CA ASP B 188 22.82 10.16 2.85
C ASP B 188 23.43 9.33 1.72
N ILE B 189 22.91 8.14 1.53
CA ILE B 189 23.51 7.19 0.61
C ILE B 189 23.20 7.61 -0.81
N ILE B 190 21.95 8.03 -1.04
CA ILE B 190 21.60 8.53 -2.37
C ILE B 190 22.33 9.85 -2.68
N LEU B 191 22.53 10.71 -1.67
CA LEU B 191 23.22 11.97 -1.92
C LEU B 191 24.69 11.73 -2.27
N ALA B 192 25.23 10.61 -1.80
CA ALA B 192 26.62 10.21 -2.07
C ALA B 192 26.85 9.85 -3.55
N THR B 193 25.79 9.56 -4.30
CA THR B 193 25.95 9.27 -5.73
C THR B 193 26.18 10.51 -6.62
N ASP B 194 26.10 11.70 -6.04
CA ASP B 194 26.52 12.93 -6.75
C ASP B 194 28.04 12.97 -6.78
N LEU B 195 28.62 13.01 -7.98
CA LEU B 195 30.07 13.06 -8.10
C LEU B 195 30.67 14.18 -7.28
N ALA B 196 29.96 15.31 -7.18
CA ALA B 196 30.44 16.45 -6.40
C ALA B 196 30.65 16.05 -4.93
N HIS B 197 29.74 15.24 -4.41
CA HIS B 197 29.85 14.73 -3.05
C HIS B 197 31.09 13.83 -2.89
N HIS B 198 31.26 12.86 -3.80
CA HIS B 198 32.41 11.97 -3.74
C HIS B 198 33.72 12.76 -3.78
N LEU B 199 33.79 13.78 -4.63
CA LEU B 199 35.00 14.57 -4.71
C LEU B 199 35.29 15.28 -3.39
N ARG B 200 34.25 15.76 -2.73
CA ARG B 200 34.40 16.46 -1.46
C ARG B 200 34.87 15.55 -0.32
N ILE B 201 34.42 14.30 -0.31
CA ILE B 201 34.82 13.41 0.78
C ILE B 201 36.03 12.55 0.42
N PHE B 202 36.58 12.71 -0.79
CA PHE B 202 37.63 11.81 -1.26
C PHE B 202 38.79 11.76 -0.28
N LYS B 203 39.20 12.93 0.20
CA LYS B 203 40.31 13.01 1.15
C LYS B 203 40.03 12.25 2.44
N ASP B 204 38.79 12.32 2.91
CA ASP B 204 38.40 11.58 4.11
C ASP B 204 38.38 10.07 3.89
N LEU B 205 38.01 9.65 2.67
CA LEU B 205 38.04 8.24 2.31
C LEU B 205 39.49 7.73 2.31
N GLN B 206 40.40 8.55 1.78
CA GLN B 206 41.81 8.17 1.72
C GLN B 206 42.38 8.01 3.13
N LYS B 207 42.01 8.93 4.03
CA LYS B 207 42.49 8.84 5.40
C LYS B 207 41.92 7.59 6.07
N MET B 208 40.67 7.27 5.78
CA MET B 208 40.09 6.08 6.37
C MET B 208 40.80 4.81 5.89
N ALA B 209 41.15 4.77 4.61
CA ALA B 209 41.84 3.61 4.06
C ALA B 209 43.27 3.49 4.60
N GLU B 210 43.89 4.64 4.86
CA GLU B 210 45.27 4.63 5.35
C GLU B 210 45.37 4.19 6.82
N VAL B 211 44.44 4.64 7.65
CA VAL B 211 44.48 4.33 9.08
C VAL B 211 43.79 2.99 9.35
N GLY B 212 42.88 2.63 8.46
CA GLY B 212 42.15 1.39 8.57
C GLY B 212 40.76 1.59 9.12
N TYR B 213 39.82 0.84 8.58
CA TYR B 213 38.43 0.92 9.02
C TYR B 213 38.29 0.56 10.50
N ASP B 214 37.55 1.40 11.21
CA ASP B 214 37.25 1.18 12.62
C ASP B 214 35.73 1.06 12.75
N ARG B 215 35.26 -0.14 13.10
CA ARG B 215 33.82 -0.37 13.18
C ARG B 215 33.17 0.36 14.36
N ASN B 216 33.98 0.86 15.29
CA ASN B 216 33.43 1.60 16.41
C ASN B 216 33.45 3.11 16.14
N ASN B 217 33.88 3.47 14.94
CA ASN B 217 33.95 4.86 14.52
C ASN B 217 32.72 5.18 13.67
N LYS B 218 31.85 6.04 14.16
CA LYS B 218 30.59 6.32 13.47
C LYS B 218 30.81 6.99 12.11
N GLN B 219 31.78 7.88 12.04
CA GLN B 219 32.10 8.53 10.76
C GLN B 219 32.62 7.52 9.74
N HIS B 220 33.34 6.50 10.22
CA HIS B 220 33.82 5.47 9.28
C HIS B 220 32.67 4.69 8.65
N HIS B 221 31.61 4.43 9.41
CA HIS B 221 30.44 3.78 8.86
C HIS B 221 29.84 4.63 7.74
N ARG B 222 29.69 5.93 8.01
CA ARG B 222 29.09 6.84 7.05
C ARG B 222 29.95 6.88 5.80
N LEU B 223 31.25 7.05 5.98
CA LEU B 223 32.17 7.11 4.85
C LEU B 223 32.17 5.81 4.05
N LEU B 224 32.18 4.68 4.75
CA LEU B 224 32.18 3.39 4.08
C LEU B 224 30.91 3.19 3.25
N LEU B 225 29.76 3.60 3.79
CA LEU B 225 28.53 3.47 3.04
C LEU B 225 28.59 4.28 1.75
N CYS B 226 29.20 5.46 1.80
CA CYS B 226 29.32 6.32 0.61
C CYS B 226 30.19 5.66 -0.44
N LEU B 227 31.34 5.14 -0.02
CA LEU B 227 32.25 4.44 -0.93
C LEU B 227 31.58 3.22 -1.56
N LEU B 228 30.88 2.44 -0.75
CA LEU B 228 30.20 1.23 -1.23
C LEU B 228 29.15 1.61 -2.26
N MET B 229 28.42 2.69 -1.98
CA MET B 229 27.39 3.13 -2.91
C MET B 229 28.01 3.56 -4.25
N THR B 230 29.10 4.32 -4.20
CA THR B 230 29.72 4.77 -5.45
C THR B 230 30.31 3.57 -6.18
N SER B 231 30.74 2.56 -5.42
CA SER B 231 31.29 1.36 -6.04
C SER B 231 30.23 0.62 -6.82
N CYS B 232 29.04 0.56 -6.26
CA CYS B 232 27.92 -0.07 -6.95
C CYS B 232 27.54 0.73 -8.18
N ASP B 233 27.50 2.06 -8.03
CA ASP B 233 27.08 2.90 -9.13
C ASP B 233 27.95 2.71 -10.39
N LEU B 234 29.25 2.54 -10.21
CA LEU B 234 30.20 2.40 -11.32
C LEU B 234 30.57 0.95 -11.67
N SER B 235 29.80 0.00 -11.18
CA SER B 235 30.21 -1.42 -11.21
C SER B 235 30.22 -2.04 -12.62
N ASP B 236 29.61 -1.37 -13.59
CA ASP B 236 29.73 -1.82 -15.00
C ASP B 236 31.20 -1.80 -15.45
N GLN B 237 32.02 -0.98 -14.82
CA GLN B 237 33.43 -0.91 -15.18
C GLN B 237 34.24 -2.11 -14.66
N THR B 238 33.66 -2.92 -13.78
CA THR B 238 34.39 -4.03 -13.19
C THR B 238 34.13 -5.35 -13.88
N LYS B 239 33.44 -5.33 -15.02
CA LYS B 239 33.16 -6.57 -15.72
C LYS B 239 34.16 -6.71 -16.88
N GLY B 240 33.76 -7.37 -17.96
CA GLY B 240 34.63 -7.49 -19.12
C GLY B 240 34.60 -6.29 -20.04
N TRP B 241 35.49 -6.27 -21.03
CA TRP B 241 35.55 -5.19 -22.01
C TRP B 241 34.20 -4.93 -22.67
N LYS B 242 33.50 -6.00 -23.03
CA LYS B 242 32.23 -5.86 -23.73
C LYS B 242 31.21 -5.04 -22.95
N THR B 243 31.18 -5.23 -21.63
CA THR B 243 30.27 -4.48 -20.80
C THR B 243 30.66 -3.01 -20.76
N THR B 244 31.95 -2.74 -20.58
CA THR B 244 32.42 -1.37 -20.58
C THR B 244 32.17 -0.68 -21.92
N ARG B 245 32.25 -1.43 -23.01
CA ARG B 245 32.03 -0.84 -24.32
C ARG B 245 30.56 -0.51 -24.52
N LYS B 246 29.69 -1.43 -24.13
CA LYS B 246 28.26 -1.22 -24.31
C LYS B 246 27.78 -0.06 -23.44
N ILE B 247 28.28 0.01 -22.22
CA ILE B 247 27.82 1.07 -21.31
C ILE B 247 28.32 2.43 -21.80
N ALA B 248 29.50 2.47 -22.41
CA ALA B 248 29.97 3.70 -23.03
C ALA B 248 29.01 4.16 -24.14
N GLU B 249 28.52 3.22 -24.95
CA GLU B 249 27.52 3.53 -26.01
C GLU B 249 26.29 4.21 -25.41
N LEU B 250 25.79 3.63 -24.33
CA LEU B 250 24.57 4.08 -23.68
C LEU B 250 24.76 5.45 -23.05
N ILE B 251 25.86 5.60 -22.31
CA ILE B 251 26.16 6.87 -21.66
C ILE B 251 26.30 8.01 -22.68
N TYR B 252 27.03 7.82 -23.77
CA TYR B 252 27.23 8.97 -24.67
C TYR B 252 25.98 9.26 -25.51
N LYS B 253 25.19 8.23 -25.82
CA LYS B 253 23.89 8.47 -26.43
C LYS B 253 23.06 9.40 -25.55
N GLU B 254 23.07 9.12 -24.25
CA GLU B 254 22.32 9.93 -23.31
C GLU B 254 22.93 11.32 -23.26
N PHE B 255 24.25 11.40 -23.07
CA PHE B 255 24.92 12.71 -22.99
C PHE B 255 24.64 13.54 -24.23
N PHE B 256 24.79 12.94 -25.41
CA PHE B 256 24.66 13.73 -26.63
C PHE B 256 23.23 14.22 -26.86
N SER B 257 22.24 13.45 -26.44
CA SER B 257 20.86 13.93 -26.48
C SER B 257 20.68 15.22 -25.62
N GLN B 258 21.27 15.24 -24.44
CA GLN B 258 21.22 16.45 -23.63
C GLN B 258 21.91 17.60 -24.38
N GLY B 259 23.10 17.32 -24.91
CA GLY B 259 23.84 18.31 -25.65
C GLY B 259 23.05 18.92 -26.78
N ASP B 260 22.36 18.08 -27.56
CA ASP B 260 21.58 18.55 -28.70
C ASP B 260 20.50 19.51 -28.20
N LEU B 261 19.91 19.15 -27.06
CA LEU B 261 18.83 19.96 -26.52
C LEU B 261 19.35 21.30 -26.01
N GLU B 262 20.49 21.27 -25.34
CA GLU B 262 21.16 22.49 -24.90
C GLU B 262 21.48 23.44 -26.05
N LYS B 263 21.98 22.89 -27.16
CA LYS B 263 22.27 23.71 -28.33
C LYS B 263 21.03 24.39 -28.89
N ALA B 264 19.92 23.66 -28.91
CA ALA B 264 18.66 24.22 -29.40
C ALA B 264 18.17 25.34 -28.48
N MET B 265 18.49 25.24 -27.20
CA MET B 265 18.04 26.22 -26.22
C MET B 265 18.91 27.47 -26.21
N GLY B 266 20.11 27.38 -26.79
CA GLY B 266 21.01 28.51 -26.83
C GLY B 266 22.01 28.46 -25.71
N ASN B 267 22.15 27.30 -25.08
CA ASN B 267 23.14 27.11 -24.03
C ASN B 267 24.35 26.38 -24.60
N ARG B 268 25.49 26.53 -23.93
CA ARG B 268 26.73 25.91 -24.38
C ARG B 268 26.95 24.60 -23.63
N PRO B 269 26.86 23.46 -24.35
CA PRO B 269 27.04 22.19 -23.64
C PRO B 269 28.49 21.93 -23.24
N MET B 270 28.70 21.12 -22.20
CA MET B 270 30.03 20.57 -21.92
C MET B 270 30.54 19.87 -23.19
N GLU B 271 31.86 19.85 -23.35
CA GLU B 271 32.44 19.16 -24.51
C GLU B 271 32.02 17.67 -24.56
N MET B 272 31.97 17.01 -23.41
CA MET B 272 31.67 15.58 -23.38
C MET B 272 30.24 15.28 -23.79
N MET B 273 29.43 16.33 -23.87
CA MET B 273 28.03 16.17 -24.24
C MET B 273 27.76 16.73 -25.65
N ASP B 274 28.81 17.24 -26.28
CA ASP B 274 28.71 17.76 -27.64
C ASP B 274 29.21 16.71 -28.63
N ARG B 275 28.29 16.11 -29.38
CA ARG B 275 28.66 15.04 -30.31
C ARG B 275 29.57 15.51 -31.45
N GLU B 276 29.71 16.82 -31.63
CA GLU B 276 30.61 17.35 -32.64
C GLU B 276 32.04 17.51 -32.11
N LYS B 277 32.18 17.50 -30.79
CA LYS B 277 33.47 17.75 -30.17
C LYS B 277 33.99 16.54 -29.38
N ALA B 278 33.08 15.76 -28.81
CA ALA B 278 33.43 14.65 -27.92
C ALA B 278 34.31 13.61 -28.61
N TYR B 279 35.40 13.26 -27.94
CA TYR B 279 36.28 12.20 -28.41
C TYR B 279 36.23 11.08 -27.38
N ILE B 280 35.36 10.10 -27.62
CA ILE B 280 35.01 9.11 -26.61
C ILE B 280 36.18 8.36 -25.93
N PRO B 281 37.21 7.92 -26.68
CA PRO B 281 38.30 7.20 -26.01
C PRO B 281 38.96 8.01 -24.90
N GLU B 282 39.36 9.23 -25.21
CA GLU B 282 40.00 10.11 -24.24
C GLU B 282 39.06 10.40 -23.06
N LEU B 283 37.79 10.63 -23.39
CA LEU B 283 36.79 10.91 -22.35
C LEU B 283 36.63 9.73 -21.41
N GLN B 284 36.53 8.52 -21.98
CA GLN B 284 36.36 7.33 -21.15
C GLN B 284 37.61 7.04 -20.32
N ILE B 285 38.79 7.20 -20.92
CA ILE B 285 40.05 6.99 -20.19
C ILE B 285 40.17 7.98 -19.02
N SER B 286 39.83 9.23 -19.26
CA SER B 286 39.85 10.23 -18.20
C SER B 286 38.91 9.86 -17.06
N PHE B 287 37.69 9.47 -17.39
CA PHE B 287 36.72 9.06 -16.37
C PHE B 287 37.26 7.88 -15.56
N MET B 288 37.88 6.93 -16.25
CA MET B 288 38.37 5.73 -15.60
C MET B 288 39.54 6.07 -14.68
N GLU B 289 40.44 6.94 -15.13
CA GLU B 289 41.65 7.21 -14.38
C GLU B 289 41.38 8.12 -13.18
N HIS B 290 40.47 9.07 -13.34
CA HIS B 290 40.28 10.13 -12.36
C HIS B 290 39.10 9.91 -11.43
N ILE B 291 38.22 8.97 -11.77
CA ILE B 291 37.02 8.74 -10.96
C ILE B 291 36.88 7.26 -10.57
N ALA B 292 36.77 6.37 -11.55
CA ALA B 292 36.45 4.97 -11.24
C ALA B 292 37.63 4.24 -10.59
N MET B 293 38.82 4.31 -11.20
CA MET B 293 39.96 3.61 -10.64
C MET B 293 40.27 4.00 -9.17
N PRO B 294 40.26 5.31 -8.83
CA PRO B 294 40.54 5.62 -7.42
C PRO B 294 39.51 5.07 -6.44
N ILE B 295 38.25 4.95 -6.89
CA ILE B 295 37.21 4.38 -6.05
C ILE B 295 37.52 2.90 -5.78
N TYR B 296 37.85 2.13 -6.81
CA TYR B 296 38.13 0.70 -6.59
C TYR B 296 39.49 0.46 -5.93
N LYS B 297 40.42 1.40 -6.08
CA LYS B 297 41.67 1.35 -5.34
C LYS B 297 41.40 1.53 -3.84
N LEU B 298 40.51 2.45 -3.50
CA LEU B 298 40.11 2.65 -2.11
C LEU B 298 39.42 1.40 -1.56
N LEU B 299 38.59 0.77 -2.39
CA LEU B 299 37.89 -0.44 -1.99
C LEU B 299 38.88 -1.56 -1.68
N GLN B 300 39.85 -1.73 -2.58
CA GLN B 300 40.95 -2.69 -2.40
C GLN B 300 41.77 -2.39 -1.14
N ASP B 301 42.00 -1.10 -0.87
CA ASP B 301 42.79 -0.71 0.31
C ASP B 301 42.07 -1.08 1.60
N LEU B 302 40.74 -1.10 1.55
CA LEU B 302 39.89 -1.45 2.69
C LEU B 302 39.55 -2.93 2.77
N PHE B 303 39.42 -3.58 1.61
CA PHE B 303 39.02 -4.98 1.52
C PHE B 303 39.93 -5.69 0.54
N PRO B 304 40.92 -6.43 1.05
CA PRO B 304 41.82 -7.19 0.16
C PRO B 304 41.09 -8.05 -0.87
N LYS B 305 39.92 -8.57 -0.50
CA LYS B 305 39.15 -9.43 -1.39
C LYS B 305 38.54 -8.67 -2.57
N ALA B 306 38.67 -7.34 -2.55
CA ALA B 306 38.16 -6.52 -3.64
C ALA B 306 39.24 -6.22 -4.68
N ALA B 307 40.44 -6.76 -4.49
CA ALA B 307 41.56 -6.47 -5.38
C ALA B 307 41.24 -6.77 -6.84
N GLU B 308 40.52 -7.86 -7.09
CA GLU B 308 40.24 -8.27 -8.47
C GLU B 308 39.38 -7.23 -9.19
N LEU B 309 38.59 -6.48 -8.43
CA LEU B 309 37.78 -5.40 -9.00
C LEU B 309 38.65 -4.30 -9.60
N TYR B 310 39.58 -3.78 -8.81
CA TYR B 310 40.48 -2.74 -9.27
C TYR B 310 41.26 -3.21 -10.48
N GLU B 311 41.74 -4.45 -10.41
CA GLU B 311 42.52 -5.00 -11.50
C GLU B 311 41.69 -5.08 -12.77
N ARG B 312 40.40 -5.37 -12.63
CA ARG B 312 39.55 -5.45 -13.80
C ARG B 312 39.29 -4.05 -14.38
N VAL B 313 39.10 -3.07 -13.51
CA VAL B 313 38.90 -1.70 -13.98
C VAL B 313 40.16 -1.17 -14.66
N ALA B 314 41.32 -1.42 -14.06
CA ALA B 314 42.59 -1.02 -14.67
C ALA B 314 42.76 -1.68 -16.03
N SER B 315 42.41 -2.96 -16.10
CA SER B 315 42.54 -3.71 -17.34
C SER B 315 41.66 -3.13 -18.45
N ASN B 316 40.43 -2.79 -18.09
CA ASN B 316 39.49 -2.19 -19.03
C ASN B 316 39.96 -0.83 -19.51
N ARG B 317 40.59 -0.06 -18.63
CA ARG B 317 41.17 1.21 -19.00
C ARG B 317 42.31 0.99 -20.00
N GLU B 318 43.09 -0.06 -19.79
CA GLU B 318 44.19 -0.37 -20.71
C GLU B 318 43.65 -0.74 -22.09
N HIS B 319 42.53 -1.46 -22.08
CA HIS B 319 41.82 -1.88 -23.29
C HIS B 319 41.39 -0.67 -24.12
N TRP B 320 40.93 0.38 -23.45
CA TRP B 320 40.49 1.59 -24.11
C TRP B 320 41.63 2.32 -24.80
N THR B 321 42.81 2.30 -24.19
CA THR B 321 43.98 2.93 -24.80
C THR B 321 44.40 2.14 -26.04
N LYS B 322 44.14 0.84 -26.03
CA LYS B 322 44.60 0.00 -27.13
C LYS B 322 43.67 0.08 -28.35
N VAL B 323 42.39 0.38 -28.13
CA VAL B 323 41.45 0.48 -29.23
C VAL B 323 41.18 1.92 -29.64
N SER B 324 41.82 2.86 -28.96
CA SER B 324 41.59 4.28 -29.18
C SER B 324 41.80 4.67 -30.63
N HIS B 325 42.87 4.12 -31.21
CA HIS B 325 43.30 4.46 -32.57
C HIS B 325 42.21 4.19 -33.59
N LYS B 326 41.29 3.29 -33.25
CA LYS B 326 40.19 2.94 -34.15
C LYS B 326 39.22 4.09 -34.37
N PHE B 327 39.33 5.14 -33.56
CA PHE B 327 38.42 6.28 -33.70
C PHE B 327 38.95 7.26 -34.72
N THR B 328 40.13 6.95 -35.24
CA THR B 328 40.66 7.61 -36.43
C THR B 328 40.48 6.64 -37.57
N ILE B 329 39.76 7.07 -38.61
CA ILE B 329 39.47 6.20 -39.74
C ILE B 329 40.70 6.03 -40.63
N ARG B 330 41.30 4.85 -40.56
CA ARG B 330 42.38 4.50 -41.48
C ARG B 330 41.83 3.52 -42.50
N GLY B 331 42.40 3.52 -43.70
CA GLY B 331 41.83 2.76 -44.79
C GLY B 331 40.51 3.38 -45.24
N LEU B 332 39.63 2.56 -45.77
CA LEU B 332 38.28 3.00 -46.13
C LEU B 332 37.30 2.53 -45.07
N PRO B 333 36.16 3.25 -44.92
CA PRO B 333 35.06 2.73 -44.11
C PRO B 333 34.58 1.39 -44.67
N SER B 334 33.79 0.62 -43.92
CA SER B 334 33.31 -0.67 -44.44
C SER B 334 32.50 -0.47 -45.72
N ASN B 335 32.04 0.76 -45.93
CA ASN B 335 31.37 1.18 -47.15
C ASN B 335 32.24 1.05 -48.40
N ASN B 336 33.56 1.11 -48.19
CA ASN B 336 34.51 1.36 -49.28
C ASN B 336 34.17 2.67 -49.98
N SER B 337 33.58 3.59 -49.22
CA SER B 337 33.10 4.85 -49.76
C SER B 337 33.54 6.05 -48.93
N LEU B 338 33.80 7.15 -49.61
CA LEU B 338 34.19 8.39 -48.96
C LEU B 338 33.04 9.40 -49.01
N ASP B 339 31.81 8.90 -49.14
CA ASP B 339 30.66 9.79 -49.32
C ASP B 339 30.38 10.58 -48.05
N PHE B 340 30.86 10.08 -46.92
CA PHE B 340 30.69 10.76 -45.65
C PHE B 340 31.45 12.09 -45.61
N LEU B 341 32.30 12.33 -46.59
CA LEU B 341 33.04 13.59 -46.68
C LEU B 341 32.13 14.72 -47.13
N GLN C 16 -3.31 -57.34 8.18
CA GLN C 16 -3.01 -56.06 8.79
C GLN C 16 -1.57 -55.87 9.31
N PRO C 17 -0.86 -56.96 9.65
CA PRO C 17 0.55 -56.64 10.00
C PRO C 17 1.35 -56.15 8.80
N VAL C 18 2.18 -55.13 8.99
CA VAL C 18 2.96 -54.55 7.90
C VAL C 18 3.94 -55.57 7.32
N ALA C 19 4.39 -56.51 8.14
CA ALA C 19 5.27 -57.57 7.64
C ALA C 19 4.55 -58.38 6.55
N ALA C 20 3.23 -58.47 6.67
CA ALA C 20 2.42 -59.26 5.74
C ALA C 20 2.22 -58.58 4.39
N ILE C 21 2.45 -57.27 4.31
CA ILE C 21 2.27 -56.57 3.04
C ILE C 21 3.52 -56.70 2.16
N ASP C 22 4.69 -56.61 2.79
CA ASP C 22 5.97 -56.81 2.09
C ASP C 22 7.12 -56.87 3.09
N SER C 23 8.04 -57.81 2.88
CA SER C 23 9.20 -57.98 3.74
C SER C 23 10.07 -56.74 3.86
N ASN C 24 9.97 -55.86 2.87
CA ASN C 24 10.82 -54.68 2.76
C ASN C 24 10.03 -53.39 3.05
N PHE C 25 8.79 -53.55 3.50
CA PHE C 25 7.87 -52.42 3.64
C PHE C 25 8.40 -51.29 4.51
N ALA C 26 9.23 -51.61 5.49
CA ALA C 26 9.73 -50.59 6.40
C ALA C 26 11.12 -50.09 5.99
N SER C 27 11.53 -50.40 4.78
CA SER C 27 12.87 -50.04 4.31
C SER C 27 12.87 -48.81 3.40
N PHE C 28 13.93 -48.01 3.48
CA PHE C 28 14.10 -46.85 2.61
C PHE C 28 14.18 -47.22 1.12
N THR C 29 14.42 -48.48 0.83
CA THR C 29 14.48 -48.93 -0.56
C THR C 29 13.11 -49.29 -1.14
N TYR C 30 12.11 -49.41 -0.27
CA TYR C 30 10.75 -49.80 -0.69
C TYR C 30 10.06 -48.68 -1.46
N THR C 31 9.36 -49.05 -2.52
CA THR C 31 8.63 -48.07 -3.32
C THR C 31 7.12 -48.22 -3.13
N PRO C 32 6.52 -47.34 -2.31
CA PRO C 32 5.09 -47.39 -1.97
C PRO C 32 4.18 -47.39 -3.19
N ARG C 33 4.62 -46.79 -4.29
CA ARG C 33 3.80 -46.75 -5.50
C ARG C 33 3.70 -48.13 -6.14
N SER C 34 4.52 -49.07 -5.69
CA SER C 34 4.45 -50.45 -6.19
C SER C 34 3.25 -51.16 -5.61
N LEU C 35 2.64 -50.57 -4.58
CA LEU C 35 1.48 -51.16 -3.94
C LEU C 35 0.24 -50.83 -4.75
N PRO C 36 -0.59 -51.85 -5.05
CA PRO C 36 -1.87 -51.63 -5.72
C PRO C 36 -2.69 -50.58 -4.99
N GLU C 37 -3.39 -49.73 -5.73
CA GLU C 37 -4.08 -48.59 -5.12
C GLU C 37 -5.22 -49.07 -4.24
N ASP C 38 -5.79 -50.22 -4.60
CA ASP C 38 -6.86 -50.83 -3.83
C ASP C 38 -6.39 -51.31 -2.47
N ASP C 39 -5.08 -51.45 -2.31
CA ASP C 39 -4.49 -51.93 -1.06
C ASP C 39 -3.93 -50.81 -0.17
N THR C 40 -3.97 -49.56 -0.63
CA THR C 40 -3.30 -48.49 0.09
C THR C 40 -4.00 -48.11 1.41
N SER C 41 -5.32 -48.18 1.43
CA SER C 41 -6.06 -47.85 2.66
C SER C 41 -5.71 -48.80 3.80
N MET C 42 -5.57 -50.09 3.48
CA MET C 42 -5.20 -51.05 4.50
C MET C 42 -3.77 -50.78 4.97
N ALA C 43 -2.91 -50.43 4.01
CA ALA C 43 -1.52 -50.10 4.34
C ALA C 43 -1.45 -48.93 5.32
N ILE C 44 -2.35 -47.96 5.16
CA ILE C 44 -2.41 -46.83 6.07
C ILE C 44 -2.72 -47.30 7.50
N LEU C 45 -3.78 -48.08 7.65
CA LEU C 45 -4.16 -48.65 8.94
C LEU C 45 -3.02 -49.47 9.55
N SER C 46 -2.33 -50.24 8.71
CA SER C 46 -1.23 -51.09 9.18
C SER C 46 -0.03 -50.28 9.69
N MET C 47 0.26 -49.18 9.02
CA MET C 47 1.35 -48.30 9.45
C MET C 47 1.02 -47.67 10.80
N LEU C 48 -0.21 -47.19 10.95
CA LEU C 48 -0.64 -46.52 12.18
C LEU C 48 -0.54 -47.45 13.38
N GLN C 49 -0.90 -48.72 13.20
CA GLN C 49 -0.84 -49.69 14.30
C GLN C 49 0.58 -50.21 14.51
N ASP C 50 1.37 -50.27 13.43
CA ASP C 50 2.78 -50.61 13.58
C ASP C 50 3.49 -49.51 14.37
N MET C 51 3.00 -48.28 14.22
CA MET C 51 3.48 -47.17 15.03
C MET C 51 2.70 -47.14 16.34
N ASN C 52 1.83 -48.13 16.50
CA ASN C 52 0.97 -48.30 17.69
C ASN C 52 0.13 -47.08 18.08
N PHE C 53 -0.06 -46.15 17.14
CA PHE C 53 -0.81 -44.93 17.37
C PHE C 53 -2.25 -45.20 17.78
N ILE C 54 -2.85 -46.21 17.16
CA ILE C 54 -4.25 -46.55 17.42
C ILE C 54 -4.50 -46.93 18.87
N ASN C 55 -3.65 -47.78 19.42
CA ASN C 55 -3.81 -48.17 20.82
C ASN C 55 -3.38 -47.08 21.80
N ASN C 56 -2.28 -46.41 21.50
CA ASN C 56 -1.78 -45.36 22.39
C ASN C 56 -2.74 -44.19 22.54
N TYR C 57 -3.42 -43.83 21.46
CA TYR C 57 -4.37 -42.74 21.51
C TYR C 57 -5.81 -43.23 21.55
N LYS C 58 -5.98 -44.54 21.70
CA LYS C 58 -7.28 -45.20 21.75
C LYS C 58 -8.16 -44.76 20.59
N ILE C 59 -7.58 -44.65 19.40
CA ILE C 59 -8.36 -44.27 18.24
C ILE C 59 -9.43 -45.31 17.96
N ASP C 60 -10.66 -44.85 17.76
CA ASP C 60 -11.74 -45.73 17.38
C ASP C 60 -11.51 -46.18 15.94
N CYS C 61 -11.33 -47.49 15.78
CA CYS C 61 -10.96 -48.09 14.50
C CYS C 61 -11.99 -47.88 13.37
N PRO C 62 -13.30 -48.09 13.63
CA PRO C 62 -14.24 -47.80 12.54
C PRO C 62 -14.22 -46.32 12.13
N THR C 63 -14.03 -45.42 13.09
CA THR C 63 -13.88 -44.01 12.76
C THR C 63 -12.63 -43.78 11.91
N LEU C 64 -11.56 -44.48 12.26
CA LEU C 64 -10.29 -44.36 11.54
C LEU C 64 -10.42 -44.86 10.10
N ALA C 65 -11.19 -45.93 9.92
CA ALA C 65 -11.40 -46.50 8.60
C ALA C 65 -12.18 -45.53 7.71
N ARG C 66 -13.28 -45.01 8.24
CA ARG C 66 -14.08 -44.03 7.50
C ARG C 66 -13.28 -42.76 7.18
N PHE C 67 -12.43 -42.34 8.13
CA PHE C 67 -11.55 -41.19 7.92
C PHE C 67 -10.63 -41.43 6.74
N CYS C 68 -9.91 -42.55 6.79
CA CYS C 68 -8.97 -42.90 5.72
C CYS C 68 -9.63 -42.98 4.35
N LEU C 69 -10.83 -43.56 4.31
CA LEU C 69 -11.58 -43.64 3.05
C LEU C 69 -11.93 -42.27 2.51
N MET C 70 -12.45 -41.40 3.38
CA MET C 70 -12.82 -40.04 2.98
C MET C 70 -11.62 -39.25 2.49
N VAL C 71 -10.46 -39.43 3.11
CA VAL C 71 -9.25 -38.73 2.70
C VAL C 71 -8.87 -39.17 1.28
N LYS C 72 -8.84 -40.48 1.09
CA LYS C 72 -8.52 -41.03 -0.22
C LYS C 72 -9.47 -40.51 -1.29
N LYS C 73 -10.76 -40.46 -0.94
CA LYS C 73 -11.79 -40.01 -1.86
C LYS C 73 -11.68 -38.51 -2.14
N GLY C 74 -11.02 -37.81 -1.22
CA GLY C 74 -10.88 -36.36 -1.29
C GLY C 74 -9.84 -35.89 -2.30
N TYR C 75 -9.16 -36.83 -2.95
CA TYR C 75 -8.18 -36.45 -3.97
C TYR C 75 -8.76 -36.56 -5.36
N ARG C 76 -8.45 -35.59 -6.21
CA ARG C 76 -8.88 -35.65 -7.60
C ARG C 76 -7.87 -36.48 -8.39
N ASP C 77 -7.98 -36.48 -9.72
CA ASP C 77 -7.10 -37.33 -10.50
C ASP C 77 -6.16 -36.62 -11.49
N PRO C 78 -5.47 -35.54 -11.07
CA PRO C 78 -4.43 -35.04 -11.96
C PRO C 78 -3.27 -36.04 -12.05
N PRO C 79 -2.36 -35.85 -13.01
CA PRO C 79 -1.27 -36.83 -13.19
C PRO C 79 -0.41 -37.07 -11.94
N TYR C 80 -0.11 -36.02 -11.20
CA TYR C 80 0.80 -36.16 -10.07
C TYR C 80 0.11 -36.01 -8.71
N HIS C 81 -0.67 -34.94 -8.56
CA HIS C 81 -1.24 -34.61 -7.23
C HIS C 81 -2.54 -35.36 -6.91
N ASN C 82 -2.40 -36.68 -6.79
CA ASN C 82 -3.51 -37.59 -6.57
C ASN C 82 -3.30 -38.38 -5.28
N TRP C 83 -4.21 -39.30 -4.97
CA TRP C 83 -4.10 -40.08 -3.75
C TRP C 83 -2.79 -40.86 -3.64
N MET C 84 -2.30 -41.39 -4.76
CA MET C 84 -1.08 -42.17 -4.71
C MET C 84 0.14 -41.32 -4.33
N HIS C 85 0.08 -40.02 -4.61
CA HIS C 85 1.08 -39.08 -4.08
C HIS C 85 0.95 -39.04 -2.57
N ALA C 86 -0.26 -38.78 -2.09
CA ALA C 86 -0.51 -38.61 -0.67
C ALA C 86 -0.15 -39.88 0.07
N PHE C 87 -0.42 -41.03 -0.54
CA PHE C 87 -0.10 -42.30 0.08
C PHE C 87 1.41 -42.48 0.22
N SER C 88 2.15 -42.20 -0.85
CA SER C 88 3.60 -42.39 -0.83
C SER C 88 4.30 -41.41 0.11
N VAL C 89 3.75 -40.20 0.25
CA VAL C 89 4.28 -39.23 1.20
C VAL C 89 4.08 -39.73 2.64
N SER C 90 2.89 -40.25 2.89
CA SER C 90 2.56 -40.81 4.20
C SER C 90 3.46 -42.00 4.54
N HIS C 91 3.79 -42.79 3.52
CA HIS C 91 4.61 -43.98 3.75
C HIS C 91 6.02 -43.56 4.12
N PHE C 92 6.49 -42.47 3.53
CA PHE C 92 7.82 -41.97 3.84
C PHE C 92 7.90 -41.44 5.27
N CYS C 93 6.84 -40.76 5.70
CA CYS C 93 6.71 -40.41 7.11
C CYS C 93 6.88 -41.64 8.01
N TYR C 94 6.18 -42.71 7.65
CA TYR C 94 6.30 -43.97 8.38
C TYR C 94 7.76 -44.47 8.39
N LEU C 95 8.41 -44.41 7.23
CA LEU C 95 9.82 -44.78 7.12
C LEU C 95 10.73 -43.94 7.99
N LEU C 96 10.45 -42.64 8.09
CA LEU C 96 11.22 -41.77 8.96
C LEU C 96 11.07 -42.26 10.40
N TYR C 97 9.84 -42.57 10.77
CA TYR C 97 9.57 -43.05 12.13
C TYR C 97 10.30 -44.36 12.41
N LYS C 98 10.27 -45.26 11.44
CA LYS C 98 10.82 -46.59 11.63
C LYS C 98 12.34 -46.63 11.53
N ASN C 99 12.94 -45.68 10.82
CA ASN C 99 14.37 -45.74 10.59
C ASN C 99 15.18 -44.66 11.31
N LEU C 100 14.50 -43.60 11.75
CA LEU C 100 15.20 -42.42 12.25
C LEU C 100 14.97 -42.00 13.70
N GLU C 101 14.37 -42.85 14.52
CA GLU C 101 14.45 -42.59 15.96
C GLU C 101 13.58 -41.39 16.33
N LEU C 102 12.50 -41.14 15.58
CA LEU C 102 11.77 -39.88 15.70
C LEU C 102 11.21 -39.53 17.09
N THR C 103 10.82 -40.54 17.86
CA THR C 103 10.27 -40.32 19.20
C THR C 103 11.37 -39.83 20.15
N ASN C 104 12.62 -39.89 19.69
CA ASN C 104 13.75 -39.30 20.40
C ASN C 104 13.92 -37.80 20.13
N TYR C 105 13.14 -37.26 19.20
CA TYR C 105 13.30 -35.87 18.80
C TYR C 105 11.97 -35.11 18.91
N LEU C 106 10.87 -35.84 18.79
CA LEU C 106 9.54 -35.24 18.74
C LEU C 106 8.56 -35.94 19.68
N GLU C 107 7.53 -35.21 20.10
CA GLU C 107 6.51 -35.84 20.94
C GLU C 107 5.64 -36.76 20.08
N ASP C 108 5.04 -37.76 20.71
CA ASP C 108 4.16 -38.71 20.04
C ASP C 108 3.08 -38.01 19.21
N ILE C 109 2.47 -36.98 19.79
CA ILE C 109 1.37 -36.28 19.13
C ILE C 109 1.87 -35.44 17.95
N GLU C 110 3.13 -35.05 17.96
CA GLU C 110 3.69 -34.33 16.82
C GLU C 110 3.92 -35.30 15.66
N ILE C 111 4.47 -36.47 15.97
CA ILE C 111 4.74 -37.49 14.95
C ILE C 111 3.44 -37.97 14.32
N PHE C 112 2.43 -38.13 15.16
CA PHE C 112 1.09 -38.53 14.72
C PHE C 112 0.50 -37.47 13.79
N ALA C 113 0.66 -36.21 14.19
CA ALA C 113 0.14 -35.11 13.39
C ALA C 113 0.86 -35.03 12.04
N LEU C 114 2.14 -35.34 12.03
CA LEU C 114 2.90 -35.34 10.79
C LEU C 114 2.28 -36.36 9.83
N PHE C 115 1.95 -37.54 10.33
CA PHE C 115 1.45 -38.60 9.48
C PHE C 115 0.07 -38.24 8.94
N ILE C 116 -0.85 -37.81 9.81
CA ILE C 116 -2.17 -37.41 9.35
C ILE C 116 -2.10 -36.24 8.36
N SER C 117 -1.21 -35.28 8.61
CA SER C 117 -1.05 -34.16 7.69
C SER C 117 -0.55 -34.65 6.32
N CYS C 118 0.39 -35.60 6.33
CA CYS C 118 0.89 -36.17 5.07
C CYS C 118 -0.26 -36.70 4.23
N MET C 119 -1.19 -37.39 4.88
CA MET C 119 -2.36 -37.95 4.22
C MET C 119 -3.20 -36.88 3.54
N CYS C 120 -3.41 -35.77 4.26
CA CYS C 120 -4.32 -34.72 3.85
C CYS C 120 -3.68 -33.57 3.11
N HIS C 121 -2.37 -33.61 2.89
CA HIS C 121 -1.69 -32.36 2.64
C HIS C 121 -1.95 -31.76 1.26
N ASP C 122 -2.43 -32.55 0.30
CA ASP C 122 -2.79 -32.05 -1.04
C ASP C 122 -4.26 -32.31 -1.38
N LEU C 123 -5.11 -32.45 -0.37
CA LEU C 123 -6.54 -32.72 -0.61
C LEU C 123 -7.15 -31.80 -1.67
N ASP C 124 -7.84 -32.41 -2.63
CA ASP C 124 -8.60 -31.69 -3.65
C ASP C 124 -7.72 -30.76 -4.50
N HIS C 125 -6.45 -31.13 -4.64
CA HIS C 125 -5.56 -30.46 -5.58
C HIS C 125 -6.17 -30.51 -6.98
N ARG C 126 -6.04 -29.41 -7.74
CA ARG C 126 -6.62 -29.34 -9.08
C ARG C 126 -5.59 -29.45 -10.20
N GLY C 127 -4.35 -29.73 -9.82
CA GLY C 127 -3.29 -29.91 -10.79
C GLY C 127 -2.73 -28.58 -11.28
N THR C 128 -2.98 -27.51 -10.51
CA THR C 128 -2.36 -26.19 -10.74
C THR C 128 -1.68 -25.64 -9.50
N ASN C 129 -0.78 -24.67 -9.69
CA ASN C 129 -0.13 -24.02 -8.56
C ASN C 129 -0.96 -22.84 -8.02
N ASN C 130 -0.40 -22.10 -7.07
CA ASN C 130 -1.17 -21.05 -6.44
C ASN C 130 -1.42 -19.86 -7.37
N SER C 131 -0.40 -19.45 -8.12
CA SER C 131 -0.55 -18.27 -8.95
C SER C 131 -1.65 -18.49 -9.99
N PHE C 132 -1.81 -19.73 -10.46
CA PHE C 132 -2.89 -20.03 -11.39
C PHE C 132 -4.27 -19.75 -10.80
N GLN C 133 -4.50 -20.16 -9.55
CA GLN C 133 -5.79 -19.88 -8.93
C GLN C 133 -6.05 -18.36 -8.90
N VAL C 134 -5.00 -17.60 -8.60
CA VAL C 134 -5.14 -16.14 -8.47
C VAL C 134 -5.38 -15.53 -9.85
N ALA C 135 -4.59 -15.95 -10.83
CA ALA C 135 -4.73 -15.40 -12.18
C ALA C 135 -6.11 -15.70 -12.80
N SER C 136 -6.64 -16.89 -12.51
CA SER C 136 -7.91 -17.32 -13.09
C SER C 136 -9.10 -16.85 -12.24
N LYS C 137 -8.79 -16.19 -11.11
CA LYS C 137 -9.80 -15.69 -10.19
C LYS C 137 -10.78 -16.77 -9.76
N SER C 138 -10.24 -17.92 -9.38
CA SER C 138 -11.05 -19.04 -8.91
C SER C 138 -11.67 -18.70 -7.58
N VAL C 139 -12.66 -19.49 -7.17
CA VAL C 139 -13.28 -19.29 -5.87
C VAL C 139 -12.24 -19.47 -4.76
N LEU C 140 -11.30 -20.38 -4.96
CA LEU C 140 -10.23 -20.59 -3.97
C LEU C 140 -9.41 -19.31 -3.82
N ALA C 141 -9.14 -18.62 -4.92
CA ALA C 141 -8.43 -17.35 -4.86
C ALA C 141 -9.26 -16.28 -4.12
N ALA C 142 -10.55 -16.23 -4.39
CA ALA C 142 -11.43 -15.25 -3.73
C ALA C 142 -11.33 -15.43 -2.23
N LEU C 143 -11.25 -16.69 -1.82
CA LEU C 143 -11.29 -17.02 -0.39
C LEU C 143 -9.96 -16.85 0.34
N TYR C 144 -8.86 -17.14 -0.36
CA TYR C 144 -7.56 -17.28 0.31
C TYR C 144 -6.43 -16.39 -0.22
N SER C 145 -6.60 -15.72 -1.36
CA SER C 145 -5.46 -15.04 -1.99
C SER C 145 -4.85 -13.97 -1.08
N SER C 146 -5.66 -13.28 -0.28
CA SER C 146 -5.16 -12.20 0.57
C SER C 146 -4.28 -12.72 1.71
N GLU C 147 -4.44 -13.99 2.06
CA GLU C 147 -3.68 -14.56 3.16
C GLU C 147 -2.48 -15.39 2.65
N GLY C 148 -2.52 -15.72 1.36
CA GLY C 148 -1.44 -16.46 0.73
C GLY C 148 -1.60 -17.97 0.85
N SER C 149 -0.67 -18.71 0.25
CA SER C 149 -0.71 -20.18 0.17
C SER C 149 -2.09 -20.69 -0.15
N VAL C 150 -2.65 -20.27 -1.30
CA VAL C 150 -4.04 -20.52 -1.63
C VAL C 150 -4.41 -22.01 -1.59
N MET C 151 -3.68 -22.86 -2.29
CA MET C 151 -4.07 -24.28 -2.33
C MET C 151 -3.89 -24.96 -0.97
N GLU C 152 -2.83 -24.60 -0.24
CA GLU C 152 -2.58 -25.23 1.05
C GLU C 152 -3.63 -24.85 2.09
N ARG C 153 -4.14 -23.63 2.04
CA ARG C 153 -5.25 -23.23 2.91
C ARG C 153 -6.50 -24.05 2.54
N HIS C 154 -6.67 -24.31 1.25
CA HIS C 154 -7.75 -25.18 0.82
C HIS C 154 -7.58 -26.63 1.30
N HIS C 155 -6.35 -27.16 1.22
CA HIS C 155 -6.09 -28.54 1.64
C HIS C 155 -6.45 -28.69 3.13
N PHE C 156 -6.04 -27.72 3.94
CA PHE C 156 -6.37 -27.75 5.38
C PHE C 156 -7.89 -27.64 5.59
N ALA C 157 -8.53 -26.70 4.91
CA ALA C 157 -9.99 -26.56 5.04
C ALA C 157 -10.71 -27.85 4.64
N GLN C 158 -10.25 -28.51 3.59
CA GLN C 158 -10.79 -29.83 3.19
C GLN C 158 -10.60 -30.87 4.33
N ALA C 159 -9.45 -30.85 4.98
CA ALA C 159 -9.16 -31.79 6.08
C ALA C 159 -10.12 -31.53 7.24
N ILE C 160 -10.31 -30.26 7.57
CA ILE C 160 -11.31 -29.88 8.59
C ILE C 160 -12.73 -30.34 8.21
N ALA C 161 -13.11 -30.20 6.95
CA ALA C 161 -14.45 -30.62 6.51
C ALA C 161 -14.62 -32.12 6.67
N ILE C 162 -13.55 -32.86 6.44
CA ILE C 162 -13.58 -34.31 6.59
C ILE C 162 -13.73 -34.70 8.05
N LEU C 163 -13.01 -34.03 8.93
CA LEU C 163 -13.12 -34.30 10.37
C LEU C 163 -14.49 -33.92 10.89
N ASN C 164 -15.11 -32.93 10.24
CA ASN C 164 -16.43 -32.44 10.64
C ASN C 164 -17.56 -33.27 10.02
N THR C 165 -17.20 -34.28 9.23
CA THR C 165 -18.19 -35.18 8.65
C THR C 165 -18.57 -36.26 9.67
N HIS C 166 -19.85 -36.57 9.79
CA HIS C 166 -20.32 -37.56 10.76
C HIS C 166 -19.60 -38.89 10.64
N GLY C 167 -19.03 -39.35 11.76
CA GLY C 167 -18.39 -40.65 11.81
C GLY C 167 -16.91 -40.66 11.45
N CYS C 168 -16.35 -39.50 11.16
CA CYS C 168 -14.97 -39.40 10.66
C CYS C 168 -13.99 -38.66 11.57
N ASN C 169 -14.44 -38.25 12.75
CA ASN C 169 -13.57 -37.46 13.60
C ASN C 169 -12.75 -38.35 14.51
N ILE C 170 -11.56 -38.71 14.03
CA ILE C 170 -10.69 -39.61 14.76
C ILE C 170 -10.11 -39.01 16.03
N PHE C 171 -10.34 -37.71 16.25
CA PHE C 171 -9.81 -37.00 17.42
C PHE C 171 -10.86 -36.63 18.45
N ASP C 172 -12.12 -36.96 18.23
CA ASP C 172 -13.17 -36.32 19.03
C ASP C 172 -13.21 -36.85 20.48
N HIS C 173 -12.42 -37.88 20.78
CA HIS C 173 -12.29 -38.35 22.16
C HIS C 173 -11.06 -37.78 22.86
N PHE C 174 -10.23 -37.04 22.11
CA PHE C 174 -9.02 -36.44 22.68
C PHE C 174 -9.34 -35.38 23.74
N SER C 175 -8.43 -35.21 24.70
CA SER C 175 -8.53 -34.09 25.65
C SER C 175 -8.66 -32.79 24.86
N ARG C 176 -9.20 -31.75 25.49
CA ARG C 176 -9.38 -30.48 24.79
C ARG C 176 -8.01 -29.93 24.43
N LYS C 177 -7.04 -30.11 25.31
CA LYS C 177 -5.65 -29.80 25.01
C LYS C 177 -5.17 -30.54 23.77
N ASP C 178 -5.24 -31.88 23.80
CA ASP C 178 -4.72 -32.69 22.71
C ASP C 178 -5.46 -32.45 21.39
N TYR C 179 -6.77 -32.25 21.45
CA TYR C 179 -7.57 -31.93 20.27
C TYR C 179 -7.09 -30.66 19.60
N GLN C 180 -6.78 -29.65 20.41
CA GLN C 180 -6.37 -28.36 19.86
C GLN C 180 -4.97 -28.47 19.31
N ARG C 181 -4.11 -29.23 20.00
CA ARG C 181 -2.74 -29.39 19.54
C ARG C 181 -2.72 -30.04 18.16
N MET C 182 -3.55 -31.07 17.98
CA MET C 182 -3.66 -31.68 16.66
C MET C 182 -4.06 -30.71 15.57
N LEU C 183 -5.12 -29.93 15.80
CA LEU C 183 -5.60 -29.03 14.75
C LEU C 183 -4.53 -28.01 14.42
N ASP C 184 -3.90 -27.48 15.47
CA ASP C 184 -2.86 -26.47 15.29
C ASP C 184 -1.67 -27.09 14.54
N LEU C 185 -1.30 -28.31 14.90
CA LEU C 185 -0.19 -28.99 14.22
C LEU C 185 -0.52 -29.24 12.75
N MET C 186 -1.74 -29.70 12.50
CA MET C 186 -2.08 -30.01 11.12
C MET C 186 -2.05 -28.75 10.28
N ARG C 187 -2.49 -27.64 10.87
CA ARG C 187 -2.50 -26.36 10.13
C ARG C 187 -1.07 -25.95 9.80
N ASP C 188 -0.21 -25.94 10.81
CA ASP C 188 1.20 -25.55 10.64
C ASP C 188 1.92 -26.43 9.62
N ILE C 189 1.69 -27.74 9.68
CA ILE C 189 2.41 -28.66 8.81
C ILE C 189 1.89 -28.59 7.37
N ILE C 190 0.57 -28.52 7.19
CA ILE C 190 0.07 -28.43 5.82
C ILE C 190 0.46 -27.07 5.20
N LEU C 191 0.51 -26.01 5.99
CA LEU C 191 0.90 -24.71 5.43
C LEU C 191 2.38 -24.71 5.09
N ALA C 192 3.17 -25.51 5.80
CA ALA C 192 4.59 -25.66 5.47
C ALA C 192 4.84 -26.34 4.14
N THR C 193 3.81 -26.91 3.51
CA THR C 193 4.03 -27.64 2.26
C THR C 193 4.05 -26.69 1.08
N ASP C 194 3.67 -25.43 1.28
CA ASP C 194 3.82 -24.43 0.24
C ASP C 194 5.30 -24.21 0.02
N LEU C 195 5.76 -24.48 -1.20
CA LEU C 195 7.15 -24.26 -1.56
C LEU C 195 7.62 -22.87 -1.13
N ALA C 196 6.76 -21.86 -1.28
CA ALA C 196 7.13 -20.50 -0.91
C ALA C 196 7.43 -20.39 0.59
N HIS C 197 6.78 -21.24 1.38
CA HIS C 197 7.02 -21.25 2.83
C HIS C 197 8.40 -21.83 3.12
N HIS C 198 8.71 -22.94 2.45
CA HIS C 198 9.97 -23.62 2.69
C HIS C 198 11.16 -22.72 2.35
N LEU C 199 11.10 -22.04 1.21
CA LEU C 199 12.21 -21.22 0.78
C LEU C 199 12.39 -20.06 1.74
N ARG C 200 11.27 -19.56 2.29
CA ARG C 200 11.32 -18.44 3.22
C ARG C 200 11.95 -18.85 4.56
N ILE C 201 11.72 -20.08 5.00
CA ILE C 201 12.21 -20.49 6.32
C ILE C 201 13.51 -21.28 6.24
N PHE C 202 14.05 -21.37 5.03
CA PHE C 202 15.24 -22.17 4.78
C PHE C 202 16.42 -21.76 5.66
N LYS C 203 16.56 -20.46 5.90
CA LYS C 203 17.61 -19.94 6.77
C LYS C 203 17.44 -20.43 8.22
N ASP C 204 16.20 -20.49 8.67
CA ASP C 204 15.93 -20.92 10.05
C ASP C 204 16.29 -22.40 10.20
N LEU C 205 15.95 -23.18 9.17
CA LEU C 205 16.24 -24.61 9.15
C LEU C 205 17.74 -24.86 9.22
N GLN C 206 18.50 -24.09 8.44
CA GLN C 206 19.95 -24.20 8.44
C GLN C 206 20.56 -23.89 9.81
N LYS C 207 20.05 -22.86 10.46
CA LYS C 207 20.61 -22.42 11.73
C LYS C 207 20.30 -23.42 12.85
N MET C 208 19.11 -24.04 12.78
CA MET C 208 18.80 -25.14 13.69
C MET C 208 19.79 -26.28 13.50
N ALA C 209 20.22 -26.48 12.25
CA ALA C 209 21.17 -27.52 11.95
C ALA C 209 22.55 -27.20 12.50
N GLU C 210 22.92 -25.92 12.46
CA GLU C 210 24.25 -25.52 12.92
C GLU C 210 24.42 -25.62 14.43
N VAL C 211 23.46 -25.05 15.16
CA VAL C 211 23.52 -25.01 16.61
C VAL C 211 23.15 -26.37 17.21
N GLY C 212 22.45 -27.19 16.43
CA GLY C 212 22.06 -28.51 16.89
C GLY C 212 20.66 -28.53 17.45
N TYR C 213 19.88 -29.52 17.02
CA TYR C 213 18.50 -29.69 17.46
C TYR C 213 18.38 -29.71 18.98
N ASP C 214 17.41 -28.97 19.50
CA ASP C 214 17.17 -28.87 20.93
C ASP C 214 15.77 -29.40 21.23
N ARG C 215 15.67 -30.55 21.89
CA ARG C 215 14.40 -31.27 21.94
C ARG C 215 13.36 -30.68 22.90
N ASN C 216 13.74 -29.72 23.73
CA ASN C 216 12.72 -29.01 24.48
C ASN C 216 12.84 -27.50 24.23
N ASN C 217 13.28 -27.19 23.00
CA ASN C 217 12.98 -25.92 22.34
C ASN C 217 11.82 -26.18 21.38
N LYS C 218 10.64 -25.70 21.75
CA LYS C 218 9.43 -26.02 21.00
C LYS C 218 9.49 -25.39 19.59
N GLN C 219 10.23 -24.30 19.46
CA GLN C 219 10.43 -23.69 18.14
C GLN C 219 11.23 -24.64 17.23
N HIS C 220 12.14 -25.41 17.84
CA HIS C 220 12.91 -26.39 17.09
C HIS C 220 12.02 -27.56 16.70
N HIS C 221 11.05 -27.88 17.54
CA HIS C 221 10.06 -28.91 17.20
C HIS C 221 9.30 -28.46 15.95
N ARG C 222 8.89 -27.20 15.95
CA ARG C 222 8.23 -26.55 14.81
C ARG C 222 9.01 -26.65 13.50
N LEU C 223 10.28 -26.25 13.54
CA LEU C 223 11.15 -26.23 12.38
C LEU C 223 11.41 -27.62 11.84
N LEU C 224 11.65 -28.57 12.73
CA LEU C 224 11.91 -29.93 12.32
C LEU C 224 10.69 -30.54 11.64
N LEU C 225 9.52 -30.30 12.21
CA LEU C 225 8.28 -30.74 11.57
C LEU C 225 8.20 -30.24 10.13
N CYS C 226 8.55 -28.98 9.90
CA CYS C 226 8.52 -28.43 8.53
C CYS C 226 9.49 -29.14 7.60
N LEU C 227 10.72 -29.35 8.07
CA LEU C 227 11.73 -30.09 7.30
C LEU C 227 11.30 -31.53 7.02
N LEU C 228 10.78 -32.22 8.04
CA LEU C 228 10.29 -33.59 7.84
C LEU C 228 9.14 -33.64 6.83
N MET C 229 8.21 -32.70 6.92
CA MET C 229 7.07 -32.67 6.01
C MET C 229 7.57 -32.49 4.56
N THR C 230 8.53 -31.61 4.35
CA THR C 230 8.99 -31.37 2.99
C THR C 230 9.83 -32.57 2.51
N SER C 231 10.50 -33.26 3.43
CA SER C 231 11.23 -34.48 3.12
C SER C 231 10.30 -35.58 2.61
N CYS C 232 9.12 -35.69 3.21
CA CYS C 232 8.11 -36.65 2.76
C CYS C 232 7.50 -36.23 1.43
N ASP C 233 7.23 -34.93 1.24
CA ASP C 233 6.61 -34.44 0.00
C ASP C 233 7.49 -34.75 -1.21
N LEU C 234 8.80 -34.74 -1.01
CA LEU C 234 9.71 -34.88 -2.15
C LEU C 234 10.36 -36.26 -2.24
N SER C 235 9.81 -37.22 -1.51
CA SER C 235 10.49 -38.48 -1.28
C SER C 235 10.54 -39.43 -2.50
N ASP C 236 9.74 -39.17 -3.53
CA ASP C 236 9.88 -39.85 -4.82
C ASP C 236 11.29 -39.72 -5.41
N GLN C 237 12.04 -38.71 -4.96
CA GLN C 237 13.40 -38.51 -5.43
C GLN C 237 14.44 -39.36 -4.71
N THR C 238 14.02 -40.06 -3.65
CA THR C 238 14.93 -40.86 -2.83
C THR C 238 14.89 -42.34 -3.17
N LYS C 239 14.17 -42.67 -4.24
CA LYS C 239 14.05 -44.05 -4.68
C LYS C 239 14.99 -44.28 -5.86
N GLY C 240 14.73 -45.28 -6.67
CA GLY C 240 15.57 -45.56 -7.81
C GLY C 240 15.33 -44.66 -9.01
N TRP C 241 16.09 -44.89 -10.07
CA TRP C 241 15.97 -44.07 -11.28
C TRP C 241 14.57 -44.16 -11.87
N LYS C 242 14.01 -45.35 -11.92
CA LYS C 242 12.70 -45.57 -12.53
C LYS C 242 11.63 -44.65 -11.93
N THR C 243 11.67 -44.49 -10.60
CA THR C 243 10.69 -43.66 -9.90
C THR C 243 10.85 -42.19 -10.27
N THR C 244 12.09 -41.71 -10.23
CA THR C 244 12.35 -40.32 -10.56
C THR C 244 11.95 -40.02 -11.99
N ARG C 245 12.20 -40.96 -12.90
CA ARG C 245 11.84 -40.79 -14.31
C ARG C 245 10.33 -40.75 -14.49
N LYS C 246 9.65 -41.67 -13.82
CA LYS C 246 8.20 -41.76 -13.93
C LYS C 246 7.54 -40.53 -13.29
N ILE C 247 8.05 -40.07 -12.16
CA ILE C 247 7.38 -38.96 -11.50
C ILE C 247 7.65 -37.65 -12.26
N ALA C 248 8.81 -37.53 -12.93
CA ALA C 248 9.05 -36.38 -13.81
C ALA C 248 8.01 -36.34 -14.92
N GLU C 249 7.68 -37.51 -15.43
CA GLU C 249 6.68 -37.63 -16.48
C GLU C 249 5.33 -37.08 -16.02
N LEU C 250 4.93 -37.46 -14.80
CA LEU C 250 3.65 -37.00 -14.26
C LEU C 250 3.64 -35.51 -14.00
N ILE C 251 4.72 -35.02 -13.40
CA ILE C 251 4.86 -33.63 -13.01
C ILE C 251 4.76 -32.73 -14.24
N TYR C 252 5.45 -33.09 -15.33
CA TYR C 252 5.46 -32.19 -16.47
C TYR C 252 4.15 -32.31 -17.27
N LYS C 253 3.55 -33.49 -17.26
CA LYS C 253 2.20 -33.63 -17.81
C LYS C 253 1.27 -32.66 -17.09
N GLU C 254 1.33 -32.65 -15.77
CA GLU C 254 0.50 -31.73 -15.00
C GLU C 254 0.84 -30.24 -15.28
N PHE C 255 2.13 -29.90 -15.26
CA PHE C 255 2.60 -28.53 -15.47
C PHE C 255 2.18 -28.03 -16.86
N PHE C 256 2.42 -28.85 -17.88
CA PHE C 256 2.15 -28.43 -19.25
C PHE C 256 0.66 -28.22 -19.49
N SER C 257 -0.19 -29.01 -18.82
CA SER C 257 -1.63 -28.76 -18.84
C SER C 257 -1.97 -27.37 -18.29
N GLN C 258 -1.40 -27.00 -17.14
CA GLN C 258 -1.60 -25.65 -16.61
C GLN C 258 -1.12 -24.59 -17.60
N GLY C 259 0.06 -24.81 -18.19
CA GLY C 259 0.57 -23.87 -19.17
C GLY C 259 -0.34 -23.69 -20.37
N ASP C 260 -0.94 -24.78 -20.82
CA ASP C 260 -1.85 -24.73 -21.95
C ASP C 260 -3.05 -23.87 -21.60
N LEU C 261 -3.54 -24.03 -20.39
CA LEU C 261 -4.66 -23.26 -19.89
C LEU C 261 -4.32 -21.78 -19.81
N GLU C 262 -3.11 -21.48 -19.34
CA GLU C 262 -2.64 -20.11 -19.23
C GLU C 262 -2.54 -19.44 -20.60
N LYS C 263 -2.07 -20.19 -21.59
CA LYS C 263 -1.99 -19.64 -22.95
C LYS C 263 -3.40 -19.33 -23.45
N ALA C 264 -4.35 -20.18 -23.09
CA ALA C 264 -5.73 -19.97 -23.53
C ALA C 264 -6.36 -18.74 -22.86
N MET C 265 -5.77 -18.31 -21.76
CA MET C 265 -6.22 -17.12 -21.05
C MET C 265 -5.56 -15.85 -21.55
N GLY C 266 -4.55 -16.00 -22.40
CA GLY C 266 -3.82 -14.86 -22.94
C GLY C 266 -2.61 -14.53 -22.08
N ASN C 267 -2.20 -15.48 -21.27
CA ASN C 267 -1.09 -15.29 -20.34
C ASN C 267 0.18 -16.03 -20.77
N ARG C 268 1.33 -15.54 -20.32
CA ARG C 268 2.58 -16.22 -20.58
C ARG C 268 2.94 -17.09 -19.38
N PRO C 269 2.86 -18.43 -19.55
CA PRO C 269 3.19 -19.35 -18.47
C PRO C 269 4.69 -19.32 -18.19
N MET C 270 5.11 -19.67 -16.97
CA MET C 270 6.52 -19.81 -16.69
C MET C 270 7.08 -20.87 -17.63
N GLU C 271 8.37 -20.80 -17.94
CA GLU C 271 8.93 -21.69 -18.94
C GLU C 271 8.74 -23.17 -18.57
N MET C 272 8.82 -23.50 -17.28
CA MET C 272 8.74 -24.91 -16.89
C MET C 272 7.33 -25.46 -17.12
N MET C 273 6.36 -24.59 -17.38
CA MET C 273 5.01 -25.06 -17.67
C MET C 273 4.64 -24.86 -19.14
N ASP C 274 5.63 -24.45 -19.93
CA ASP C 274 5.42 -24.21 -21.34
C ASP C 274 6.03 -25.36 -22.15
N ARG C 275 5.19 -26.25 -22.66
CA ARG C 275 5.69 -27.45 -23.33
C ARG C 275 6.48 -27.13 -24.60
N GLU C 276 6.37 -25.89 -25.10
CA GLU C 276 7.12 -25.46 -26.28
C GLU C 276 8.52 -24.98 -25.92
N LYS C 277 8.74 -24.69 -24.64
CA LYS C 277 9.97 -24.07 -24.18
C LYS C 277 10.74 -24.91 -23.17
N ALA C 278 9.98 -25.60 -22.31
CA ALA C 278 10.58 -26.40 -21.24
C ALA C 278 11.56 -27.44 -21.74
N TYR C 279 12.75 -27.45 -21.15
CA TYR C 279 13.76 -28.44 -21.44
C TYR C 279 13.93 -29.29 -20.18
N ILE C 280 13.31 -30.46 -20.17
CA ILE C 280 13.14 -31.21 -18.92
C ILE C 280 14.43 -31.55 -18.15
N PRO C 281 15.53 -31.94 -18.84
CA PRO C 281 16.70 -32.31 -18.01
C PRO C 281 17.28 -31.14 -17.21
N GLU C 282 17.34 -29.95 -17.79
CA GLU C 282 17.87 -28.80 -17.05
C GLU C 282 16.93 -28.45 -15.92
N LEU C 283 15.62 -28.56 -16.16
CA LEU C 283 14.62 -28.22 -15.15
C LEU C 283 14.68 -29.17 -13.98
N GLN C 284 14.73 -30.47 -14.28
CA GLN C 284 14.79 -31.49 -13.23
C GLN C 284 16.10 -31.40 -12.44
N ILE C 285 17.21 -31.18 -13.14
CA ILE C 285 18.48 -31.06 -12.44
C ILE C 285 18.49 -29.83 -11.53
N SER C 286 17.94 -28.73 -12.04
CA SER C 286 17.79 -27.51 -11.24
C SER C 286 16.93 -27.76 -10.00
N PHE C 287 15.79 -28.42 -10.19
CA PHE C 287 14.93 -28.80 -9.06
C PHE C 287 15.67 -29.64 -8.03
N MET C 288 16.44 -30.63 -8.52
CA MET C 288 17.16 -31.50 -7.62
C MET C 288 18.26 -30.72 -6.90
N GLU C 289 19.00 -29.91 -7.65
CA GLU C 289 20.18 -29.23 -7.11
C GLU C 289 19.84 -28.13 -6.10
N HIS C 290 18.77 -27.40 -6.37
CA HIS C 290 18.48 -26.19 -5.60
C HIS C 290 17.29 -26.30 -4.65
N ILE C 291 16.49 -27.35 -4.79
CA ILE C 291 15.35 -27.58 -3.90
C ILE C 291 15.46 -28.91 -3.13
N ALA C 292 15.57 -30.04 -3.83
CA ALA C 292 15.51 -31.34 -3.15
C ALA C 292 16.78 -31.68 -2.39
N MET C 293 17.93 -31.60 -3.06
CA MET C 293 19.19 -31.96 -2.41
C MET C 293 19.48 -31.16 -1.14
N PRO C 294 19.22 -29.82 -1.13
CA PRO C 294 19.45 -29.11 0.14
C PRO C 294 18.54 -29.55 1.28
N ILE C 295 17.34 -30.01 0.96
CA ILE C 295 16.45 -30.54 1.98
C ILE C 295 17.04 -31.82 2.58
N TYR C 296 17.47 -32.74 1.72
CA TYR C 296 18.00 -34.00 2.24
C TYR C 296 19.38 -33.86 2.86
N LYS C 297 20.09 -32.80 2.49
CA LYS C 297 21.37 -32.48 3.13
C LYS C 297 21.14 -32.00 4.56
N LEU C 298 20.10 -31.19 4.74
CA LEU C 298 19.71 -30.75 6.08
C LEU C 298 19.28 -31.95 6.91
N LEU C 299 18.54 -32.86 6.29
CA LEU C 299 18.07 -34.07 6.96
C LEU C 299 19.25 -34.92 7.43
N GLN C 300 20.23 -35.12 6.54
CA GLN C 300 21.43 -35.85 6.89
C GLN C 300 22.21 -35.15 8.00
N ASP C 301 22.27 -33.82 7.94
CA ASP C 301 22.94 -33.03 8.97
C ASP C 301 22.33 -33.27 10.35
N LEU C 302 21.00 -33.37 10.43
CA LEU C 302 20.34 -33.60 11.71
C LEU C 302 20.28 -35.07 12.07
N PHE C 303 20.11 -35.93 11.07
CA PHE C 303 20.05 -37.37 11.31
C PHE C 303 21.08 -38.09 10.46
N PRO C 304 22.21 -38.49 11.07
CA PRO C 304 23.26 -39.22 10.35
C PRO C 304 22.73 -40.43 9.58
N LYS C 305 21.72 -41.11 10.11
CA LYS C 305 21.14 -42.28 9.43
C LYS C 305 20.40 -41.91 8.14
N ALA C 306 20.08 -40.63 7.96
CA ALA C 306 19.40 -40.20 6.75
C ALA C 306 20.39 -40.00 5.60
N ALA C 307 21.63 -40.41 5.83
CA ALA C 307 22.70 -40.23 4.85
C ALA C 307 22.39 -40.88 3.50
N GLU C 308 21.81 -42.08 3.51
CA GLU C 308 21.57 -42.78 2.27
C GLU C 308 20.54 -42.05 1.41
N LEU C 309 19.62 -41.33 2.05
CA LEU C 309 18.60 -40.59 1.32
C LEU C 309 19.25 -39.51 0.45
N TYR C 310 20.14 -38.73 1.06
CA TYR C 310 20.80 -37.66 0.31
C TYR C 310 21.67 -38.21 -0.81
N GLU C 311 22.49 -39.23 -0.54
CA GLU C 311 23.34 -39.77 -1.60
C GLU C 311 22.50 -40.39 -2.72
N ARG C 312 21.32 -40.89 -2.37
CA ARG C 312 20.40 -41.42 -3.38
C ARG C 312 19.82 -40.31 -4.28
N VAL C 313 19.46 -39.17 -3.70
CA VAL C 313 18.97 -38.04 -4.47
C VAL C 313 20.08 -37.53 -5.38
N ALA C 314 21.28 -37.39 -4.84
CA ALA C 314 22.43 -36.97 -5.61
C ALA C 314 22.72 -37.95 -6.74
N SER C 315 22.56 -39.24 -6.45
CA SER C 315 22.80 -40.27 -7.46
C SER C 315 21.78 -40.20 -8.57
N ASN C 316 20.54 -39.85 -8.23
CA ASN C 316 19.49 -39.71 -9.23
C ASN C 316 19.72 -38.46 -10.06
N ARG C 317 20.34 -37.46 -9.44
CA ARG C 317 20.67 -36.22 -10.15
C ARG C 317 21.76 -36.50 -11.17
N GLU C 318 22.73 -37.32 -10.78
CA GLU C 318 23.82 -37.70 -11.71
C GLU C 318 23.21 -38.43 -12.90
N HIS C 319 22.16 -39.23 -12.65
CA HIS C 319 21.56 -40.01 -13.71
C HIS C 319 20.95 -39.10 -14.78
N TRP C 320 20.25 -38.04 -14.35
CA TRP C 320 19.66 -37.09 -15.28
C TRP C 320 20.73 -36.44 -16.16
N THR C 321 21.86 -36.11 -15.57
CA THR C 321 22.99 -35.57 -16.34
C THR C 321 23.44 -36.56 -17.39
N LYS C 322 23.40 -37.85 -17.05
CA LYS C 322 23.89 -38.86 -17.97
C LYS C 322 22.95 -39.17 -19.14
N VAL C 323 21.65 -38.94 -18.94
CA VAL C 323 20.68 -39.18 -20.02
C VAL C 323 20.23 -37.90 -20.73
N SER C 324 20.78 -36.77 -20.31
CA SER C 324 20.41 -35.48 -20.86
C SER C 324 20.60 -35.42 -22.39
N HIS C 325 21.68 -36.02 -22.88
CA HIS C 325 21.99 -36.02 -24.31
C HIS C 325 20.88 -36.61 -25.19
N LYS C 326 20.05 -37.49 -24.61
CA LYS C 326 18.97 -38.12 -25.38
C LYS C 326 17.84 -37.16 -25.77
N PHE C 327 17.86 -35.94 -25.25
CA PHE C 327 16.81 -34.98 -25.53
C PHE C 327 17.17 -34.20 -26.79
N THR C 328 18.33 -34.53 -27.32
CA THR C 328 18.80 -34.04 -28.61
C THR C 328 18.73 -35.19 -29.60
N ILE C 329 18.10 -34.95 -30.75
CA ILE C 329 17.93 -36.01 -31.72
C ILE C 329 19.22 -36.19 -32.52
N ARG C 330 19.90 -37.30 -32.29
CA ARG C 330 21.05 -37.69 -33.11
C ARG C 330 20.63 -38.80 -34.05
N GLY C 331 21.34 -38.95 -35.17
CA GLY C 331 20.90 -39.87 -36.20
C GLY C 331 19.55 -39.40 -36.74
N LEU C 332 18.77 -40.34 -37.24
CA LEU C 332 17.42 -40.05 -37.70
C LEU C 332 16.44 -40.50 -36.63
N PRO C 333 15.22 -39.93 -36.65
CA PRO C 333 14.13 -40.52 -35.89
C PRO C 333 13.88 -41.96 -36.31
N SER C 334 13.17 -42.71 -35.46
CA SER C 334 12.93 -44.13 -35.69
C SER C 334 12.28 -44.44 -37.04
N ASN C 335 11.49 -43.49 -37.54
CA ASN C 335 10.79 -43.67 -38.81
C ASN C 335 11.69 -43.44 -40.02
N ASN C 336 12.97 -43.14 -39.76
CA ASN C 336 13.93 -42.77 -40.78
C ASN C 336 13.52 -41.52 -41.53
N SER C 337 12.73 -40.67 -40.89
CA SER C 337 12.17 -39.50 -41.56
C SER C 337 12.49 -38.21 -40.84
N LEU C 338 12.66 -37.14 -41.61
CA LEU C 338 12.82 -35.80 -41.05
C LEU C 338 11.55 -34.99 -41.26
N ASP C 339 10.42 -35.67 -41.45
CA ASP C 339 9.17 -34.99 -41.75
C ASP C 339 8.69 -34.14 -40.58
N PHE C 340 9.30 -34.32 -39.41
CA PHE C 340 8.94 -33.54 -38.23
C PHE C 340 9.46 -32.11 -38.32
N LEU C 341 10.20 -31.80 -39.38
CA LEU C 341 10.72 -30.46 -39.58
C LEU C 341 9.69 -29.57 -40.29
N TYR D 7 -39.45 -13.90 -5.22
CA TYR D 7 -38.74 -13.55 -6.46
C TYR D 7 -39.69 -13.15 -7.57
N THR D 8 -40.75 -13.95 -7.74
CA THR D 8 -41.73 -13.70 -8.78
C THR D 8 -42.39 -12.35 -8.53
N LYS D 9 -42.67 -12.07 -7.26
CA LYS D 9 -43.33 -10.84 -6.85
C LYS D 9 -42.45 -9.62 -7.09
N LEU D 10 -41.15 -9.75 -6.85
CA LEU D 10 -40.20 -8.66 -7.08
C LEU D 10 -40.25 -8.20 -8.53
N LEU D 11 -40.12 -9.14 -9.45
CA LEU D 11 -40.18 -8.82 -10.87
C LEU D 11 -41.58 -8.33 -11.27
N HIS D 12 -42.61 -8.94 -10.67
CA HIS D 12 -43.99 -8.57 -10.98
C HIS D 12 -44.27 -7.09 -10.68
N ASP D 13 -43.97 -6.65 -9.47
CA ASP D 13 -44.25 -5.27 -9.08
C ASP D 13 -43.36 -4.25 -9.79
N GLY D 14 -42.18 -4.69 -10.23
CA GLY D 14 -41.21 -3.77 -10.78
C GLY D 14 -40.51 -3.09 -9.62
N ILE D 15 -39.56 -2.23 -9.92
CA ILE D 15 -38.85 -1.55 -8.83
C ILE D 15 -39.59 -0.27 -8.46
N GLN D 16 -39.95 -0.18 -7.20
CA GLN D 16 -40.79 0.90 -6.68
C GLN D 16 -39.93 2.13 -6.36
N PRO D 17 -40.43 3.33 -6.70
CA PRO D 17 -39.71 4.55 -6.29
C PRO D 17 -39.66 4.65 -4.77
N VAL D 18 -38.59 5.19 -4.20
CA VAL D 18 -38.49 5.26 -2.74
C VAL D 18 -39.58 6.18 -2.19
N ALA D 19 -40.02 7.14 -2.99
CA ALA D 19 -41.08 8.05 -2.60
C ALA D 19 -42.38 7.31 -2.31
N ALA D 20 -42.57 6.17 -2.96
CA ALA D 20 -43.77 5.35 -2.78
C ALA D 20 -43.70 4.47 -1.54
N ILE D 21 -42.48 4.15 -1.09
CA ILE D 21 -42.29 3.39 0.14
C ILE D 21 -42.68 4.23 1.34
N ASP D 22 -42.11 5.41 1.40
CA ASP D 22 -42.38 6.37 2.47
C ASP D 22 -41.84 7.72 2.02
N SER D 23 -42.59 8.78 2.31
CA SER D 23 -42.20 10.12 1.88
C SER D 23 -40.94 10.58 2.62
N ASN D 24 -40.65 9.94 3.75
CA ASN D 24 -39.48 10.32 4.52
C ASN D 24 -38.38 9.27 4.47
N PHE D 25 -38.45 8.40 3.46
CA PHE D 25 -37.58 7.24 3.36
C PHE D 25 -36.08 7.58 3.30
N ALA D 26 -35.76 8.74 2.77
CA ALA D 26 -34.37 9.14 2.61
C ALA D 26 -33.91 10.13 3.68
N SER D 27 -34.64 10.18 4.79
CA SER D 27 -34.31 11.08 5.88
C SER D 27 -33.68 10.32 7.04
N PHE D 28 -32.73 10.96 7.72
CA PHE D 28 -32.15 10.40 8.93
C PHE D 28 -33.21 10.12 10.01
N THR D 29 -34.38 10.73 9.89
CA THR D 29 -35.44 10.50 10.89
C THR D 29 -36.16 9.17 10.68
N TYR D 30 -36.07 8.60 9.48
CA TYR D 30 -36.73 7.33 9.19
C TYR D 30 -36.14 6.15 9.95
N THR D 31 -37.01 5.30 10.48
CA THR D 31 -36.61 4.03 11.10
C THR D 31 -36.90 2.85 10.19
N PRO D 32 -35.87 2.30 9.50
CA PRO D 32 -36.11 1.21 8.54
C PRO D 32 -36.66 -0.07 9.19
N ARG D 33 -36.47 -0.23 10.49
CA ARG D 33 -37.05 -1.38 11.16
C ARG D 33 -38.59 -1.29 11.17
N SER D 34 -39.12 -0.11 10.84
CA SER D 34 -40.58 0.10 10.78
C SER D 34 -41.21 -0.58 9.57
N LEU D 35 -40.40 -0.84 8.56
CA LEU D 35 -40.87 -1.48 7.34
C LEU D 35 -41.09 -2.97 7.58
N PRO D 36 -42.24 -3.49 7.12
CA PRO D 36 -42.49 -4.94 7.20
C PRO D 36 -41.37 -5.72 6.56
N GLU D 37 -41.00 -6.87 7.14
CA GLU D 37 -39.86 -7.64 6.66
C GLU D 37 -40.09 -8.13 5.23
N ASP D 38 -41.34 -8.43 4.92
CA ASP D 38 -41.72 -8.91 3.59
C ASP D 38 -41.60 -7.83 2.50
N ASP D 39 -41.35 -6.59 2.89
CA ASP D 39 -41.21 -5.50 1.92
C ASP D 39 -39.74 -5.02 1.83
N THR D 40 -38.85 -5.69 2.55
CA THR D 40 -37.46 -5.23 2.67
C THR D 40 -36.62 -5.50 1.41
N SER D 41 -36.81 -6.67 0.80
CA SER D 41 -36.12 -7.00 -0.45
C SER D 41 -36.45 -5.99 -1.55
N MET D 42 -37.71 -5.59 -1.63
CA MET D 42 -38.15 -4.60 -2.62
C MET D 42 -37.50 -3.26 -2.32
N ALA D 43 -37.32 -2.96 -1.04
CA ALA D 43 -36.74 -1.69 -0.64
C ALA D 43 -35.25 -1.66 -1.00
N ILE D 44 -34.58 -2.79 -0.90
CA ILE D 44 -33.18 -2.90 -1.33
C ILE D 44 -33.06 -2.55 -2.82
N LEU D 45 -33.93 -3.13 -3.62
CA LEU D 45 -33.94 -2.84 -5.06
C LEU D 45 -34.25 -1.37 -5.30
N SER D 46 -35.21 -0.83 -4.55
CA SER D 46 -35.59 0.57 -4.66
C SER D 46 -34.42 1.51 -4.37
N MET D 47 -33.62 1.18 -3.35
CA MET D 47 -32.49 2.02 -3.00
C MET D 47 -31.41 1.96 -4.05
N LEU D 48 -31.15 0.78 -4.58
CA LEU D 48 -30.16 0.63 -5.64
C LEU D 48 -30.59 1.38 -6.90
N GLN D 49 -31.90 1.40 -7.16
CA GLN D 49 -32.44 2.17 -8.29
C GLN D 49 -32.35 3.67 -8.03
N ASP D 50 -32.62 4.07 -6.80
CA ASP D 50 -32.63 5.49 -6.45
C ASP D 50 -31.22 6.06 -6.44
N MET D 51 -30.24 5.19 -6.22
CA MET D 51 -28.83 5.57 -6.36
C MET D 51 -28.36 5.36 -7.79
N ASN D 52 -29.25 4.81 -8.61
CA ASN D 52 -29.02 4.50 -10.02
C ASN D 52 -27.85 3.55 -10.25
N PHE D 53 -27.58 2.67 -9.31
CA PHE D 53 -26.50 1.69 -9.46
C PHE D 53 -26.83 0.59 -10.46
N ILE D 54 -28.10 0.26 -10.59
CA ILE D 54 -28.52 -0.81 -11.48
C ILE D 54 -28.26 -0.45 -12.95
N ASN D 55 -28.66 0.76 -13.32
CA ASN D 55 -28.45 1.25 -14.67
C ASN D 55 -26.99 1.56 -14.96
N ASN D 56 -26.33 2.26 -14.04
CA ASN D 56 -24.94 2.67 -14.27
C ASN D 56 -23.94 1.50 -14.32
N TYR D 57 -24.23 0.42 -13.63
CA TYR D 57 -23.34 -0.74 -13.68
C TYR D 57 -23.93 -1.88 -14.49
N LYS D 58 -25.07 -1.61 -15.10
CA LYS D 58 -25.78 -2.54 -15.99
C LYS D 58 -25.98 -3.88 -15.31
N ILE D 59 -26.42 -3.83 -14.06
CA ILE D 59 -26.74 -5.05 -13.31
C ILE D 59 -27.98 -5.72 -13.89
N ASP D 60 -27.90 -7.03 -14.13
CA ASP D 60 -29.08 -7.79 -14.54
C ASP D 60 -30.09 -7.81 -13.41
N CYS D 61 -31.29 -7.27 -13.66
CA CYS D 61 -32.27 -7.14 -12.59
C CYS D 61 -32.73 -8.50 -12.01
N PRO D 62 -33.00 -9.50 -12.86
CA PRO D 62 -33.32 -10.81 -12.25
C PRO D 62 -32.21 -11.35 -11.36
N THR D 63 -30.95 -11.26 -11.79
CA THR D 63 -29.82 -11.71 -10.99
C THR D 63 -29.77 -10.98 -9.66
N LEU D 64 -30.01 -9.67 -9.71
CA LEU D 64 -30.01 -8.83 -8.52
C LEU D 64 -31.09 -9.28 -7.54
N ALA D 65 -32.26 -9.61 -8.09
CA ALA D 65 -33.37 -10.09 -7.28
C ALA D 65 -32.99 -11.39 -6.57
N ARG D 66 -32.45 -12.33 -7.35
CA ARG D 66 -32.00 -13.60 -6.80
C ARG D 66 -30.92 -13.36 -5.74
N PHE D 67 -29.96 -12.50 -6.04
CA PHE D 67 -28.90 -12.18 -5.08
C PHE D 67 -29.46 -11.64 -3.77
N CYS D 68 -30.32 -10.63 -3.85
CA CYS D 68 -30.97 -10.06 -2.65
C CYS D 68 -31.70 -11.10 -1.80
N LEU D 69 -32.42 -12.00 -2.47
CA LEU D 69 -33.15 -13.05 -1.76
C LEU D 69 -32.22 -14.09 -1.14
N MET D 70 -31.13 -14.41 -1.83
CA MET D 70 -30.15 -15.33 -1.26
C MET D 70 -29.48 -14.72 -0.02
N VAL D 71 -29.19 -13.42 -0.07
CA VAL D 71 -28.56 -12.76 1.08
C VAL D 71 -29.52 -12.71 2.27
N LYS D 72 -30.77 -12.34 2.01
CA LYS D 72 -31.79 -12.36 3.07
C LYS D 72 -31.85 -13.75 3.71
N LYS D 73 -31.87 -14.80 2.88
CA LYS D 73 -31.98 -16.18 3.34
C LYS D 73 -30.76 -16.64 4.15
N GLY D 74 -29.64 -15.96 3.93
CA GLY D 74 -28.37 -16.32 4.51
C GLY D 74 -28.23 -15.92 5.96
N TYR D 75 -29.21 -15.16 6.45
CA TYR D 75 -29.25 -14.77 7.86
C TYR D 75 -30.08 -15.72 8.67
N ARG D 76 -29.58 -16.05 9.86
CA ARG D 76 -30.33 -16.80 10.85
C ARG D 76 -31.25 -15.87 11.61
N ASP D 77 -31.87 -16.36 12.68
CA ASP D 77 -32.75 -15.52 13.50
C ASP D 77 -32.38 -15.47 14.99
N PRO D 78 -31.15 -15.01 15.30
CA PRO D 78 -30.90 -14.66 16.70
C PRO D 78 -31.60 -13.34 17.01
N PRO D 79 -31.69 -12.93 18.28
CA PRO D 79 -32.44 -11.71 18.60
C PRO D 79 -31.97 -10.46 17.85
N TYR D 80 -30.66 -10.28 17.68
CA TYR D 80 -30.17 -9.06 17.04
C TYR D 80 -29.60 -9.31 15.64
N HIS D 81 -28.66 -10.23 15.52
CA HIS D 81 -27.91 -10.38 14.27
C HIS D 81 -28.67 -11.17 13.23
N ASN D 82 -29.70 -10.53 12.69
CA ASN D 82 -30.58 -11.16 11.73
C ASN D 82 -30.73 -10.24 10.53
N TRP D 83 -31.58 -10.66 9.59
CA TRP D 83 -31.72 -9.91 8.34
C TRP D 83 -32.19 -8.46 8.56
N MET D 84 -33.09 -8.24 9.51
CA MET D 84 -33.54 -6.87 9.75
C MET D 84 -32.39 -5.97 10.22
N HIS D 85 -31.39 -6.53 10.88
CA HIS D 85 -30.17 -5.78 11.22
C HIS D 85 -29.46 -5.39 9.93
N ALA D 86 -29.20 -6.38 9.10
CA ALA D 86 -28.51 -6.17 7.84
C ALA D 86 -29.27 -5.17 6.97
N PHE D 87 -30.60 -5.25 6.99
CA PHE D 87 -31.40 -4.34 6.17
C PHE D 87 -31.30 -2.91 6.71
N SER D 88 -31.42 -2.74 8.01
CA SER D 88 -31.33 -1.39 8.57
C SER D 88 -29.93 -0.79 8.41
N VAL D 89 -28.89 -1.63 8.39
CA VAL D 89 -27.54 -1.16 8.16
C VAL D 89 -27.38 -0.69 6.70
N SER D 90 -27.95 -1.47 5.78
CA SER D 90 -27.93 -1.13 4.37
C SER D 90 -28.70 0.16 4.10
N HIS D 91 -29.82 0.34 4.80
CA HIS D 91 -30.61 1.54 4.65
C HIS D 91 -29.82 2.77 5.08
N PHE D 92 -29.10 2.65 6.19
CA PHE D 92 -28.27 3.77 6.62
C PHE D 92 -27.22 4.14 5.58
N CYS D 93 -26.60 3.14 4.97
CA CYS D 93 -25.66 3.37 3.87
C CYS D 93 -26.29 4.25 2.80
N TYR D 94 -27.50 3.89 2.38
CA TYR D 94 -28.28 4.69 1.46
C TYR D 94 -28.50 6.11 2.00
N LEU D 95 -28.81 6.23 3.30
CA LEU D 95 -29.03 7.55 3.88
C LEU D 95 -27.77 8.42 3.80
N LEU D 96 -26.62 7.80 4.01
CA LEU D 96 -25.35 8.51 3.94
C LEU D 96 -25.14 9.04 2.53
N TYR D 97 -25.43 8.18 1.55
CA TYR D 97 -25.34 8.59 0.15
C TYR D 97 -26.31 9.73 -0.16
N LYS D 98 -27.54 9.65 0.34
CA LYS D 98 -28.55 10.64 0.01
C LYS D 98 -28.34 11.99 0.70
N ASN D 99 -27.73 11.97 1.87
CA ASN D 99 -27.65 13.16 2.73
C ASN D 99 -26.27 13.77 2.86
N LEU D 100 -25.25 12.95 2.65
CA LEU D 100 -23.88 13.42 2.65
C LEU D 100 -23.37 13.33 1.21
N GLU D 101 -22.43 14.19 0.86
CA GLU D 101 -21.87 14.15 -0.48
C GLU D 101 -20.72 13.15 -0.52
N LEU D 102 -21.07 11.87 -0.48
CA LEU D 102 -20.06 10.82 -0.50
C LEU D 102 -19.30 10.82 -1.81
N THR D 103 -19.97 11.20 -2.89
CA THR D 103 -19.35 11.18 -4.21
C THR D 103 -18.27 12.24 -4.31
N ASN D 104 -18.22 13.13 -3.32
CA ASN D 104 -17.16 14.13 -3.26
C ASN D 104 -15.85 13.52 -2.76
N TYR D 105 -15.96 12.40 -2.06
CA TYR D 105 -14.79 11.78 -1.44
C TYR D 105 -14.51 10.35 -1.94
N LEU D 106 -15.57 9.65 -2.30
CA LEU D 106 -15.44 8.24 -2.67
C LEU D 106 -15.83 7.99 -4.12
N GLU D 107 -15.25 6.96 -4.72
CA GLU D 107 -15.61 6.58 -6.08
C GLU D 107 -16.93 5.82 -6.05
N ASP D 108 -17.64 5.82 -7.19
CA ASP D 108 -18.95 5.18 -7.29
C ASP D 108 -18.87 3.71 -6.87
N ILE D 109 -17.83 3.02 -7.34
CA ILE D 109 -17.70 1.59 -7.08
C ILE D 109 -17.41 1.28 -5.61
N GLU D 110 -16.78 2.23 -4.93
CA GLU D 110 -16.53 2.06 -3.51
C GLU D 110 -17.83 2.17 -2.72
N ILE D 111 -18.68 3.11 -3.12
CA ILE D 111 -19.99 3.31 -2.52
C ILE D 111 -20.91 2.12 -2.79
N PHE D 112 -20.86 1.59 -4.01
CA PHE D 112 -21.64 0.40 -4.33
C PHE D 112 -21.17 -0.81 -3.52
N ALA D 113 -19.85 -1.00 -3.47
CA ALA D 113 -19.28 -2.09 -2.68
C ALA D 113 -19.64 -1.94 -1.20
N LEU D 114 -19.74 -0.70 -0.71
CA LEU D 114 -20.09 -0.48 0.70
C LEU D 114 -21.51 -0.96 0.95
N PHE D 115 -22.39 -0.67 0.01
CA PHE D 115 -23.79 -1.04 0.18
C PHE D 115 -23.98 -2.56 0.12
N ILE D 116 -23.35 -3.21 -0.85
CA ILE D 116 -23.42 -4.64 -0.92
C ILE D 116 -22.81 -5.24 0.35
N SER D 117 -21.67 -4.71 0.78
CA SER D 117 -21.03 -5.16 2.02
C SER D 117 -21.95 -5.04 3.21
N CYS D 118 -22.73 -3.97 3.27
CA CYS D 118 -23.70 -3.81 4.35
C CYS D 118 -24.72 -4.98 4.33
N MET D 119 -25.19 -5.34 3.13
CA MET D 119 -26.14 -6.43 3.03
C MET D 119 -25.55 -7.75 3.52
N CYS D 120 -24.26 -7.97 3.26
CA CYS D 120 -23.63 -9.26 3.56
C CYS D 120 -22.82 -9.36 4.84
N HIS D 121 -22.68 -8.26 5.58
CA HIS D 121 -21.60 -8.15 6.56
C HIS D 121 -21.75 -9.04 7.79
N ASP D 122 -22.96 -9.55 8.08
CA ASP D 122 -23.18 -10.43 9.23
C ASP D 122 -23.78 -11.80 8.80
N LEU D 123 -23.62 -12.16 7.52
CA LEU D 123 -24.19 -13.43 7.01
C LEU D 123 -23.90 -14.65 7.89
N ASP D 124 -24.98 -15.37 8.19
CA ASP D 124 -24.94 -16.63 8.95
C ASP D 124 -24.41 -16.45 10.38
N HIS D 125 -24.62 -15.27 10.94
CA HIS D 125 -24.30 -15.01 12.35
C HIS D 125 -25.09 -15.96 13.24
N ARG D 126 -24.43 -16.56 14.25
CA ARG D 126 -25.08 -17.52 15.14
C ARG D 126 -25.43 -16.94 16.49
N GLY D 127 -25.31 -15.62 16.61
CA GLY D 127 -25.67 -14.95 17.85
C GLY D 127 -24.60 -15.08 18.93
N THR D 128 -23.40 -15.48 18.53
CA THR D 128 -22.28 -15.55 19.45
C THR D 128 -21.09 -14.78 18.87
N ASN D 129 -20.16 -14.35 19.72
CA ASN D 129 -19.02 -13.59 19.22
C ASN D 129 -17.80 -14.44 18.83
N ASN D 130 -16.69 -13.78 18.53
CA ASN D 130 -15.52 -14.51 18.04
C ASN D 130 -14.88 -15.41 19.10
N SER D 131 -14.70 -14.89 20.30
CA SER D 131 -14.06 -15.69 21.33
C SER D 131 -14.91 -16.91 21.65
N PHE D 132 -16.24 -16.80 21.52
CA PHE D 132 -17.07 -17.98 21.76
C PHE D 132 -16.78 -19.09 20.75
N GLN D 133 -16.63 -18.74 19.49
CA GLN D 133 -16.29 -19.75 18.49
C GLN D 133 -14.99 -20.46 18.88
N VAL D 134 -14.02 -19.69 19.38
CA VAL D 134 -12.73 -20.26 19.71
C VAL D 134 -12.89 -21.15 20.97
N ALA D 135 -13.56 -20.60 21.98
CA ALA D 135 -13.77 -21.34 23.23
C ALA D 135 -14.54 -22.64 23.02
N SER D 136 -15.50 -22.62 22.10
CA SER D 136 -16.37 -23.76 21.86
C SER D 136 -15.78 -24.71 20.80
N LYS D 137 -14.60 -24.35 20.30
CA LYS D 137 -13.91 -25.06 19.23
C LYS D 137 -14.84 -25.41 18.07
N SER D 138 -15.54 -24.40 17.57
CA SER D 138 -16.46 -24.56 16.45
C SER D 138 -15.66 -24.81 15.18
N VAL D 139 -16.31 -25.29 14.15
CA VAL D 139 -15.62 -25.49 12.87
C VAL D 139 -15.12 -24.15 12.33
N LEU D 140 -15.86 -23.07 12.62
CA LEU D 140 -15.42 -21.74 12.19
C LEU D 140 -14.09 -21.37 12.85
N ALA D 141 -13.95 -21.71 14.12
CA ALA D 141 -12.67 -21.46 14.79
C ALA D 141 -11.58 -22.30 14.17
N ALA D 142 -11.88 -23.56 13.86
CA ALA D 142 -10.86 -24.45 13.28
C ALA D 142 -10.35 -23.84 11.95
N LEU D 143 -11.26 -23.25 11.19
CA LEU D 143 -10.91 -22.66 9.88
C LEU D 143 -10.20 -21.29 9.97
N TYR D 144 -10.56 -20.48 10.96
CA TYR D 144 -10.24 -19.04 10.98
C TYR D 144 -9.50 -18.45 12.19
N SER D 145 -9.48 -19.16 13.30
CA SER D 145 -9.02 -18.56 14.56
C SER D 145 -7.57 -18.11 14.52
N SER D 146 -6.73 -18.79 13.73
CA SER D 146 -5.32 -18.46 13.67
C SER D 146 -5.07 -17.12 12.97
N GLU D 147 -5.97 -16.75 12.08
CA GLU D 147 -5.85 -15.48 11.36
C GLU D 147 -6.63 -14.35 12.03
N GLY D 148 -7.59 -14.72 12.86
CA GLY D 148 -8.40 -13.74 13.57
C GLY D 148 -9.70 -13.38 12.87
N SER D 149 -10.50 -12.58 13.57
CA SER D 149 -11.81 -12.14 13.08
C SER D 149 -12.66 -13.30 12.57
N VAL D 150 -12.85 -14.31 13.42
CA VAL D 150 -13.46 -15.58 13.01
C VAL D 150 -14.80 -15.42 12.30
N MET D 151 -15.73 -14.69 12.92
CA MET D 151 -17.04 -14.54 12.30
C MET D 151 -16.97 -13.74 11.02
N GLU D 152 -16.17 -12.68 10.98
CA GLU D 152 -16.14 -11.76 9.83
C GLU D 152 -15.54 -12.46 8.62
N ARG D 153 -14.57 -13.33 8.84
CA ARG D 153 -14.04 -14.17 7.76
C ARG D 153 -15.12 -15.13 7.23
N HIS D 154 -15.95 -15.63 8.13
CA HIS D 154 -17.06 -16.49 7.73
C HIS D 154 -18.09 -15.68 6.97
N HIS D 155 -18.34 -14.44 7.40
CA HIS D 155 -19.34 -13.61 6.69
C HIS D 155 -18.92 -13.37 5.24
N PHE D 156 -17.67 -12.96 5.03
CA PHE D 156 -17.12 -12.82 3.69
C PHE D 156 -17.18 -14.12 2.89
N ALA D 157 -16.76 -15.23 3.49
CA ALA D 157 -16.84 -16.53 2.83
C ALA D 157 -18.27 -16.86 2.40
N GLN D 158 -19.25 -16.52 3.24
CA GLN D 158 -20.65 -16.76 2.86
C GLN D 158 -21.09 -15.92 1.65
N ALA D 159 -20.60 -14.69 1.60
CA ALA D 159 -20.96 -13.79 0.52
C ALA D 159 -20.33 -14.30 -0.79
N ILE D 160 -19.09 -14.78 -0.70
CA ILE D 160 -18.46 -15.43 -1.86
C ILE D 160 -19.29 -16.64 -2.31
N ALA D 161 -19.76 -17.44 -1.36
CA ALA D 161 -20.54 -18.61 -1.73
C ALA D 161 -21.83 -18.19 -2.44
N ILE D 162 -22.42 -17.08 -2.02
CA ILE D 162 -23.65 -16.60 -2.65
C ILE D 162 -23.39 -16.14 -4.08
N LEU D 163 -22.37 -15.31 -4.26
CA LEU D 163 -21.97 -14.86 -5.60
C LEU D 163 -21.65 -16.04 -6.50
N ASN D 164 -21.15 -17.13 -5.93
CA ASN D 164 -20.81 -18.29 -6.76
C ASN D 164 -21.93 -19.32 -6.85
N THR D 165 -23.13 -18.92 -6.43
CA THR D 165 -24.33 -19.72 -6.65
C THR D 165 -24.88 -19.39 -8.04
N HIS D 166 -25.40 -20.39 -8.76
CA HIS D 166 -25.88 -20.15 -10.11
C HIS D 166 -26.99 -19.09 -10.14
N GLY D 167 -26.83 -18.12 -11.02
CA GLY D 167 -27.84 -17.09 -11.21
C GLY D 167 -27.74 -15.93 -10.26
N CYS D 168 -26.71 -15.93 -9.41
CA CYS D 168 -26.61 -14.98 -8.31
C CYS D 168 -25.43 -14.02 -8.39
N ASN D 169 -24.59 -14.18 -9.40
CA ASN D 169 -23.38 -13.36 -9.48
C ASN D 169 -23.68 -12.03 -10.15
N ILE D 170 -24.04 -11.03 -9.34
CA ILE D 170 -24.40 -9.71 -9.89
C ILE D 170 -23.23 -8.95 -10.52
N PHE D 171 -22.01 -9.46 -10.34
CA PHE D 171 -20.81 -8.81 -10.89
C PHE D 171 -20.24 -9.52 -12.13
N ASP D 172 -20.88 -10.56 -12.64
CA ASP D 172 -20.18 -11.45 -13.56
C ASP D 172 -19.96 -10.83 -14.94
N HIS D 173 -20.59 -9.69 -15.17
CA HIS D 173 -20.44 -8.96 -16.43
C HIS D 173 -19.45 -7.80 -16.29
N PHE D 174 -18.95 -7.58 -15.07
CA PHE D 174 -17.94 -6.56 -14.81
C PHE D 174 -16.65 -6.91 -15.52
N SER D 175 -15.83 -5.90 -15.80
CA SER D 175 -14.47 -6.15 -16.28
C SER D 175 -13.70 -6.93 -15.21
N ARG D 176 -12.63 -7.63 -15.64
CA ARG D 176 -11.78 -8.36 -14.67
C ARG D 176 -11.31 -7.43 -13.56
N LYS D 177 -10.91 -6.22 -13.92
CA LYS D 177 -10.45 -5.25 -12.94
C LYS D 177 -11.55 -4.84 -11.98
N ASP D 178 -12.71 -4.44 -12.52
CA ASP D 178 -13.81 -3.99 -11.67
C ASP D 178 -14.35 -5.12 -10.78
N TYR D 179 -14.38 -6.33 -11.33
CA TYR D 179 -14.76 -7.53 -10.57
C TYR D 179 -13.81 -7.78 -9.40
N GLN D 180 -12.50 -7.71 -9.67
CA GLN D 180 -11.52 -7.92 -8.61
C GLN D 180 -11.62 -6.83 -7.56
N ARG D 181 -11.88 -5.60 -8.03
CA ARG D 181 -11.98 -4.49 -7.12
C ARG D 181 -13.19 -4.69 -6.20
N MET D 182 -14.29 -5.20 -6.72
CA MET D 182 -15.48 -5.44 -5.88
C MET D 182 -15.18 -6.44 -4.77
N LEU D 183 -14.51 -7.53 -5.14
CA LEU D 183 -14.14 -8.55 -4.18
C LEU D 183 -13.21 -8.01 -3.10
N ASP D 184 -12.23 -7.20 -3.52
CA ASP D 184 -11.23 -6.68 -2.60
C ASP D 184 -11.89 -5.68 -1.65
N LEU D 185 -12.81 -4.88 -2.18
CA LEU D 185 -13.52 -3.91 -1.36
C LEU D 185 -14.38 -4.64 -0.34
N MET D 186 -15.11 -5.66 -0.78
CA MET D 186 -16.04 -6.35 0.12
C MET D 186 -15.27 -7.04 1.26
N ARG D 187 -14.13 -7.63 0.95
CA ARG D 187 -13.29 -8.27 1.98
C ARG D 187 -12.83 -7.26 3.02
N ASP D 188 -12.25 -6.16 2.54
CA ASP D 188 -11.75 -5.10 3.40
C ASP D 188 -12.84 -4.55 4.31
N ILE D 189 -13.97 -4.21 3.71
CA ILE D 189 -15.09 -3.61 4.44
C ILE D 189 -15.69 -4.61 5.43
N ILE D 190 -15.95 -5.83 4.99
CA ILE D 190 -16.52 -6.81 5.92
C ILE D 190 -15.55 -7.19 7.07
N LEU D 191 -14.25 -7.33 6.77
CA LEU D 191 -13.29 -7.63 7.85
C LEU D 191 -13.16 -6.49 8.85
N ALA D 192 -13.43 -5.26 8.40
CA ALA D 192 -13.29 -4.10 9.29
C ALA D 192 -14.45 -3.98 10.28
N THR D 193 -15.43 -4.86 10.18
CA THR D 193 -16.58 -4.82 11.06
C THR D 193 -16.29 -5.56 12.37
N ASP D 194 -15.13 -6.20 12.45
CA ASP D 194 -14.72 -6.83 13.73
C ASP D 194 -14.39 -5.69 14.70
N LEU D 195 -15.07 -5.63 15.83
CA LEU D 195 -14.83 -4.55 16.77
C LEU D 195 -13.35 -4.46 17.17
N ALA D 196 -12.63 -5.59 17.17
CA ALA D 196 -11.19 -5.56 17.45
C ALA D 196 -10.42 -4.82 16.35
N HIS D 197 -10.87 -4.92 15.10
CA HIS D 197 -10.22 -4.25 13.99
C HIS D 197 -10.36 -2.74 14.14
N HIS D 198 -11.58 -2.32 14.45
CA HIS D 198 -11.90 -0.93 14.60
C HIS D 198 -11.07 -0.27 15.71
N LEU D 199 -10.97 -0.93 16.87
CA LEU D 199 -10.18 -0.38 17.96
C LEU D 199 -8.70 -0.27 17.57
N ARG D 200 -8.25 -1.19 16.73
CA ARG D 200 -6.86 -1.19 16.31
C ARG D 200 -6.58 0.00 15.39
N ILE D 201 -7.54 0.32 14.52
CA ILE D 201 -7.32 1.34 13.49
C ILE D 201 -7.90 2.70 13.90
N PHE D 202 -8.41 2.80 15.13
CA PHE D 202 -9.04 4.04 15.53
C PHE D 202 -8.05 5.20 15.41
N LYS D 203 -6.81 4.95 15.79
CA LYS D 203 -5.81 6.00 15.79
C LYS D 203 -5.53 6.45 14.34
N ASP D 204 -5.63 5.52 13.41
CA ASP D 204 -5.48 5.87 11.98
C ASP D 204 -6.64 6.71 11.47
N LEU D 205 -7.86 6.37 11.90
CA LEU D 205 -9.03 7.19 11.57
C LEU D 205 -8.87 8.62 12.12
N GLN D 206 -8.47 8.75 13.39
CA GLN D 206 -8.21 10.07 13.97
C GLN D 206 -7.16 10.84 13.19
N LYS D 207 -6.08 10.15 12.79
CA LYS D 207 -4.98 10.81 12.11
C LYS D 207 -5.47 11.36 10.78
N MET D 208 -6.32 10.59 10.10
CA MET D 208 -6.88 11.06 8.83
C MET D 208 -7.75 12.29 9.08
N ALA D 209 -8.55 12.27 10.14
CA ALA D 209 -9.39 13.42 10.46
C ALA D 209 -8.53 14.64 10.80
N GLU D 210 -7.40 14.39 11.47
CA GLU D 210 -6.48 15.45 11.87
C GLU D 210 -5.86 16.17 10.68
N VAL D 211 -5.30 15.41 9.75
CA VAL D 211 -4.64 16.02 8.60
C VAL D 211 -5.63 16.41 7.52
N GLY D 212 -6.85 15.89 7.63
CA GLY D 212 -7.88 16.16 6.66
C GLY D 212 -7.83 15.15 5.54
N TYR D 213 -9.00 14.77 5.08
CA TYR D 213 -9.14 13.76 4.04
C TYR D 213 -8.47 14.18 2.74
N ASP D 214 -7.65 13.29 2.22
CA ASP D 214 -6.93 13.47 0.97
C ASP D 214 -7.59 12.59 -0.10
N ARG D 215 -8.40 13.20 -0.96
CA ARG D 215 -9.05 12.51 -2.08
C ARG D 215 -8.10 11.70 -2.96
N ASN D 216 -6.82 12.07 -3.00
CA ASN D 216 -5.86 11.35 -3.83
C ASN D 216 -5.07 10.28 -3.08
N ASN D 217 -5.36 10.10 -1.79
CA ASN D 217 -4.72 9.07 -0.96
C ASN D 217 -5.58 7.80 -0.89
N LYS D 218 -5.07 6.70 -1.45
CA LYS D 218 -5.85 5.47 -1.53
C LYS D 218 -6.14 4.88 -0.14
N GLN D 219 -5.21 5.08 0.79
CA GLN D 219 -5.39 4.62 2.17
C GLN D 219 -6.48 5.42 2.87
N HIS D 220 -6.61 6.70 2.54
CA HIS D 220 -7.69 7.49 3.10
C HIS D 220 -9.05 6.95 2.63
N HIS D 221 -9.17 6.58 1.36
CA HIS D 221 -10.40 5.96 0.89
C HIS D 221 -10.76 4.70 1.69
N ARG D 222 -9.76 3.84 1.89
CA ARG D 222 -9.96 2.60 2.63
C ARG D 222 -10.41 2.90 4.06
N LEU D 223 -9.75 3.86 4.71
CA LEU D 223 -10.13 4.20 6.08
C LEU D 223 -11.53 4.81 6.16
N LEU D 224 -11.87 5.67 5.19
CA LEU D 224 -13.19 6.31 5.20
C LEU D 224 -14.28 5.25 5.03
N LEU D 225 -14.01 4.26 4.18
CA LEU D 225 -14.93 3.13 3.97
C LEU D 225 -15.12 2.32 5.26
N CYS D 226 -14.03 2.09 5.97
CA CYS D 226 -14.08 1.45 7.29
C CYS D 226 -14.98 2.25 8.24
N LEU D 227 -14.76 3.56 8.30
CA LEU D 227 -15.55 4.44 9.17
C LEU D 227 -17.03 4.45 8.84
N LEU D 228 -17.35 4.61 7.55
CA LEU D 228 -18.73 4.57 7.09
C LEU D 228 -19.40 3.22 7.39
N MET D 229 -18.66 2.13 7.20
CA MET D 229 -19.21 0.83 7.51
C MET D 229 -19.54 0.73 8.99
N THR D 230 -18.65 1.24 9.85
CA THR D 230 -18.91 1.12 11.28
C THR D 230 -20.07 2.06 11.66
N SER D 231 -20.14 3.22 11.02
CA SER D 231 -21.27 4.14 11.15
C SER D 231 -22.61 3.47 10.80
N CYS D 232 -22.62 2.67 9.74
CA CYS D 232 -23.84 1.93 9.37
C CYS D 232 -24.20 0.82 10.38
N ASP D 233 -23.19 0.09 10.84
CA ASP D 233 -23.42 -1.05 11.74
C ASP D 233 -24.04 -0.57 13.06
N LEU D 234 -23.73 0.66 13.44
CA LEU D 234 -24.17 1.19 14.74
C LEU D 234 -25.35 2.16 14.63
N SER D 235 -25.92 2.26 13.43
CA SER D 235 -26.86 3.34 13.18
C SER D 235 -28.18 3.24 13.96
N ASP D 236 -28.43 2.11 14.63
CA ASP D 236 -29.64 2.04 15.47
C ASP D 236 -29.61 3.11 16.56
N GLN D 237 -28.41 3.54 16.92
CA GLN D 237 -28.25 4.52 18.00
C GLN D 237 -28.52 5.96 17.54
N THR D 238 -28.72 6.15 16.24
CA THR D 238 -28.93 7.50 15.71
C THR D 238 -30.40 7.82 15.49
N LYS D 239 -31.28 6.92 15.92
CA LYS D 239 -32.71 7.16 15.81
C LYS D 239 -33.23 7.70 17.14
N GLY D 240 -34.49 7.41 17.45
CA GLY D 240 -35.07 7.89 18.70
C GLY D 240 -34.80 6.98 19.87
N TRP D 241 -35.32 7.36 21.04
CA TRP D 241 -35.13 6.56 22.24
C TRP D 241 -35.74 5.17 22.12
N LYS D 242 -36.91 5.08 21.50
CA LYS D 242 -37.59 3.79 21.44
C LYS D 242 -36.74 2.77 20.68
N THR D 243 -36.03 3.23 19.66
CA THR D 243 -35.15 2.34 18.91
C THR D 243 -33.97 1.88 19.74
N THR D 244 -33.32 2.80 20.44
CA THR D 244 -32.15 2.43 21.22
C THR D 244 -32.57 1.45 22.32
N ARG D 245 -33.76 1.68 22.87
CA ARG D 245 -34.25 0.83 23.98
C ARG D 245 -34.55 -0.58 23.49
N LYS D 246 -35.21 -0.68 22.34
CA LYS D 246 -35.54 -1.96 21.73
C LYS D 246 -34.31 -2.75 21.33
N ILE D 247 -33.33 -2.09 20.72
CA ILE D 247 -32.16 -2.80 20.23
C ILE D 247 -31.31 -3.24 21.43
N ALA D 248 -31.36 -2.46 22.52
CA ALA D 248 -30.70 -2.86 23.75
C ALA D 248 -31.29 -4.19 24.22
N GLU D 249 -32.62 -4.28 24.19
CA GLU D 249 -33.31 -5.53 24.52
C GLU D 249 -32.85 -6.71 23.66
N LEU D 250 -32.73 -6.49 22.35
CA LEU D 250 -32.33 -7.57 21.46
C LEU D 250 -30.89 -8.00 21.69
N ILE D 251 -30.02 -7.02 21.85
CA ILE D 251 -28.60 -7.30 22.01
C ILE D 251 -28.34 -8.06 23.31
N TYR D 252 -28.96 -7.64 24.41
CA TYR D 252 -28.63 -8.29 25.68
C TYR D 252 -29.24 -9.68 25.73
N LYS D 253 -30.40 -9.87 25.11
CA LYS D 253 -30.97 -11.20 25.03
C LYS D 253 -30.00 -12.12 24.33
N GLU D 254 -29.42 -11.63 23.23
CA GLU D 254 -28.42 -12.40 22.50
C GLU D 254 -27.17 -12.61 23.34
N PHE D 255 -26.63 -11.54 23.94
CA PHE D 255 -25.45 -11.67 24.81
C PHE D 255 -25.70 -12.68 25.95
N PHE D 256 -26.82 -12.54 26.65
CA PHE D 256 -27.07 -13.38 27.82
C PHE D 256 -27.22 -14.84 27.42
N SER D 257 -27.75 -15.10 26.23
CA SER D 257 -27.83 -16.47 25.73
C SER D 257 -26.42 -17.03 25.56
N GLN D 258 -25.50 -16.25 25.01
CA GLN D 258 -24.12 -16.73 24.90
C GLN D 258 -23.57 -17.03 26.28
N GLY D 259 -23.73 -16.08 27.20
CA GLY D 259 -23.21 -16.23 28.55
C GLY D 259 -23.72 -17.47 29.25
N ASP D 260 -24.98 -17.81 28.98
CA ASP D 260 -25.55 -19.03 29.58
C ASP D 260 -24.79 -20.26 29.08
N LEU D 261 -24.53 -20.30 27.76
CA LEU D 261 -23.77 -21.39 27.16
C LEU D 261 -22.38 -21.53 27.75
N GLU D 262 -21.72 -20.39 27.96
CA GLU D 262 -20.38 -20.37 28.51
C GLU D 262 -20.33 -20.93 29.93
N LYS D 263 -21.30 -20.55 30.75
CA LYS D 263 -21.38 -21.11 32.09
C LYS D 263 -21.54 -22.63 32.04
N ALA D 264 -22.32 -23.12 31.08
CA ALA D 264 -22.56 -24.55 30.94
C ALA D 264 -21.27 -25.28 30.53
N MET D 265 -20.40 -24.58 29.81
CA MET D 265 -19.11 -25.15 29.43
C MET D 265 -18.08 -25.07 30.55
N GLY D 266 -18.49 -24.51 31.69
CA GLY D 266 -17.60 -24.37 32.84
C GLY D 266 -16.80 -23.08 32.80
N ASN D 267 -17.10 -22.23 31.82
CA ASN D 267 -16.36 -20.99 31.63
C ASN D 267 -17.05 -19.79 32.28
N ARG D 268 -16.27 -18.73 32.47
CA ARG D 268 -16.73 -17.49 33.10
C ARG D 268 -16.95 -16.45 31.98
N PRO D 269 -18.22 -16.14 31.69
CA PRO D 269 -18.49 -15.19 30.60
C PRO D 269 -18.01 -13.78 30.91
N MET D 270 -17.88 -12.94 29.90
CA MET D 270 -17.59 -11.53 30.15
C MET D 270 -18.78 -10.96 30.90
N GLU D 271 -18.55 -9.88 31.65
CA GLU D 271 -19.60 -9.32 32.49
C GLU D 271 -20.84 -8.95 31.69
N MET D 272 -20.66 -8.36 30.51
CA MET D 272 -21.79 -7.90 29.71
C MET D 272 -22.60 -9.06 29.15
N MET D 273 -22.06 -10.28 29.23
CA MET D 273 -22.82 -11.44 28.79
C MET D 273 -23.32 -12.32 29.92
N ASP D 274 -23.15 -11.85 31.15
CA ASP D 274 -23.59 -12.59 32.31
C ASP D 274 -24.83 -11.92 32.90
N ARG D 275 -25.98 -12.57 32.75
CA ARG D 275 -27.25 -11.97 33.12
C ARG D 275 -27.35 -11.74 34.62
N GLU D 276 -26.43 -12.34 35.39
CA GLU D 276 -26.37 -12.10 36.83
C GLU D 276 -25.48 -10.92 37.22
N LYS D 277 -24.63 -10.46 36.30
CA LYS D 277 -23.70 -9.38 36.61
C LYS D 277 -23.90 -8.12 35.75
N ALA D 278 -24.49 -8.29 34.57
CA ALA D 278 -24.62 -7.20 33.59
C ALA D 278 -25.58 -6.10 34.07
N TYR D 279 -25.05 -4.90 34.27
CA TYR D 279 -25.89 -3.76 34.63
C TYR D 279 -26.13 -2.94 33.35
N ILE D 280 -27.25 -3.20 32.68
CA ILE D 280 -27.46 -2.66 31.33
C ILE D 280 -27.27 -1.13 31.18
N PRO D 281 -27.74 -0.30 32.13
CA PRO D 281 -27.54 1.14 31.90
C PRO D 281 -26.08 1.55 31.78
N GLU D 282 -25.20 1.06 32.65
CA GLU D 282 -23.80 1.48 32.62
C GLU D 282 -23.14 0.93 31.37
N LEU D 283 -23.46 -0.31 31.03
CA LEU D 283 -22.92 -0.95 29.84
C LEU D 283 -23.31 -0.22 28.56
N GLN D 284 -24.58 0.13 28.46
CA GLN D 284 -25.09 0.78 27.26
C GLN D 284 -24.51 2.20 27.18
N ILE D 285 -24.42 2.88 28.32
CA ILE D 285 -23.82 4.21 28.37
C ILE D 285 -22.34 4.15 27.98
N SER D 286 -21.62 3.15 28.47
CA SER D 286 -20.21 3.01 28.13
C SER D 286 -20.02 2.73 26.64
N PHE D 287 -20.83 1.84 26.09
CA PHE D 287 -20.79 1.58 24.67
C PHE D 287 -21.06 2.86 23.86
N MET D 288 -22.00 3.68 24.30
CA MET D 288 -22.32 4.89 23.55
C MET D 288 -21.24 5.95 23.68
N GLU D 289 -20.71 6.13 24.88
CA GLU D 289 -19.66 7.12 25.13
C GLU D 289 -18.36 6.81 24.41
N HIS D 290 -17.95 5.54 24.47
CA HIS D 290 -16.57 5.18 24.15
C HIS D 290 -16.44 4.37 22.85
N ILE D 291 -17.56 3.89 22.32
CA ILE D 291 -17.50 3.24 21.01
C ILE D 291 -18.29 4.05 19.96
N ALA D 292 -19.58 4.26 20.19
CA ALA D 292 -20.43 4.85 19.15
C ALA D 292 -20.16 6.35 18.96
N MET D 293 -20.17 7.12 20.04
CA MET D 293 -20.02 8.58 19.87
C MET D 293 -18.68 9.00 19.23
N PRO D 294 -17.54 8.35 19.58
CA PRO D 294 -16.30 8.68 18.87
C PRO D 294 -16.33 8.44 17.35
N ILE D 295 -17.03 7.40 16.92
CA ILE D 295 -17.27 7.15 15.50
C ILE D 295 -18.08 8.28 14.85
N TYR D 296 -19.20 8.67 15.47
CA TYR D 296 -20.02 9.71 14.86
C TYR D 296 -19.37 11.10 14.98
N LYS D 297 -18.46 11.23 15.95
CA LYS D 297 -17.68 12.46 16.04
C LYS D 297 -16.71 12.54 14.86
N LEU D 298 -16.05 11.43 14.55
CA LEU D 298 -15.19 11.37 13.40
C LEU D 298 -15.98 11.62 12.11
N LEU D 299 -17.18 11.05 12.05
CA LEU D 299 -18.01 11.21 10.86
C LEU D 299 -18.38 12.69 10.66
N GLN D 300 -18.71 13.36 11.76
CA GLN D 300 -19.06 14.77 11.74
C GLN D 300 -17.87 15.65 11.36
N ASP D 301 -16.69 15.30 11.85
CA ASP D 301 -15.46 16.02 11.48
C ASP D 301 -15.22 15.94 9.97
N LEU D 302 -15.58 14.81 9.36
CA LEU D 302 -15.34 14.62 7.93
C LEU D 302 -16.49 15.13 7.06
N PHE D 303 -17.70 15.08 7.62
CA PHE D 303 -18.91 15.51 6.96
C PHE D 303 -19.71 16.40 7.91
N PRO D 304 -19.60 17.72 7.76
CA PRO D 304 -20.34 18.62 8.66
C PRO D 304 -21.85 18.35 8.73
N LYS D 305 -22.45 17.88 7.63
CA LYS D 305 -23.88 17.57 7.61
C LYS D 305 -24.25 16.34 8.45
N ALA D 306 -23.23 15.63 8.95
CA ALA D 306 -23.47 14.46 9.80
C ALA D 306 -23.54 14.84 11.27
N ALA D 307 -23.52 16.15 11.55
CA ALA D 307 -23.55 16.64 12.92
C ALA D 307 -24.78 16.15 13.68
N GLU D 308 -25.92 16.11 13.00
CA GLU D 308 -27.14 15.72 13.70
C GLU D 308 -27.09 14.27 14.16
N LEU D 309 -26.31 13.44 13.48
CA LEU D 309 -26.17 12.04 13.90
C LEU D 309 -25.49 11.97 15.25
N TYR D 310 -24.38 12.68 15.38
CA TYR D 310 -23.62 12.69 16.64
C TYR D 310 -24.49 13.22 17.77
N GLU D 311 -25.19 14.34 17.52
CA GLU D 311 -26.03 14.96 18.54
C GLU D 311 -27.15 14.02 18.98
N ARG D 312 -27.66 13.21 18.06
CA ARG D 312 -28.72 12.28 18.41
C ARG D 312 -28.19 11.15 19.29
N VAL D 313 -27.01 10.64 18.98
CA VAL D 313 -26.42 9.58 19.80
C VAL D 313 -26.18 10.12 21.19
N ALA D 314 -25.66 11.35 21.27
CA ALA D 314 -25.47 12.00 22.56
C ALA D 314 -26.80 12.18 23.29
N SER D 315 -27.86 12.53 22.56
CA SER D 315 -29.19 12.68 23.16
C SER D 315 -29.74 11.37 23.71
N ASN D 316 -29.54 10.27 23.00
CA ASN D 316 -30.01 8.96 23.46
C ASN D 316 -29.20 8.45 24.64
N ARG D 317 -27.92 8.78 24.66
CA ARG D 317 -27.06 8.48 25.81
C ARG D 317 -27.51 9.23 27.05
N GLU D 318 -27.90 10.48 26.86
CA GLU D 318 -28.43 11.27 27.96
C GLU D 318 -29.72 10.66 28.49
N HIS D 319 -30.55 10.13 27.59
CA HIS D 319 -31.79 9.46 27.98
C HIS D 319 -31.52 8.23 28.84
N TRP D 320 -30.46 7.49 28.53
CA TRP D 320 -30.11 6.32 29.32
C TRP D 320 -29.74 6.71 30.75
N THR D 321 -29.03 7.82 30.91
CA THR D 321 -28.70 8.34 32.23
C THR D 321 -29.96 8.67 33.03
N LYS D 322 -30.95 9.27 32.36
CA LYS D 322 -32.17 9.68 33.04
C LYS D 322 -33.03 8.52 33.54
N VAL D 323 -32.95 7.36 32.86
CA VAL D 323 -33.77 6.22 33.24
C VAL D 323 -33.03 5.20 34.11
N SER D 324 -31.74 5.44 34.33
CA SER D 324 -30.88 4.50 35.04
C SER D 324 -31.40 4.16 36.43
N HIS D 325 -32.07 5.12 37.05
CA HIS D 325 -32.57 4.96 38.41
C HIS D 325 -33.69 3.93 38.47
N LYS D 326 -34.37 3.72 37.36
CA LYS D 326 -35.50 2.79 37.30
C LYS D 326 -35.06 1.33 37.41
N PHE D 327 -33.74 1.10 37.34
CA PHE D 327 -33.18 -0.24 37.43
C PHE D 327 -32.95 -0.61 38.90
N THR D 328 -33.08 0.37 39.77
CA THR D 328 -33.06 0.16 41.21
C THR D 328 -34.49 -0.03 41.69
N ILE D 329 -34.77 -1.15 42.36
CA ILE D 329 -36.12 -1.41 42.85
C ILE D 329 -36.38 -0.67 44.17
N ARG D 330 -37.16 0.40 44.08
CA ARG D 330 -37.60 1.10 45.28
C ARG D 330 -39.05 0.74 45.56
N GLY D 331 -39.38 0.62 46.84
CA GLY D 331 -40.67 0.09 47.20
C GLY D 331 -40.72 -1.38 46.86
N LEU D 332 -41.92 -1.86 46.54
CA LEU D 332 -42.12 -3.24 46.11
C LEU D 332 -42.19 -3.27 44.60
N PRO D 333 -41.86 -4.42 43.98
CA PRO D 333 -42.09 -4.61 42.55
C PRO D 333 -43.56 -4.37 42.18
N SER D 334 -43.87 -4.29 40.90
CA SER D 334 -45.24 -4.00 40.46
C SER D 334 -46.27 -5.02 40.97
N ASN D 335 -45.81 -6.23 41.28
CA ASN D 335 -46.71 -7.29 41.77
C ASN D 335 -46.91 -7.26 43.28
N ASN D 336 -46.26 -6.30 43.94
CA ASN D 336 -46.28 -6.20 45.39
C ASN D 336 -45.79 -7.47 46.07
N SER D 337 -44.77 -8.10 45.48
CA SER D 337 -44.28 -9.36 46.02
C SER D 337 -42.77 -9.40 46.08
N LEU D 338 -42.23 -9.95 47.16
CA LEU D 338 -40.80 -10.10 47.30
C LEU D 338 -40.34 -11.52 46.93
N ASP D 339 -41.19 -12.24 46.19
CA ASP D 339 -40.89 -13.62 45.83
C ASP D 339 -39.67 -13.72 44.91
N PHE D 340 -39.32 -12.63 44.24
CA PHE D 340 -38.16 -12.63 43.36
C PHE D 340 -36.85 -12.78 44.17
N LEU D 341 -36.95 -12.63 45.49
CA LEU D 341 -35.80 -12.81 46.36
C LEU D 341 -35.47 -14.30 46.52
#